data_6J31
#
_entry.id   6J31
#
_cell.length_a   243.160
_cell.length_b   243.160
_cell.length_c   243.160
_cell.angle_alpha   90.000
_cell.angle_beta   90.000
_cell.angle_gamma   90.000
#
_symmetry.space_group_name_H-M   'I 2 3'
#
loop_
_entity.id
_entity.type
_entity.pdbx_description
1 polymer kcn28
2 polymer DBB-DSG-VAL-MEA-VAL-GLY-GLY-DVA-DLE
3 non-polymer "(2E,2'E)-3,3'-(1,2-phenylene)di(prop-2-enoic acid)"
4 water water
#
loop_
_entity_poly.entity_id
_entity_poly.type
_entity_poly.pdbx_seq_one_letter_code
_entity_poly.pdbx_strand_id
1 'polypeptide(L)'
;MPRPGHIAMVSVPSRGHLHPSLELIRELVARGHRVTYANDPSVAAAVTETGAELVPYTSALPSTDTTEGRVTDQIAQMDV
FLDDAVGMLPQLRAAYEEDRPDVFLYDVLAYPARVLAMNWGIPSIQISPTWVMPEKYRERMAPVVEQLKQDPRGAAHYRR
FDAWLEDSGVPGIDAGDLVNLPERSLVLVPRFLQPDADDVDEKRFTFIGPCLGRRAHQGDWKRPAGAEKVALVSLGSHLT
NQLPFYETCVEVFAALPDWHLVLQIGRHVDAGELGELPPNVEVHNWVPQLAVLEQADVFVTHGGMGGIQEGLFSGVPMVV
APQANDQPANAESVVGLGIARRIDIATVTPDRLRAAVVELASDPAVAERLSGLRRELRAHGGTMRAADLIERQLPA
;
A,B,C,D
2 'polypeptide(L)' (DBB)(DSG)V(MEA)VGG(DVA)(DLE) E,F,G,H
#
# COMPACT_ATOMS: atom_id res chain seq x y z
N PRO A 2 20.24 21.70 7.53
CA PRO A 2 21.27 21.70 6.49
C PRO A 2 20.85 22.45 5.22
N ARG A 3 21.73 22.38 4.21
CA ARG A 3 21.44 22.89 2.88
C ARG A 3 20.27 22.12 2.28
N PRO A 4 19.63 22.66 1.22
CA PRO A 4 18.44 22.01 0.64
C PRO A 4 18.59 20.52 0.42
N GLY A 5 19.12 20.09 -0.71
CA GLY A 5 19.33 18.67 -0.90
C GLY A 5 18.08 17.97 -1.44
N HIS A 6 18.33 16.82 -2.06
CA HIS A 6 17.28 16.04 -2.71
C HIS A 6 17.03 14.77 -1.90
N ILE A 7 15.81 14.65 -1.38
CA ILE A 7 15.37 13.47 -0.62
C ILE A 7 14.39 12.70 -1.50
N ALA A 8 14.64 11.41 -1.69
CA ALA A 8 13.77 10.55 -2.49
C ALA A 8 13.06 9.56 -1.58
N MET A 9 11.73 9.66 -1.56
CA MET A 9 10.88 8.72 -0.85
C MET A 9 10.31 7.71 -1.83
N VAL A 10 10.29 6.44 -1.44
CA VAL A 10 9.74 5.37 -2.27
C VAL A 10 8.79 4.54 -1.41
N SER A 11 7.61 4.27 -1.93
CA SER A 11 6.66 3.42 -1.23
C SER A 11 5.86 2.63 -2.25
N VAL A 12 4.80 1.98 -1.78
CA VAL A 12 3.97 1.12 -2.61
C VAL A 12 2.53 1.58 -2.46
N PRO A 13 1.65 1.20 -3.41
CA PRO A 13 0.26 1.66 -3.34
C PRO A 13 -0.60 0.95 -2.30
N SER A 14 -0.12 -0.12 -1.68
CA SER A 14 -0.89 -0.80 -0.64
C SER A 14 -1.25 0.18 0.48
N ARG A 15 -2.46 0.01 1.04
CA ARG A 15 -3.03 1.09 1.83
C ARG A 15 -2.30 1.31 3.16
N GLY A 16 -1.75 0.27 3.76
CA GLY A 16 -1.08 0.53 5.03
C GLY A 16 0.27 1.20 4.92
N HIS A 17 0.70 1.55 3.71
CA HIS A 17 2.06 2.00 3.47
C HIS A 17 2.13 3.43 2.95
N LEU A 18 1.01 4.14 2.95
CA LEU A 18 0.95 5.52 2.47
C LEU A 18 0.71 6.51 3.60
N HIS A 19 -0.37 6.34 4.36
CA HIS A 19 -0.71 7.32 5.39
C HIS A 19 0.34 7.50 6.47
N PRO A 20 1.05 6.46 6.95
CA PRO A 20 1.98 6.69 8.07
C PRO A 20 3.01 7.79 7.85
N SER A 21 3.48 8.00 6.62
CA SER A 21 4.58 8.94 6.41
C SER A 21 4.20 10.25 5.72
N LEU A 22 2.91 10.48 5.41
CA LEU A 22 2.55 11.71 4.71
C LEU A 22 3.01 12.96 5.46
N GLU A 23 2.75 13.01 6.77
CA GLU A 23 3.15 14.19 7.53
C GLU A 23 4.66 14.32 7.62
N LEU A 24 5.38 13.20 7.61
CA LEU A 24 6.83 13.28 7.58
C LEU A 24 7.33 13.90 6.27
N ILE A 25 6.75 13.47 5.14
CA ILE A 25 7.15 14.03 3.85
C ILE A 25 6.77 15.50 3.77
N ARG A 26 5.58 15.84 4.26
CA ARG A 26 5.14 17.23 4.27
C ARG A 26 6.10 18.10 5.09
N GLU A 27 6.58 17.58 6.23
CA GLU A 27 7.52 18.33 7.05
C GLU A 27 8.85 18.53 6.33
N LEU A 28 9.35 17.49 5.66
CA LEU A 28 10.61 17.61 4.93
C LEU A 28 10.48 18.63 3.81
N VAL A 29 9.33 18.66 3.14
CA VAL A 29 9.09 19.68 2.11
C VAL A 29 9.05 21.06 2.73
N ALA A 30 8.35 21.19 3.86
CA ALA A 30 8.24 22.47 4.55
C ALA A 30 9.60 22.99 5.01
N ARG A 31 10.57 22.12 5.22
CA ARG A 31 11.90 22.55 5.64
C ARG A 31 12.76 23.02 4.47
N GLY A 32 12.19 23.12 3.27
CA GLY A 32 12.90 23.62 2.12
C GLY A 32 13.64 22.61 1.29
N HIS A 33 13.47 21.31 1.55
CA HIS A 33 14.15 20.30 0.76
C HIS A 33 13.38 19.97 -0.51
N ARG A 34 14.11 19.49 -1.51
CA ARG A 34 13.48 18.93 -2.69
C ARG A 34 13.20 17.46 -2.43
N VAL A 35 11.92 17.11 -2.36
CA VAL A 35 11.50 15.75 -2.05
C VAL A 35 10.81 15.18 -3.28
N THR A 36 11.31 14.05 -3.77
CA THR A 36 10.64 13.28 -4.80
C THR A 36 10.05 12.04 -4.15
N TYR A 37 8.88 11.62 -4.64
CA TYR A 37 8.14 10.50 -4.05
C TYR A 37 7.78 9.54 -5.17
N ALA A 38 8.41 8.37 -5.18
CA ALA A 38 8.16 7.35 -6.18
C ALA A 38 7.07 6.41 -5.68
N ASN A 39 6.00 6.29 -6.45
CA ASN A 39 4.91 5.38 -6.10
C ASN A 39 4.06 5.16 -7.34
N ASP A 40 3.16 4.18 -7.24
CA ASP A 40 2.26 3.87 -8.33
C ASP A 40 1.30 5.04 -8.57
N PRO A 41 0.96 5.34 -9.83
CA PRO A 41 0.05 6.47 -10.08
C PRO A 41 -1.33 6.32 -9.45
N SER A 42 -1.71 5.10 -9.04
CA SER A 42 -3.01 4.94 -8.41
C SER A 42 -3.15 5.75 -7.13
N VAL A 43 -2.05 6.15 -6.51
CA VAL A 43 -2.09 6.88 -5.25
C VAL A 43 -1.48 8.26 -5.47
N ALA A 44 -1.60 8.77 -6.69
CA ALA A 44 -1.06 10.07 -7.03
C ALA A 44 -1.70 11.17 -6.19
N ALA A 45 -2.96 11.01 -5.81
CA ALA A 45 -3.62 12.01 -4.98
C ALA A 45 -2.91 12.17 -3.64
N ALA A 46 -2.67 11.06 -2.95
CA ALA A 46 -2.01 11.13 -1.65
C ALA A 46 -0.57 11.61 -1.78
N VAL A 47 0.13 11.18 -2.82
CA VAL A 47 1.52 11.61 -2.99
C VAL A 47 1.58 13.11 -3.28
N THR A 48 0.78 13.60 -4.22
CA THR A 48 0.87 15.02 -4.57
C THR A 48 0.38 15.91 -3.44
N GLU A 49 -0.59 15.44 -2.64
CA GLU A 49 -1.08 16.26 -1.55
C GLU A 49 0.01 16.54 -0.52
N THR A 50 0.97 15.62 -0.40
CA THR A 50 2.11 15.78 0.49
C THR A 50 3.02 16.94 0.06
N GLY A 51 2.94 17.38 -1.20
CA GLY A 51 3.83 18.40 -1.71
C GLY A 51 5.09 17.89 -2.35
N ALA A 52 5.35 16.59 -2.30
CA ALA A 52 6.52 16.05 -2.94
C ALA A 52 6.27 15.86 -4.43
N GLU A 53 7.37 15.73 -5.16
CA GLU A 53 7.33 15.52 -6.60
C GLU A 53 7.01 14.05 -6.87
N LEU A 54 5.87 13.78 -7.49
CA LEU A 54 5.50 12.40 -7.78
C LEU A 54 6.38 11.82 -8.89
N VAL A 55 6.98 10.68 -8.60
CA VAL A 55 7.78 9.94 -9.57
C VAL A 55 7.04 8.64 -9.85
N PRO A 56 6.28 8.54 -10.93
CA PRO A 56 5.43 7.37 -11.14
C PRO A 56 6.23 6.15 -11.58
N TYR A 57 5.84 5.00 -11.03
CA TYR A 57 6.30 3.70 -11.50
C TYR A 57 5.13 2.74 -11.41
N THR A 58 5.18 1.68 -12.22
CA THR A 58 4.11 0.71 -12.28
C THR A 58 4.34 -0.38 -11.25
N SER A 59 3.42 -0.49 -10.30
CA SER A 59 3.49 -1.50 -9.26
C SER A 59 2.92 -2.81 -9.76
N ALA A 60 3.53 -3.91 -9.34
CA ALA A 60 2.99 -5.24 -9.60
C ALA A 60 2.13 -5.73 -8.45
N LEU A 61 2.03 -4.97 -7.35
CA LEU A 61 1.15 -5.38 -6.26
C LEU A 61 -0.30 -5.07 -6.61
N PRO A 62 -1.22 -6.00 -6.34
CA PRO A 62 -2.63 -5.83 -6.70
C PRO A 62 -3.38 -4.86 -5.77
N THR A 72 -3.61 -16.50 -4.22
CA THR A 72 -4.45 -16.91 -3.11
C THR A 72 -3.75 -18.03 -2.35
N ASP A 73 -2.42 -17.98 -2.38
CA ASP A 73 -1.54 -18.96 -1.78
C ASP A 73 -0.34 -18.25 -1.17
N GLN A 74 0.22 -18.84 -0.11
CA GLN A 74 1.32 -18.20 0.60
C GLN A 74 2.57 -18.09 -0.27
N ILE A 75 2.95 -19.17 -0.93
CA ILE A 75 4.10 -19.10 -1.83
C ILE A 75 3.79 -18.17 -3.00
N ALA A 76 2.56 -18.20 -3.49
CA ALA A 76 2.16 -17.31 -4.58
C ALA A 76 2.21 -15.85 -4.15
N GLN A 77 1.84 -15.56 -2.91
CA GLN A 77 1.92 -14.19 -2.41
C GLN A 77 3.36 -13.71 -2.36
N MET A 78 4.30 -14.58 -1.97
CA MET A 78 5.70 -14.22 -2.01
C MET A 78 6.18 -13.99 -3.44
N ASP A 79 5.66 -14.77 -4.39
CA ASP A 79 6.05 -14.58 -5.78
C ASP A 79 5.57 -13.24 -6.33
N VAL A 80 4.39 -12.79 -5.89
CA VAL A 80 3.89 -11.48 -6.31
C VAL A 80 4.81 -10.38 -5.80
N PHE A 81 5.25 -10.49 -4.54
CA PHE A 81 6.17 -9.49 -3.98
C PHE A 81 7.49 -9.49 -4.72
N LEU A 82 8.04 -10.68 -5.02
CA LEU A 82 9.29 -10.74 -5.76
C LEU A 82 9.13 -10.18 -7.16
N ASP A 83 7.95 -10.40 -7.78
CA ASP A 83 7.67 -9.79 -9.08
C ASP A 83 7.69 -8.28 -8.97
N ASP A 84 7.11 -7.72 -7.91
CA ASP A 84 7.12 -6.28 -7.73
C ASP A 84 8.53 -5.76 -7.51
N ALA A 85 9.35 -6.48 -6.73
CA ALA A 85 10.74 -6.05 -6.52
C ALA A 85 11.52 -6.08 -7.82
N VAL A 86 11.34 -7.12 -8.63
CA VAL A 86 12.04 -7.21 -9.90
C VAL A 86 11.60 -6.09 -10.84
N GLY A 87 10.31 -5.76 -10.83
CA GLY A 87 9.82 -4.69 -11.68
C GLY A 87 10.17 -3.30 -11.19
N MET A 88 10.22 -3.11 -9.87
CA MET A 88 10.43 -1.77 -9.30
C MET A 88 11.84 -1.26 -9.58
N LEU A 89 12.85 -2.11 -9.38
CA LEU A 89 14.23 -1.63 -9.43
C LEU A 89 14.61 -0.98 -10.75
N PRO A 90 14.35 -1.57 -11.93
CA PRO A 90 14.71 -0.87 -13.18
C PRO A 90 13.96 0.43 -13.36
N GLN A 91 12.70 0.50 -12.93
CA GLN A 91 11.96 1.75 -13.03
C GLN A 91 12.57 2.83 -12.15
N LEU A 92 12.93 2.47 -10.91
CA LEU A 92 13.60 3.42 -10.04
C LEU A 92 14.94 3.84 -10.61
N ARG A 93 15.69 2.89 -11.17
CA ARG A 93 16.99 3.22 -11.76
C ARG A 93 16.82 4.21 -12.91
N ALA A 94 15.85 3.97 -13.78
CA ALA A 94 15.63 4.87 -14.93
C ALA A 94 15.24 6.26 -14.47
N ALA A 95 14.38 6.36 -13.46
CA ALA A 95 13.89 7.67 -13.03
C ALA A 95 15.00 8.51 -12.39
N TYR A 96 15.89 7.88 -11.61
CA TYR A 96 16.86 8.61 -10.81
C TYR A 96 18.28 8.59 -11.36
N GLU A 97 18.50 7.96 -12.50
CA GLU A 97 19.86 7.77 -13.02
C GLU A 97 20.59 9.10 -13.16
N GLU A 98 19.91 10.10 -13.70
CA GLU A 98 20.50 11.41 -13.97
C GLU A 98 20.10 12.44 -12.92
N ASP A 99 19.38 12.03 -11.88
CA ASP A 99 18.86 12.92 -10.86
C ASP A 99 18.99 12.25 -9.49
N ARG A 100 20.19 11.79 -9.16
CA ARG A 100 20.36 10.95 -7.99
C ARG A 100 20.14 11.74 -6.71
N PRO A 101 19.43 11.19 -5.74
CA PRO A 101 19.13 11.92 -4.51
C PRO A 101 20.27 11.81 -3.50
N ASP A 102 20.21 12.69 -2.50
CA ASP A 102 21.17 12.65 -1.40
C ASP A 102 20.89 11.49 -0.44
N VAL A 103 19.62 11.08 -0.34
CA VAL A 103 19.26 9.96 0.52
C VAL A 103 18.00 9.33 -0.04
N PHE A 104 17.89 8.02 0.12
CA PHE A 104 16.70 7.25 -0.25
C PHE A 104 15.92 6.90 1.02
N LEU A 105 14.68 7.35 1.09
CA LEU A 105 13.73 6.90 2.11
C LEU A 105 12.82 5.87 1.46
N TYR A 106 12.59 4.75 2.13
CA TYR A 106 11.77 3.72 1.51
C TYR A 106 10.92 2.98 2.54
N ASP A 107 9.66 2.76 2.17
CA ASP A 107 8.78 1.90 2.93
C ASP A 107 9.33 0.47 2.95
N VAL A 108 8.84 -0.33 3.91
CA VAL A 108 9.33 -1.70 4.08
C VAL A 108 9.21 -2.50 2.78
N LEU A 109 8.14 -2.29 2.03
CA LEU A 109 7.92 -3.02 0.78
C LEU A 109 8.62 -2.37 -0.41
N ALA A 110 9.31 -1.25 -0.20
CA ALA A 110 10.04 -0.57 -1.27
C ALA A 110 11.55 -0.76 -1.13
N TYR A 111 11.95 -1.91 -0.59
CA TYR A 111 13.35 -2.25 -0.38
C TYR A 111 14.19 -2.30 -1.67
N PRO A 112 13.62 -2.44 -2.88
CA PRO A 112 14.48 -2.26 -4.06
C PRO A 112 15.17 -0.91 -4.10
N ALA A 113 14.60 0.11 -3.44
CA ALA A 113 15.29 1.39 -3.34
C ALA A 113 16.60 1.25 -2.58
N ARG A 114 16.67 0.37 -1.59
CA ARG A 114 17.94 0.15 -0.90
C ARG A 114 18.96 -0.49 -1.83
N VAL A 115 18.53 -1.44 -2.66
CA VAL A 115 19.44 -2.04 -3.63
C VAL A 115 20.01 -0.96 -4.53
N LEU A 116 19.15 -0.05 -4.97
CA LEU A 116 19.58 1.06 -5.80
C LEU A 116 20.56 1.96 -5.03
N ALA A 117 20.25 2.21 -3.76
CA ALA A 117 21.13 3.05 -2.94
C ALA A 117 22.49 2.40 -2.75
N MET A 118 22.51 1.07 -2.59
CA MET A 118 23.78 0.37 -2.47
C MET A 118 24.60 0.47 -3.76
N ASN A 119 23.94 0.39 -4.92
CA ASN A 119 24.64 0.50 -6.19
C ASN A 119 25.33 1.86 -6.33
N TRP A 120 24.67 2.93 -5.89
CA TRP A 120 25.13 4.29 -6.12
C TRP A 120 25.85 4.90 -4.93
N GLY A 121 26.10 4.12 -3.89
CA GLY A 121 26.75 4.65 -2.70
C GLY A 121 26.00 5.79 -2.05
N ILE A 122 24.67 5.68 -1.99
CA ILE A 122 23.82 6.70 -1.39
C ILE A 122 23.25 6.11 -0.11
N PRO A 123 23.20 6.86 0.99
CA PRO A 123 22.58 6.34 2.22
C PRO A 123 21.08 6.15 2.05
N SER A 124 20.55 5.14 2.74
CA SER A 124 19.13 4.79 2.72
C SER A 124 18.60 4.64 4.14
N ILE A 125 17.33 4.99 4.31
CA ILE A 125 16.64 4.88 5.60
C ILE A 125 15.29 4.21 5.36
N GLN A 126 15.04 3.10 6.07
CA GLN A 126 13.75 2.45 5.98
C GLN A 126 12.71 3.21 6.80
N ILE A 127 11.50 3.31 6.26
CA ILE A 127 10.36 3.88 6.96
C ILE A 127 9.38 2.74 7.19
N SER A 128 9.28 2.25 8.43
CA SER A 128 8.45 1.10 8.74
C SER A 128 7.12 1.55 9.31
N PRO A 129 5.98 1.22 8.66
CA PRO A 129 4.68 1.67 9.18
C PRO A 129 4.15 0.85 10.35
N THR A 130 4.77 -0.28 10.67
CA THR A 130 4.34 -1.10 11.79
C THR A 130 5.60 -1.63 12.48
N TRP A 131 5.42 -2.50 13.46
CA TRP A 131 6.56 -3.01 14.20
C TRP A 131 7.46 -3.86 13.32
N VAL A 132 8.74 -3.90 13.68
CA VAL A 132 9.74 -4.59 12.91
C VAL A 132 10.00 -5.97 13.52
N MET A 133 10.72 -6.82 12.78
CA MET A 133 11.04 -8.16 13.23
C MET A 133 12.52 -8.19 13.62
N PRO A 134 12.85 -8.17 14.91
CA PRO A 134 14.27 -8.15 15.29
C PRO A 134 14.96 -9.45 14.94
N GLU A 135 16.28 -9.39 14.93
CA GLU A 135 17.13 -10.53 14.62
C GLU A 135 17.07 -11.54 15.76
N LYS A 136 15.88 -11.88 16.20
CA LYS A 136 15.62 -12.90 17.21
C LYS A 136 14.21 -13.39 16.97
N TYR A 137 13.38 -12.49 16.42
CA TYR A 137 12.08 -12.91 15.88
C TYR A 137 12.28 -13.86 14.71
N ARG A 138 13.30 -13.60 13.89
CA ARG A 138 13.51 -14.41 12.69
C ARG A 138 13.89 -15.85 13.04
N GLU A 139 14.69 -16.06 14.11
CA GLU A 139 15.05 -17.42 14.49
C GLU A 139 13.83 -18.25 14.88
N ARG A 140 12.83 -17.63 15.53
CA ARG A 140 11.63 -18.38 15.88
C ARG A 140 10.90 -18.85 14.63
N MET A 141 11.01 -18.10 13.54
CA MET A 141 10.39 -18.42 12.26
C MET A 141 11.24 -19.31 11.38
N ALA A 142 12.44 -19.66 11.83
CA ALA A 142 13.31 -20.50 11.01
C ALA A 142 12.70 -21.85 10.65
N PRO A 143 11.93 -22.54 11.51
CA PRO A 143 11.27 -23.76 11.04
C PRO A 143 10.29 -23.53 9.91
N VAL A 144 9.54 -22.44 9.97
CA VAL A 144 8.60 -22.12 8.89
C VAL A 144 9.34 -21.89 7.58
N VAL A 145 10.48 -21.20 7.64
CA VAL A 145 11.24 -20.92 6.42
C VAL A 145 11.82 -22.19 5.84
N GLU A 146 12.41 -23.04 6.69
CA GLU A 146 12.98 -24.30 6.20
C GLU A 146 11.92 -25.20 5.59
N GLN A 147 10.74 -25.26 6.20
CA GLN A 147 9.68 -26.10 5.65
C GLN A 147 9.24 -25.56 4.30
N LEU A 148 9.21 -24.24 4.14
CA LEU A 148 8.90 -23.63 2.86
C LEU A 148 9.92 -24.04 1.80
N LYS A 149 11.19 -24.11 2.17
CA LYS A 149 12.24 -24.50 1.24
C LYS A 149 12.17 -25.96 0.82
N GLN A 150 11.48 -26.80 1.60
CA GLN A 150 11.26 -28.18 1.17
C GLN A 150 10.29 -28.26 0.00
N ASP A 151 9.31 -27.37 -0.04
CA ASP A 151 8.40 -27.33 -1.18
C ASP A 151 9.17 -26.87 -2.41
N PRO A 152 9.04 -27.57 -3.55
CA PRO A 152 9.73 -27.11 -4.76
C PRO A 152 9.35 -25.69 -5.15
N ARG A 153 8.10 -25.29 -4.91
CA ARG A 153 7.70 -23.91 -5.18
C ARG A 153 8.45 -22.95 -4.27
N GLY A 154 8.57 -23.29 -2.99
CA GLY A 154 9.32 -22.43 -2.07
C GLY A 154 10.80 -22.37 -2.40
N ALA A 155 11.41 -23.53 -2.68
CA ALA A 155 12.82 -23.56 -3.03
C ALA A 155 13.09 -22.80 -4.32
N ALA A 156 12.16 -22.89 -5.28
CA ALA A 156 12.32 -22.11 -6.51
C ALA A 156 12.23 -20.61 -6.23
N HIS A 157 11.35 -20.22 -5.31
CA HIS A 157 11.18 -18.81 -4.98
C HIS A 157 12.46 -18.24 -4.38
N TYR A 158 13.03 -18.91 -3.38
CA TYR A 158 14.23 -18.40 -2.75
C TYR A 158 15.42 -18.39 -3.70
N ARG A 159 15.45 -19.31 -4.67
CA ARG A 159 16.50 -19.27 -5.67
C ARG A 159 16.35 -18.06 -6.58
N ARG A 160 15.12 -17.74 -6.98
CA ARG A 160 14.91 -16.56 -7.82
C ARG A 160 15.25 -15.28 -7.07
N PHE A 161 14.93 -15.25 -5.78
CA PHE A 161 15.25 -14.09 -4.95
C PHE A 161 16.77 -13.88 -4.88
N ASP A 162 17.52 -14.96 -4.62
CA ASP A 162 18.97 -14.85 -4.56
C ASP A 162 19.54 -14.45 -5.91
N ALA A 163 18.97 -14.95 -7.00
CA ALA A 163 19.44 -14.58 -8.33
C ALA A 163 19.20 -13.11 -8.61
N TRP A 164 18.05 -12.58 -8.16
CA TRP A 164 17.78 -11.15 -8.35
C TRP A 164 18.80 -10.30 -7.59
N LEU A 165 19.17 -10.70 -6.38
CA LEU A 165 20.20 -9.97 -5.65
C LEU A 165 21.53 -9.99 -6.40
N GLU A 166 21.93 -11.18 -6.87
CA GLU A 166 23.19 -11.29 -7.62
C GLU A 166 23.13 -10.51 -8.92
N ASP A 167 22.02 -10.63 -9.65
CA ASP A 167 21.89 -9.87 -10.90
C ASP A 167 21.85 -8.37 -10.66
N SER A 168 21.38 -7.93 -9.49
CA SER A 168 21.23 -6.52 -9.20
C SER A 168 22.46 -5.91 -8.55
N GLY A 169 23.53 -6.70 -8.38
CA GLY A 169 24.77 -6.17 -7.86
C GLY A 169 24.89 -6.16 -6.36
N VAL A 170 24.10 -6.95 -5.66
CA VAL A 170 24.20 -7.05 -4.19
C VAL A 170 24.27 -8.52 -3.79
N PRO A 171 25.22 -9.31 -4.29
CA PRO A 171 25.29 -10.71 -3.88
C PRO A 171 25.70 -10.92 -2.44
N GLY A 172 26.43 -9.97 -1.85
CA GLY A 172 26.93 -10.11 -0.50
C GLY A 172 25.89 -10.05 0.61
N ILE A 173 24.64 -9.74 0.30
CA ILE A 173 23.61 -9.56 1.31
C ILE A 173 22.56 -10.65 1.19
N ASP A 174 22.10 -11.15 2.33
CA ASP A 174 21.07 -12.18 2.38
C ASP A 174 19.71 -11.58 2.09
N ALA A 175 18.84 -12.38 1.47
CA ALA A 175 17.52 -11.89 1.08
C ALA A 175 16.70 -11.46 2.29
N GLY A 176 16.94 -12.08 3.45
CA GLY A 176 16.25 -11.65 4.66
C GLY A 176 16.80 -10.35 5.23
N ASP A 177 18.12 -10.22 5.26
CA ASP A 177 18.75 -9.03 5.83
C ASP A 177 18.38 -7.78 5.03
N LEU A 178 18.61 -7.81 3.73
CA LEU A 178 17.91 -6.92 2.83
C LEU A 178 16.42 -7.15 3.06
N VAL A 179 15.66 -6.07 3.29
CA VAL A 179 14.24 -6.05 3.63
C VAL A 179 14.04 -5.87 5.13
N ASN A 180 14.51 -6.84 5.93
CA ASN A 180 14.19 -6.87 7.36
C ASN A 180 15.35 -6.51 8.28
N LEU A 181 16.55 -6.27 7.75
CA LEU A 181 17.67 -5.73 8.52
C LEU A 181 18.21 -4.49 7.80
N PRO A 182 17.44 -3.40 7.81
CA PRO A 182 17.89 -2.19 7.10
C PRO A 182 19.11 -1.56 7.74
N GLU A 183 19.82 -0.76 6.96
CA GLU A 183 20.95 -0.01 7.50
C GLU A 183 20.50 0.96 8.58
N ARG A 184 19.43 1.70 8.31
CA ARG A 184 18.82 2.61 9.28
C ARG A 184 17.32 2.49 9.10
N SER A 185 16.57 2.60 10.20
CA SER A 185 15.14 2.44 10.10
C SER A 185 14.44 3.38 11.07
N LEU A 186 13.40 4.04 10.57
CA LEU A 186 12.50 4.83 11.40
C LEU A 186 11.23 3.99 11.56
N VAL A 187 11.00 3.51 12.77
CA VAL A 187 9.85 2.66 13.06
C VAL A 187 8.74 3.57 13.57
N LEU A 188 7.67 3.69 12.80
CA LEU A 188 6.62 4.67 13.07
C LEU A 188 5.61 4.16 14.08
N VAL A 189 6.07 3.45 15.10
CA VAL A 189 5.21 3.00 16.21
C VAL A 189 5.95 3.28 17.52
N PRO A 190 5.22 3.43 18.62
CA PRO A 190 5.88 3.54 19.93
C PRO A 190 6.46 2.21 20.34
N ARG A 191 7.44 2.27 21.25
CA ARG A 191 8.10 1.04 21.68
C ARG A 191 7.12 0.08 22.35
N PHE A 192 6.07 0.60 23.00
CA PHE A 192 5.13 -0.28 23.66
C PHE A 192 4.20 -1.00 22.69
N LEU A 193 4.25 -0.68 21.40
CA LEU A 193 3.54 -1.44 20.37
C LEU A 193 4.47 -2.33 19.55
N GLN A 194 5.73 -2.45 19.95
CA GLN A 194 6.70 -3.30 19.26
C GLN A 194 6.89 -4.58 20.05
N PRO A 195 6.50 -5.73 19.51
CA PRO A 195 6.76 -6.99 20.23
C PRO A 195 8.25 -7.22 20.34
N ASP A 196 8.67 -7.73 21.50
CA ASP A 196 10.08 -8.04 21.79
C ASP A 196 10.99 -6.84 21.50
N ALA A 197 10.60 -5.69 22.05
CA ALA A 197 11.42 -4.49 21.87
C ALA A 197 12.82 -4.67 22.45
N ASP A 198 13.00 -5.67 23.32
CA ASP A 198 14.33 -5.96 23.88
C ASP A 198 15.32 -6.32 22.79
N ASP A 199 14.90 -7.14 21.83
CA ASP A 199 15.79 -7.67 20.82
C ASP A 199 16.02 -6.73 19.65
N VAL A 200 15.38 -5.56 19.64
CA VAL A 200 15.54 -4.60 18.56
C VAL A 200 16.74 -3.73 18.89
N ASP A 201 17.72 -3.73 17.99
CA ASP A 201 18.93 -2.93 18.18
C ASP A 201 18.62 -1.49 17.81
N GLU A 202 18.54 -0.62 18.81
CA GLU A 202 18.15 0.76 18.58
C GLU A 202 19.29 1.62 18.06
N LYS A 203 20.48 1.03 17.88
CA LYS A 203 21.49 1.67 17.04
C LYS A 203 21.05 1.69 15.59
N ARG A 204 20.26 0.70 15.19
CA ARG A 204 19.76 0.52 13.84
C ARG A 204 18.32 0.99 13.66
N PHE A 205 17.43 0.65 14.60
CA PHE A 205 16.01 1.00 14.53
C PHE A 205 15.72 2.10 15.54
N THR A 206 14.98 3.13 15.11
CA THR A 206 14.54 4.19 15.99
C THR A 206 13.03 4.17 16.09
N PHE A 207 12.52 4.05 17.32
CA PHE A 207 11.08 4.08 17.55
C PHE A 207 10.62 5.54 17.55
N ILE A 208 9.86 5.91 16.53
CA ILE A 208 9.50 7.32 16.33
C ILE A 208 8.10 7.58 16.88
N GLY A 209 7.26 6.56 16.86
CA GLY A 209 5.84 6.76 17.06
C GLY A 209 5.23 7.32 15.81
N PRO A 210 3.93 7.63 15.84
CA PRO A 210 3.27 8.15 14.65
C PRO A 210 3.78 9.52 14.27
N CYS A 211 3.75 9.80 12.97
CA CYS A 211 4.13 11.11 12.46
C CYS A 211 2.84 11.87 12.17
N LEU A 212 2.51 12.80 13.06
CA LEU A 212 1.29 13.57 13.01
C LEU A 212 1.60 14.99 12.55
N GLY A 213 0.58 15.66 12.02
CA GLY A 213 0.73 17.03 11.58
C GLY A 213 -0.59 17.74 11.47
N ARG A 214 -1.25 17.91 12.63
CA ARG A 214 -2.46 18.70 12.81
C ARG A 214 -3.67 17.96 12.27
N ARG A 215 -4.84 18.25 12.83
CA ARG A 215 -6.04 17.48 12.53
C ARG A 215 -6.39 17.51 11.05
N ALA A 216 -6.78 16.34 10.52
CA ALA A 216 -7.06 16.14 9.11
C ALA A 216 -8.41 16.65 8.68
N HIS A 217 -9.25 17.10 9.61
CA HIS A 217 -10.59 17.61 9.34
C HIS A 217 -11.49 16.48 8.86
N GLN A 218 -11.91 16.52 7.59
CA GLN A 218 -12.75 15.51 6.97
C GLN A 218 -14.18 15.53 7.50
N GLY A 219 -14.55 16.60 8.20
CA GLY A 219 -15.85 16.81 8.79
C GLY A 219 -15.82 16.56 10.30
N ASP A 220 -16.82 17.13 10.97
CA ASP A 220 -16.94 17.00 12.42
C ASP A 220 -18.15 16.13 12.73
N TRP A 221 -18.06 15.33 13.79
CA TRP A 221 -19.15 14.46 14.20
C TRP A 221 -19.54 14.78 15.64
N LYS A 222 -20.80 15.12 15.86
CA LYS A 222 -21.32 15.47 17.17
C LYS A 222 -22.16 14.33 17.72
N ARG A 223 -21.94 14.01 18.99
CA ARG A 223 -22.69 12.95 19.66
C ARG A 223 -24.19 13.29 19.67
N PRO A 224 -25.05 12.37 19.23
CA PRO A 224 -26.49 12.66 19.26
C PRO A 224 -26.96 12.86 20.69
N ALA A 225 -27.74 13.92 20.89
CA ALA A 225 -28.25 14.21 22.23
C ALA A 225 -29.16 13.08 22.70
N GLY A 226 -28.97 12.66 23.96
CA GLY A 226 -29.68 11.52 24.50
C GLY A 226 -28.92 10.21 24.44
N ALA A 227 -27.69 10.20 23.93
CA ALA A 227 -26.85 9.02 23.88
C ALA A 227 -25.72 9.20 24.87
N GLU A 228 -25.77 8.48 25.99
CA GLU A 228 -24.77 8.66 27.03
C GLU A 228 -23.40 8.14 26.63
N LYS A 229 -23.36 7.02 25.90
CA LYS A 229 -22.10 6.42 25.48
C LYS A 229 -22.12 6.16 23.98
N VAL A 230 -20.96 6.24 23.35
CA VAL A 230 -20.82 6.09 21.91
C VAL A 230 -19.84 4.97 21.62
N ALA A 231 -20.22 4.07 20.71
CA ALA A 231 -19.36 3.00 20.25
C ALA A 231 -19.14 3.13 18.75
N LEU A 232 -17.90 2.89 18.32
CA LEU A 232 -17.56 2.86 16.90
C LEU A 232 -17.08 1.46 16.54
N VAL A 233 -17.70 0.86 15.53
CA VAL A 233 -17.29 -0.43 15.00
C VAL A 233 -16.73 -0.20 13.60
N SER A 234 -15.45 -0.45 13.43
CA SER A 234 -14.80 -0.20 12.14
C SER A 234 -13.67 -1.21 11.98
N LEU A 235 -13.90 -2.24 11.17
CA LEU A 235 -12.85 -3.22 10.88
C LEU A 235 -12.14 -2.76 9.61
N GLY A 236 -11.32 -1.73 9.77
CA GLY A 236 -10.74 -1.03 8.64
C GLY A 236 -9.53 -1.69 8.01
N SER A 237 -9.64 -2.98 7.70
CA SER A 237 -8.58 -3.68 6.99
C SER A 237 -9.04 -4.17 5.62
N HIS A 238 -9.70 -3.28 4.87
CA HIS A 238 -10.07 -3.50 3.48
C HIS A 238 -11.13 -4.59 3.34
N LEU A 239 -10.83 -5.81 3.79
CA LEU A 239 -11.75 -6.94 3.71
C LEU A 239 -12.72 -7.00 4.90
N THR A 240 -13.56 -5.99 4.99
CA THR A 240 -14.60 -5.88 6.00
C THR A 240 -15.87 -6.65 5.62
N ASN A 241 -15.73 -7.90 5.17
CA ASN A 241 -16.85 -8.65 4.61
C ASN A 241 -17.49 -9.57 5.65
N GLN A 242 -17.90 -8.96 6.78
CA GLN A 242 -18.56 -9.67 7.88
C GLN A 242 -19.91 -9.02 8.23
N LEU A 243 -20.94 -9.40 7.48
CA LEU A 243 -22.31 -8.98 7.78
C LEU A 243 -22.85 -9.73 9.00
N PRO A 244 -22.56 -11.03 9.17
CA PRO A 244 -23.04 -11.70 10.39
C PRO A 244 -22.53 -11.05 11.67
N PHE A 245 -21.26 -10.63 11.70
CA PHE A 245 -20.75 -9.91 12.86
C PHE A 245 -21.44 -8.57 13.00
N TYR A 246 -21.68 -7.88 11.89
CA TYR A 246 -22.39 -6.60 11.94
C TYR A 246 -23.77 -6.77 12.53
N GLU A 247 -24.44 -7.87 12.20
CA GLU A 247 -25.75 -8.15 12.77
C GLU A 247 -25.66 -8.42 14.27
N THR A 248 -24.59 -9.10 14.72
CA THR A 248 -24.39 -9.24 16.16
C THR A 248 -24.19 -7.89 16.84
N CYS A 249 -23.47 -6.98 16.18
CA CYS A 249 -23.24 -5.66 16.76
C CYS A 249 -24.53 -4.87 16.93
N VAL A 250 -25.38 -4.84 15.89
CA VAL A 250 -26.66 -4.18 16.03
C VAL A 250 -27.52 -4.91 17.06
N GLU A 251 -27.47 -6.24 17.06
CA GLU A 251 -28.21 -7.01 18.05
C GLU A 251 -27.77 -6.65 19.46
N VAL A 252 -26.49 -6.36 19.65
CA VAL A 252 -25.99 -5.99 20.97
C VAL A 252 -26.44 -4.59 21.33
N PHE A 253 -26.18 -3.62 20.44
CA PHE A 253 -26.44 -2.22 20.78
C PHE A 253 -27.92 -1.86 20.67
N ALA A 254 -28.68 -2.58 19.85
CA ALA A 254 -30.12 -2.64 20.03
C ALA A 254 -30.44 -3.56 21.20
N ALA A 255 -30.99 -2.99 22.28
CA ALA A 255 -31.14 -3.57 23.62
C ALA A 255 -30.09 -2.95 24.52
N LEU A 256 -29.32 -2.02 23.97
CA LEU A 256 -28.31 -1.27 24.72
C LEU A 256 -28.60 0.23 24.63
N PRO A 257 -29.79 0.67 25.06
CA PRO A 257 -30.10 2.09 25.00
C PRO A 257 -29.12 2.85 25.87
N ASP A 258 -29.05 4.16 25.62
CA ASP A 258 -28.12 5.10 26.26
C ASP A 258 -26.79 5.02 25.53
N TRP A 259 -26.61 3.96 24.74
CA TRP A 259 -25.46 3.79 23.87
C TRP A 259 -25.88 4.13 22.46
N HIS A 260 -24.98 4.76 21.70
CA HIS A 260 -25.19 4.97 20.28
C HIS A 260 -24.08 4.29 19.50
N LEU A 261 -24.47 3.45 18.56
CA LEU A 261 -23.53 2.68 17.75
C LEU A 261 -23.33 3.36 16.39
N VAL A 262 -22.07 3.58 16.04
CA VAL A 262 -21.69 4.03 14.71
C VAL A 262 -21.01 2.84 14.05
N LEU A 263 -21.69 2.25 13.08
CA LEU A 263 -21.26 1.00 12.47
C LEU A 263 -20.74 1.30 11.07
N GLN A 264 -19.43 1.17 10.89
CA GLN A 264 -18.81 1.39 9.58
C GLN A 264 -18.60 0.02 8.95
N ILE A 265 -19.33 -0.22 7.86
CA ILE A 265 -19.41 -1.54 7.22
C ILE A 265 -18.45 -1.70 6.05
N GLY A 266 -17.91 -0.61 5.52
CA GLY A 266 -16.98 -0.68 4.41
C GLY A 266 -17.67 -0.46 3.07
N ARG A 267 -16.86 -0.02 2.11
CA ARG A 267 -17.27 0.28 0.74
C ARG A 267 -17.89 -0.93 0.03
N HIS A 268 -17.56 -2.16 0.43
CA HIS A 268 -18.00 -3.36 -0.28
C HIS A 268 -19.42 -3.80 0.04
N VAL A 269 -20.12 -3.16 0.99
CA VAL A 269 -21.40 -3.72 1.41
C VAL A 269 -22.50 -2.67 1.35
N ASP A 270 -23.19 -2.48 2.47
CA ASP A 270 -24.39 -1.65 2.67
C ASP A 270 -25.58 -2.49 2.25
N ALA A 271 -25.38 -3.80 2.06
CA ALA A 271 -26.45 -4.72 1.70
C ALA A 271 -27.14 -5.27 2.93
N GLY A 272 -28.46 -5.44 2.82
CA GLY A 272 -29.29 -6.08 3.83
C GLY A 272 -29.10 -5.60 5.26
N GLU A 273 -29.36 -4.32 5.52
CA GLU A 273 -29.25 -3.82 6.88
C GLU A 273 -30.43 -4.28 7.73
N LEU A 274 -31.28 -3.34 8.14
CA LEU A 274 -32.53 -3.71 8.78
C LEU A 274 -33.71 -3.09 8.04
N GLY A 275 -34.76 -2.68 8.76
CA GLY A 275 -35.89 -1.98 8.20
C GLY A 275 -35.75 -0.48 8.14
N GLU A 276 -34.60 0.02 8.60
CA GLU A 276 -34.17 1.42 8.69
C GLU A 276 -33.24 1.45 9.89
N LEU A 277 -33.12 0.27 10.55
CA LEU A 277 -32.24 -0.04 11.67
C LEU A 277 -32.89 0.41 12.98
N PRO A 278 -32.49 -0.17 14.12
CA PRO A 278 -32.93 0.38 15.39
C PRO A 278 -32.54 1.84 15.49
N PRO A 279 -33.29 2.64 16.24
CA PRO A 279 -32.84 4.03 16.47
C PRO A 279 -31.47 4.11 17.10
N ASN A 280 -30.96 3.03 17.69
CA ASN A 280 -29.62 3.08 18.26
C ASN A 280 -28.53 3.17 17.20
N VAL A 281 -28.70 2.49 16.05
CA VAL A 281 -27.61 2.25 15.13
C VAL A 281 -27.67 3.25 13.97
N GLU A 282 -26.50 3.79 13.60
CA GLU A 282 -26.37 4.55 12.37
C GLU A 282 -25.23 3.90 11.60
N VAL A 283 -25.47 3.60 10.34
CA VAL A 283 -24.56 2.81 9.52
C VAL A 283 -23.96 3.69 8.44
N HIS A 284 -22.68 3.48 8.16
CA HIS A 284 -21.96 4.20 7.13
C HIS A 284 -21.06 3.22 6.38
N ASN A 285 -20.73 3.56 5.14
CA ASN A 285 -19.70 2.84 4.42
C ASN A 285 -18.32 3.32 4.82
N TRP A 286 -18.20 4.59 5.19
CA TRP A 286 -16.95 5.16 5.67
C TRP A 286 -17.33 6.29 6.61
N VAL A 287 -16.52 6.47 7.65
CA VAL A 287 -16.78 7.52 8.64
C VAL A 287 -15.51 8.32 8.83
N PRO A 288 -15.63 9.56 9.32
CA PRO A 288 -14.43 10.28 9.74
C PRO A 288 -13.94 9.70 11.06
N GLN A 289 -13.02 8.74 10.98
CA GLN A 289 -12.71 7.91 12.13
C GLN A 289 -12.22 8.75 13.32
N LEU A 290 -11.28 9.65 13.08
CA LEU A 290 -10.76 10.48 14.16
C LEU A 290 -11.86 11.35 14.78
N ALA A 291 -12.81 11.79 13.97
CA ALA A 291 -13.93 12.59 14.49
C ALA A 291 -14.83 11.75 15.39
N VAL A 292 -15.17 10.53 14.95
CA VAL A 292 -16.01 9.66 15.76
C VAL A 292 -15.28 9.25 17.03
N LEU A 293 -13.99 8.94 16.92
CA LEU A 293 -13.22 8.56 18.11
C LEU A 293 -13.15 9.68 19.12
N GLU A 294 -13.26 10.93 18.66
CA GLU A 294 -13.27 12.07 19.57
C GLU A 294 -14.41 11.99 20.57
N GLN A 295 -15.52 11.37 20.18
CA GLN A 295 -16.71 11.24 21.02
C GLN A 295 -16.97 9.81 21.42
N ALA A 296 -16.07 8.89 21.10
CA ALA A 296 -16.29 7.47 21.32
C ALA A 296 -15.92 7.05 22.74
N ASP A 297 -16.65 6.06 23.25
CA ASP A 297 -16.33 5.43 24.53
C ASP A 297 -15.71 4.04 24.35
N VAL A 298 -15.88 3.43 23.19
CA VAL A 298 -15.22 2.16 22.87
C VAL A 298 -15.06 2.09 21.36
N PHE A 299 -14.05 1.34 20.91
CA PHE A 299 -13.70 1.24 19.50
C PHE A 299 -13.46 -0.23 19.18
N VAL A 300 -14.24 -0.77 18.25
CA VAL A 300 -14.09 -2.16 17.81
C VAL A 300 -13.38 -2.17 16.46
N THR A 301 -12.20 -2.77 16.40
CA THR A 301 -11.36 -2.74 15.21
C THR A 301 -10.73 -4.12 15.01
N HIS A 302 -10.18 -4.34 13.81
CA HIS A 302 -9.43 -5.56 13.56
C HIS A 302 -8.12 -5.61 14.33
N GLY A 303 -7.60 -4.46 14.76
CA GLY A 303 -6.27 -4.42 15.34
C GLY A 303 -5.14 -4.05 14.40
N GLY A 304 -5.46 -3.45 13.25
CA GLY A 304 -4.40 -2.89 12.43
C GLY A 304 -3.70 -1.76 13.13
N MET A 305 -2.44 -1.53 12.75
CA MET A 305 -1.62 -0.54 13.45
C MET A 305 -2.22 0.86 13.33
N GLY A 306 -2.84 1.17 12.19
CA GLY A 306 -3.45 2.47 12.02
C GLY A 306 -4.60 2.71 12.98
N GLY A 307 -5.51 1.74 13.08
CA GLY A 307 -6.63 1.88 13.98
C GLY A 307 -6.20 1.92 15.44
N ILE A 308 -5.25 1.07 15.82
CA ILE A 308 -4.82 1.00 17.21
C ILE A 308 -4.18 2.31 17.65
N GLN A 309 -3.32 2.87 16.81
CA GLN A 309 -2.70 4.16 17.13
C GLN A 309 -3.73 5.28 17.15
N GLU A 310 -4.77 5.19 16.32
CA GLU A 310 -5.84 6.17 16.38
C GLU A 310 -6.65 6.02 17.66
N GLY A 311 -6.88 4.78 18.12
CA GLY A 311 -7.54 4.59 19.39
C GLY A 311 -6.74 5.13 20.55
N LEU A 312 -5.43 4.87 20.56
CA LEU A 312 -4.56 5.39 21.60
C LEU A 312 -4.54 6.91 21.61
N PHE A 313 -4.44 7.52 20.42
CA PHE A 313 -4.39 8.97 20.35
C PHE A 313 -5.66 9.60 20.91
N SER A 314 -6.81 8.98 20.67
CA SER A 314 -8.09 9.48 21.14
C SER A 314 -8.43 9.02 22.55
N GLY A 315 -7.59 8.17 23.16
CA GLY A 315 -7.87 7.65 24.48
C GLY A 315 -9.17 6.86 24.54
N VAL A 316 -9.38 5.97 23.58
CA VAL A 316 -10.58 5.17 23.47
C VAL A 316 -10.21 3.70 23.65
N PRO A 317 -10.79 3.00 24.62
CA PRO A 317 -10.49 1.57 24.76
C PRO A 317 -11.00 0.78 23.57
N MET A 318 -10.36 -0.37 23.33
CA MET A 318 -10.58 -1.10 22.09
C MET A 318 -10.97 -2.54 22.34
N VAL A 319 -11.91 -3.04 21.54
CA VAL A 319 -12.18 -4.46 21.40
C VAL A 319 -11.57 -4.90 20.08
N VAL A 320 -10.60 -5.81 20.15
CA VAL A 320 -9.76 -6.16 19.00
C VAL A 320 -10.15 -7.53 18.49
N ALA A 321 -10.31 -7.65 17.18
CA ALA A 321 -10.66 -8.90 16.49
C ALA A 321 -9.59 -9.18 15.45
N PRO A 322 -8.44 -9.71 15.85
CA PRO A 322 -7.33 -9.86 14.90
C PRO A 322 -7.63 -10.91 13.84
N GLN A 323 -7.12 -10.67 12.64
CA GLN A 323 -7.30 -11.60 11.53
C GLN A 323 -6.03 -11.69 10.69
N ALA A 324 -5.64 -10.57 10.07
CA ALA A 324 -4.52 -10.59 9.13
C ALA A 324 -3.20 -10.76 9.88
N ASN A 325 -2.11 -10.87 9.11
CA ASN A 325 -0.82 -11.26 9.65
C ASN A 325 -0.36 -10.31 10.77
N ASP A 326 -0.52 -9.00 10.58
CA ASP A 326 -0.04 -8.02 11.55
C ASP A 326 -0.83 -8.04 12.85
N GLN A 327 -2.12 -8.31 12.78
CA GLN A 327 -3.08 -8.05 13.84
C GLN A 327 -2.96 -8.91 15.11
N PRO A 328 -2.61 -10.20 15.06
CA PRO A 328 -2.58 -10.97 16.32
C PRO A 328 -1.61 -10.39 17.34
N ALA A 329 -0.40 -10.03 16.93
CA ALA A 329 0.54 -9.41 17.86
C ALA A 329 0.03 -8.07 18.36
N ASN A 330 -0.58 -7.28 17.47
CA ASN A 330 -1.12 -5.99 17.88
C ASN A 330 -2.22 -6.15 18.92
N ALA A 331 -3.05 -7.20 18.77
CA ALA A 331 -4.07 -7.50 19.75
C ALA A 331 -3.44 -7.85 21.09
N GLU A 332 -2.35 -8.62 21.07
CA GLU A 332 -1.67 -8.99 22.30
C GLU A 332 -1.11 -7.75 23.01
N SER A 333 -0.53 -6.83 22.25
CA SER A 333 0.09 -5.64 22.83
C SER A 333 -0.94 -4.80 23.60
N VAL A 334 -2.04 -4.44 22.94
CA VAL A 334 -3.02 -3.58 23.60
C VAL A 334 -3.71 -4.29 24.76
N VAL A 335 -3.90 -5.60 24.66
CA VAL A 335 -4.42 -6.36 25.80
C VAL A 335 -3.40 -6.37 26.92
N GLY A 336 -2.12 -6.59 26.59
CA GLY A 336 -1.07 -6.55 27.58
C GLY A 336 -0.93 -5.21 28.26
N LEU A 337 -1.32 -4.13 27.58
CA LEU A 337 -1.33 -2.80 28.17
C LEU A 337 -2.54 -2.56 29.07
N GLY A 338 -3.49 -3.50 29.10
CA GLY A 338 -4.65 -3.37 29.95
C GLY A 338 -5.66 -2.34 29.47
N ILE A 339 -5.77 -2.14 28.16
CA ILE A 339 -6.69 -1.15 27.61
C ILE A 339 -7.57 -1.78 26.54
N ALA A 340 -7.60 -3.11 26.46
CA ALA A 340 -8.27 -3.76 25.36
C ALA A 340 -8.75 -5.15 25.76
N ARG A 341 -9.69 -5.67 24.98
CA ARG A 341 -10.19 -7.03 25.10
C ARG A 341 -10.12 -7.67 23.73
N ARG A 342 -9.68 -8.93 23.67
CA ARG A 342 -9.59 -9.65 22.40
C ARG A 342 -10.77 -10.59 22.22
N ILE A 343 -11.34 -10.61 21.01
CA ILE A 343 -12.44 -11.50 20.66
C ILE A 343 -12.18 -12.13 19.30
N ASP A 344 -12.89 -13.22 19.04
CA ASP A 344 -12.88 -13.89 17.74
C ASP A 344 -14.23 -13.69 17.07
N ILE A 345 -14.22 -13.10 15.87
CA ILE A 345 -15.46 -12.80 15.16
C ILE A 345 -16.25 -14.07 14.89
N ALA A 346 -15.57 -15.19 14.64
CA ALA A 346 -16.26 -16.44 14.35
C ALA A 346 -17.07 -16.93 15.56
N THR A 347 -16.47 -16.86 16.76
CA THR A 347 -17.07 -17.46 17.94
C THR A 347 -17.67 -16.46 18.92
N VAL A 348 -17.63 -15.16 18.62
CA VAL A 348 -18.12 -14.17 19.57
C VAL A 348 -19.64 -14.25 19.67
N THR A 349 -20.16 -14.14 20.92
CA THR A 349 -21.55 -14.18 21.38
C THR A 349 -22.07 -12.77 21.65
N PRO A 350 -23.39 -12.53 21.49
CA PRO A 350 -23.92 -11.19 21.81
C PRO A 350 -23.64 -10.74 23.25
N ASP A 351 -23.80 -11.60 24.25
CA ASP A 351 -23.43 -11.21 25.60
C ASP A 351 -21.93 -11.06 25.75
N ARG A 352 -21.15 -11.94 25.13
CA ARG A 352 -19.69 -11.81 25.22
C ARG A 352 -19.22 -10.49 24.65
N LEU A 353 -19.70 -10.14 23.45
CA LEU A 353 -19.32 -8.85 22.85
C LEU A 353 -19.81 -7.69 23.71
N ARG A 354 -21.03 -7.80 24.24
CA ARG A 354 -21.58 -6.71 25.06
C ARG A 354 -20.80 -6.54 26.35
N ALA A 355 -20.37 -7.66 26.97
CA ALA A 355 -19.65 -7.57 28.23
C ALA A 355 -18.35 -6.79 28.07
N ALA A 356 -17.59 -7.09 27.01
CA ALA A 356 -16.37 -6.36 26.75
C ALA A 356 -16.65 -4.88 26.53
N VAL A 357 -17.72 -4.56 25.81
CA VAL A 357 -18.03 -3.16 25.50
C VAL A 357 -18.37 -2.39 26.78
N VAL A 358 -19.30 -2.92 27.59
CA VAL A 358 -19.78 -2.18 28.74
C VAL A 358 -18.71 -2.12 29.83
N GLU A 359 -17.98 -3.21 30.05
CA GLU A 359 -16.95 -3.23 31.08
C GLU A 359 -15.79 -2.32 30.73
N LEU A 360 -15.33 -2.37 29.48
CA LEU A 360 -14.20 -1.54 29.06
C LEU A 360 -14.52 -0.05 29.20
N ALA A 361 -15.74 0.35 28.84
CA ALA A 361 -16.07 1.77 28.83
C ALA A 361 -16.25 2.34 30.24
N SER A 362 -16.60 1.49 31.21
CA SER A 362 -16.90 1.95 32.56
C SER A 362 -15.71 1.82 33.52
N ASP A 363 -14.67 1.09 33.15
CA ASP A 363 -13.56 0.83 34.04
C ASP A 363 -12.69 2.09 34.20
N PRO A 364 -12.60 2.68 35.39
CA PRO A 364 -11.77 3.88 35.54
C PRO A 364 -10.28 3.61 35.43
N ALA A 365 -9.83 2.41 35.80
CA ALA A 365 -8.42 2.08 35.65
C ALA A 365 -8.03 2.01 34.18
N VAL A 366 -8.93 1.53 33.33
CA VAL A 366 -8.67 1.52 31.89
C VAL A 366 -8.50 2.93 31.38
N ALA A 367 -9.37 3.85 31.81
CA ALA A 367 -9.27 5.24 31.37
C ALA A 367 -7.95 5.86 31.81
N GLU A 368 -7.50 5.56 33.04
CA GLU A 368 -6.25 6.11 33.52
C GLU A 368 -5.06 5.60 32.72
N ARG A 369 -5.05 4.31 32.39
CA ARG A 369 -3.96 3.77 31.58
C ARG A 369 -3.91 4.41 30.21
N LEU A 370 -5.06 4.73 29.63
CA LEU A 370 -5.09 5.40 28.33
C LEU A 370 -4.43 6.77 28.40
N SER A 371 -4.68 7.53 29.46
CA SER A 371 -4.05 8.83 29.61
C SER A 371 -2.54 8.68 29.70
N GLY A 372 -2.06 7.66 30.42
CA GLY A 372 -0.64 7.41 30.47
C GLY A 372 -0.05 7.05 29.12
N LEU A 373 -0.76 6.20 28.37
CA LEU A 373 -0.27 5.81 27.05
C LEU A 373 -0.25 6.98 26.09
N ARG A 374 -1.21 7.92 26.24
CA ARG A 374 -1.17 9.14 25.45
C ARG A 374 0.11 9.93 25.73
N ARG A 375 0.50 10.05 27.00
CA ARG A 375 1.73 10.78 27.26
C ARG A 375 2.93 10.02 26.76
N GLU A 376 2.95 8.70 26.98
CA GLU A 376 4.04 7.89 26.46
C GLU A 376 4.11 7.95 24.95
N LEU A 377 2.96 8.04 24.29
CA LEU A 377 2.92 7.98 22.83
C LEU A 377 3.67 9.16 22.22
N ARG A 378 3.37 10.39 22.65
CA ARG A 378 4.00 11.55 22.04
C ARG A 378 5.49 11.62 22.33
N ALA A 379 5.94 11.01 23.43
CA ALA A 379 7.32 11.14 23.89
C ALA A 379 8.34 10.45 23.00
N HIS A 380 7.91 9.76 21.94
CA HIS A 380 8.85 9.08 21.06
C HIS A 380 9.48 10.00 20.02
N GLY A 381 9.00 11.24 19.90
CA GLY A 381 9.65 12.21 19.03
C GLY A 381 8.84 12.63 17.81
N GLY A 382 8.10 11.69 17.22
CA GLY A 382 7.19 11.96 16.13
C GLY A 382 7.85 12.58 14.91
N THR A 383 7.09 13.43 14.23
CA THR A 383 7.49 13.98 12.94
C THR A 383 8.80 14.74 13.02
N MET A 384 8.93 15.60 14.03
CA MET A 384 10.10 16.47 14.10
C MET A 384 11.37 15.65 14.35
N ARG A 385 11.30 14.63 15.21
CA ARG A 385 12.48 13.81 15.43
C ARG A 385 12.84 13.02 14.18
N ALA A 386 11.83 12.48 13.48
CA ALA A 386 12.09 11.72 12.26
C ALA A 386 12.75 12.61 11.20
N ALA A 387 12.23 13.83 11.02
CA ALA A 387 12.83 14.74 10.06
C ALA A 387 14.25 15.12 10.45
N ASP A 388 14.50 15.34 11.75
CA ASP A 388 15.85 15.67 12.20
C ASP A 388 16.82 14.53 11.92
N LEU A 389 16.38 13.29 12.13
CA LEU A 389 17.26 12.15 11.87
C LEU A 389 17.58 12.02 10.39
N ILE A 390 16.60 12.27 9.53
CA ILE A 390 16.83 12.20 8.09
C ILE A 390 17.80 13.29 7.65
N GLU A 391 17.67 14.49 8.21
CA GLU A 391 18.57 15.57 7.84
C GLU A 391 20.01 15.30 8.24
N ARG A 392 20.24 14.44 9.25
CA ARG A 392 21.61 14.07 9.62
C ARG A 392 22.30 13.33 8.48
N GLN A 393 21.53 12.67 7.62
CA GLN A 393 22.08 11.96 6.48
C GLN A 393 22.36 12.85 5.28
N LEU A 394 21.90 14.11 5.30
CA LEU A 394 22.17 15.01 4.19
C LEU A 394 23.56 15.62 4.31
N PRO A 395 24.21 15.93 3.18
CA PRO A 395 25.56 16.51 3.18
C PRO A 395 25.58 17.92 3.72
N MET B 1 29.76 2.86 -35.97
CA MET B 1 30.01 3.76 -37.09
C MET B 1 29.07 4.99 -37.04
N PRO B 2 27.74 4.80 -37.01
CA PRO B 2 26.84 5.97 -36.98
C PRO B 2 26.87 6.66 -35.62
N ARG B 3 27.18 7.96 -35.63
CA ARG B 3 27.05 8.81 -34.45
C ARG B 3 25.67 8.62 -33.82
N PRO B 4 25.48 8.98 -32.52
CA PRO B 4 24.22 8.68 -31.80
C PRO B 4 22.91 8.64 -32.57
N GLY B 5 22.11 9.70 -32.59
CA GLY B 5 20.84 9.59 -33.28
C GLY B 5 19.72 9.04 -32.41
N HIS B 6 18.48 9.34 -32.80
CA HIS B 6 17.29 9.01 -32.03
C HIS B 6 16.52 7.88 -32.70
N ILE B 7 16.40 6.75 -32.01
CA ILE B 7 15.63 5.60 -32.47
C ILE B 7 14.39 5.46 -31.61
N ALA B 8 13.22 5.37 -32.24
CA ALA B 8 11.95 5.22 -31.55
C ALA B 8 11.39 3.83 -31.80
N MET B 9 11.24 3.05 -30.73
CA MET B 9 10.63 1.74 -30.75
C MET B 9 9.19 1.86 -30.23
N VAL B 10 8.27 1.18 -30.90
CA VAL B 10 6.86 1.17 -30.50
C VAL B 10 6.38 -0.26 -30.45
N SER B 11 5.70 -0.63 -29.37
CA SER B 11 5.12 -1.97 -29.26
C SER B 11 3.82 -1.88 -28.47
N VAL B 12 3.29 -3.05 -28.13
CA VAL B 12 2.01 -3.16 -27.41
C VAL B 12 2.23 -3.98 -26.16
N PRO B 13 1.35 -3.86 -25.16
CA PRO B 13 1.56 -4.58 -23.90
C PRO B 13 1.25 -6.07 -23.96
N SER B 14 0.66 -6.56 -25.05
CA SER B 14 0.40 -7.99 -25.19
C SER B 14 1.70 -8.78 -25.04
N ARG B 15 1.61 -9.95 -24.41
CA ARG B 15 2.82 -10.58 -23.89
C ARG B 15 3.75 -11.08 -25.00
N GLY B 16 3.23 -11.51 -26.13
CA GLY B 16 4.15 -12.00 -27.13
C GLY B 16 4.93 -10.95 -27.88
N HIS B 17 4.78 -9.67 -27.52
CA HIS B 17 5.31 -8.57 -28.32
C HIS B 17 6.32 -7.73 -27.56
N LEU B 18 6.77 -8.19 -26.40
CA LEU B 18 7.73 -7.47 -25.59
C LEU B 18 9.09 -8.16 -25.56
N HIS B 19 9.11 -9.42 -25.14
CA HIS B 19 10.38 -10.13 -24.97
C HIS B 19 11.19 -10.29 -26.25
N PRO B 20 10.60 -10.53 -27.42
CA PRO B 20 11.45 -10.78 -28.61
C PRO B 20 12.45 -9.67 -28.92
N SER B 21 12.16 -8.41 -28.64
CA SER B 21 13.05 -7.33 -29.03
C SER B 21 13.81 -6.68 -27.87
N LEU B 22 13.66 -7.19 -26.65
CA LEU B 22 14.31 -6.55 -25.50
C LEU B 22 15.82 -6.44 -25.70
N GLU B 23 16.47 -7.54 -26.09
CA GLU B 23 17.92 -7.54 -26.26
C GLU B 23 18.36 -6.69 -27.44
N LEU B 24 17.52 -6.60 -28.47
CA LEU B 24 17.84 -5.71 -29.60
C LEU B 24 17.84 -4.26 -29.14
N ILE B 25 16.85 -3.86 -28.35
CA ILE B 25 16.81 -2.48 -27.87
C ILE B 25 18.02 -2.21 -26.97
N ARG B 26 18.36 -3.17 -26.11
CA ARG B 26 19.51 -3.01 -25.23
C ARG B 26 20.79 -2.80 -26.04
N GLU B 27 20.95 -3.54 -27.14
CA GLU B 27 22.12 -3.38 -27.98
C GLU B 27 22.15 -2.00 -28.63
N LEU B 28 21.00 -1.51 -29.10
CA LEU B 28 20.97 -0.18 -29.70
C LEU B 28 21.34 0.89 -28.67
N VAL B 29 20.93 0.69 -27.41
CA VAL B 29 21.33 1.60 -26.35
C VAL B 29 22.84 1.50 -26.12
N ALA B 30 23.38 0.28 -26.09
CA ALA B 30 24.80 0.08 -25.87
C ALA B 30 25.66 0.71 -26.96
N ARG B 31 25.12 0.90 -28.16
CA ARG B 31 25.88 1.53 -29.24
C ARG B 31 25.83 3.06 -29.18
N GLY B 32 25.28 3.62 -28.09
CA GLY B 32 25.28 5.05 -27.85
C GLY B 32 24.10 5.82 -28.41
N HIS B 33 23.08 5.14 -28.91
CA HIS B 33 21.94 5.84 -29.48
C HIS B 33 20.94 6.23 -28.39
N ARG B 34 20.15 7.25 -28.68
CA ARG B 34 19.02 7.59 -27.82
C ARG B 34 17.82 6.79 -28.31
N VAL B 35 17.35 5.86 -27.50
CA VAL B 35 16.25 4.99 -27.86
C VAL B 35 15.06 5.33 -26.97
N THR B 36 13.94 5.70 -27.59
CA THR B 36 12.68 5.85 -26.89
C THR B 36 11.80 4.66 -27.26
N TYR B 37 11.01 4.21 -26.29
CA TYR B 37 10.18 3.02 -26.42
C TYR B 37 8.77 3.40 -25.99
N ALA B 38 7.85 3.49 -26.95
CA ALA B 38 6.46 3.81 -26.68
C ALA B 38 5.68 2.54 -26.42
N ASN B 39 5.06 2.44 -25.25
CA ASN B 39 4.25 1.29 -24.89
C ASN B 39 3.37 1.68 -23.72
N ASP B 40 2.44 0.79 -23.39
CA ASP B 40 1.56 1.05 -22.26
C ASP B 40 2.35 1.04 -20.95
N PRO B 41 2.05 1.96 -20.02
CA PRO B 41 2.81 2.00 -18.76
C PRO B 41 2.69 0.73 -17.94
N SER B 42 1.69 -0.12 -18.22
CA SER B 42 1.56 -1.37 -17.50
C SER B 42 2.76 -2.27 -17.70
N VAL B 43 3.55 -2.00 -18.73
CA VAL B 43 4.70 -2.82 -19.08
C VAL B 43 6.00 -2.00 -18.96
N ALA B 44 5.97 -0.97 -18.11
CA ALA B 44 7.12 -0.08 -17.91
C ALA B 44 8.34 -0.80 -17.34
N ALA B 45 8.13 -1.83 -16.53
CA ALA B 45 9.28 -2.54 -15.95
C ALA B 45 10.17 -3.12 -17.05
N ALA B 46 9.56 -3.85 -17.98
CA ALA B 46 10.35 -4.44 -19.06
C ALA B 46 10.95 -3.38 -19.96
N VAL B 47 10.22 -2.30 -20.25
CA VAL B 47 10.73 -1.26 -21.12
C VAL B 47 11.93 -0.57 -20.48
N THR B 48 11.80 -0.13 -19.23
CA THR B 48 12.88 0.61 -18.59
C THR B 48 14.10 -0.26 -18.35
N GLU B 49 13.90 -1.56 -18.09
CA GLU B 49 15.03 -2.46 -17.88
C GLU B 49 15.90 -2.55 -19.12
N THR B 50 15.30 -2.33 -20.29
CA THR B 50 16.02 -2.31 -21.55
C THR B 50 17.00 -1.15 -21.63
N GLY B 51 16.82 -0.09 -20.84
CA GLY B 51 17.62 1.11 -20.92
C GLY B 51 17.06 2.20 -21.81
N ALA B 52 15.96 1.94 -22.50
CA ALA B 52 15.36 2.95 -23.35
C ALA B 52 14.49 3.91 -22.54
N GLU B 53 14.21 5.05 -23.14
CA GLU B 53 13.35 6.07 -22.55
C GLU B 53 11.90 5.67 -22.73
N LEU B 54 11.18 5.43 -21.64
CA LEU B 54 9.79 5.04 -21.76
C LEU B 54 8.93 6.22 -22.20
N VAL B 55 8.16 6.01 -23.27
CA VAL B 55 7.18 6.99 -23.75
C VAL B 55 5.81 6.37 -23.56
N PRO B 56 5.09 6.69 -22.49
CA PRO B 56 3.84 5.98 -22.21
C PRO B 56 2.69 6.42 -23.10
N TYR B 57 1.88 5.44 -23.52
CA TYR B 57 0.61 5.70 -24.19
C TYR B 57 -0.39 4.69 -23.64
N THR B 58 -1.67 5.03 -23.74
CA THR B 58 -2.72 4.20 -23.19
C THR B 58 -3.21 3.22 -24.24
N SER B 59 -3.01 1.93 -23.99
CA SER B 59 -3.40 0.88 -24.89
C SER B 59 -4.87 0.51 -24.71
N ALA B 60 -5.54 0.18 -25.81
CA ALA B 60 -6.89 -0.33 -25.77
C ALA B 60 -6.95 -1.85 -25.76
N LEU B 61 -5.80 -2.53 -25.88
CA LEU B 61 -5.72 -3.99 -25.86
C LEU B 61 -5.83 -4.51 -24.43
N PRO B 62 -6.58 -5.60 -24.19
CA PRO B 62 -6.78 -6.15 -22.85
C PRO B 62 -5.54 -6.89 -22.34
N VAL B 71 -11.18 -14.16 -25.87
CA VAL B 71 -11.97 -13.36 -26.79
C VAL B 71 -13.26 -14.08 -27.18
N THR B 72 -14.35 -13.33 -27.25
CA THR B 72 -15.63 -13.84 -27.72
C THR B 72 -15.96 -13.13 -29.03
N ASP B 73 -15.96 -13.90 -30.12
CA ASP B 73 -16.19 -13.49 -31.50
C ASP B 73 -14.96 -12.85 -32.13
N GLN B 74 -14.72 -13.15 -33.41
CA GLN B 74 -13.56 -12.63 -34.12
C GLN B 74 -13.74 -11.15 -34.46
N ILE B 75 -14.93 -10.76 -34.93
CA ILE B 75 -15.15 -9.36 -35.27
C ILE B 75 -14.93 -8.48 -34.04
N ALA B 76 -15.30 -8.97 -32.86
CA ALA B 76 -15.03 -8.22 -31.64
C ALA B 76 -13.54 -8.07 -31.39
N GLN B 77 -12.75 -9.12 -31.64
CA GLN B 77 -11.30 -8.97 -31.53
C GLN B 77 -10.77 -8.03 -32.60
N MET B 78 -11.32 -8.10 -33.81
CA MET B 78 -10.91 -7.16 -34.86
C MET B 78 -11.28 -5.73 -34.50
N ASP B 79 -12.46 -5.52 -33.89
CA ASP B 79 -12.86 -4.18 -33.51
C ASP B 79 -11.98 -3.63 -32.39
N VAL B 80 -11.58 -4.50 -31.45
CA VAL B 80 -10.69 -4.06 -30.38
C VAL B 80 -9.35 -3.60 -30.94
N PHE B 81 -8.81 -4.35 -31.91
CA PHE B 81 -7.54 -3.96 -32.51
C PHE B 81 -7.65 -2.63 -33.24
N LEU B 82 -8.74 -2.43 -33.99
CA LEU B 82 -8.92 -1.16 -34.68
C LEU B 82 -9.10 0.00 -33.69
N ASP B 83 -9.77 -0.27 -32.55
CA ASP B 83 -9.87 0.74 -31.52
C ASP B 83 -8.50 1.16 -31.03
N ASP B 84 -7.60 0.20 -30.83
CA ASP B 84 -6.26 0.52 -30.37
C ASP B 84 -5.48 1.31 -31.41
N ALA B 85 -5.63 0.96 -32.69
CA ALA B 85 -4.94 1.70 -33.74
C ALA B 85 -5.41 3.15 -33.80
N VAL B 86 -6.73 3.37 -33.68
CA VAL B 86 -7.26 4.72 -33.73
C VAL B 86 -6.76 5.54 -32.54
N GLY B 87 -6.69 4.91 -31.36
CA GLY B 87 -6.21 5.61 -30.18
C GLY B 87 -4.70 5.81 -30.15
N MET B 88 -3.94 4.85 -30.70
CA MET B 88 -2.49 4.89 -30.60
C MET B 88 -1.91 6.06 -31.39
N LEU B 89 -2.40 6.28 -32.61
CA LEU B 89 -1.76 7.26 -33.49
C LEU B 89 -1.73 8.67 -32.92
N PRO B 90 -2.82 9.25 -32.40
CA PRO B 90 -2.72 10.61 -31.84
C PRO B 90 -1.80 10.70 -30.64
N GLN B 91 -1.77 9.65 -29.80
CA GLN B 91 -0.84 9.66 -28.67
C GLN B 91 0.60 9.64 -29.14
N LEU B 92 0.92 8.82 -30.15
CA LEU B 92 2.28 8.82 -30.70
C LEU B 92 2.60 10.15 -31.35
N ARG B 93 1.65 10.73 -32.07
CA ARG B 93 1.88 12.02 -32.71
C ARG B 93 2.17 13.09 -31.67
N ALA B 94 1.42 13.11 -30.58
CA ALA B 94 1.65 14.10 -29.54
C ALA B 94 3.03 13.93 -28.92
N ALA B 95 3.43 12.69 -28.65
CA ALA B 95 4.69 12.44 -27.97
C ALA B 95 5.89 12.84 -28.84
N TYR B 96 5.83 12.55 -30.14
CA TYR B 96 7.00 12.71 -30.99
C TYR B 96 6.93 13.93 -31.91
N GLU B 97 5.87 14.74 -31.83
CA GLU B 97 5.70 15.83 -32.78
C GLU B 97 6.89 16.77 -32.78
N GLU B 98 7.40 17.13 -31.61
CA GLU B 98 8.52 18.06 -31.53
C GLU B 98 9.83 17.35 -31.24
N ASP B 99 9.84 16.02 -31.25
CA ASP B 99 11.03 15.25 -30.94
C ASP B 99 11.10 14.07 -31.91
N ARG B 100 11.03 14.38 -33.21
CA ARG B 100 10.87 13.36 -34.22
C ARG B 100 12.12 12.49 -34.33
N PRO B 101 11.96 11.18 -34.46
CA PRO B 101 13.14 10.29 -34.47
C PRO B 101 13.74 10.14 -35.86
N ASP B 102 14.97 9.62 -35.87
CA ASP B 102 15.63 9.31 -37.14
C ASP B 102 15.03 8.10 -37.81
N VAL B 103 14.48 7.16 -37.03
CA VAL B 103 13.85 5.96 -37.56
C VAL B 103 12.80 5.48 -36.57
N PHE B 104 11.73 4.89 -37.11
CA PHE B 104 10.67 4.28 -36.30
C PHE B 104 10.81 2.76 -36.39
N LEU B 105 11.01 2.12 -35.24
CA LEU B 105 10.90 0.67 -35.12
C LEU B 105 9.55 0.35 -34.49
N TYR B 106 8.83 -0.61 -35.06
CA TYR B 106 7.51 -0.92 -34.52
C TYR B 106 7.21 -2.40 -34.61
N ASP B 107 6.63 -2.93 -33.54
CA ASP B 107 6.08 -4.28 -33.52
C ASP B 107 4.93 -4.38 -34.52
N VAL B 108 4.57 -5.62 -34.88
CA VAL B 108 3.53 -5.83 -35.89
C VAL B 108 2.23 -5.15 -35.48
N LEU B 109 1.90 -5.16 -34.20
CA LEU B 109 0.66 -4.55 -33.71
C LEU B 109 0.81 -3.07 -33.43
N ALA B 110 1.99 -2.49 -33.66
CA ALA B 110 2.20 -1.06 -33.48
C ALA B 110 2.31 -0.34 -34.81
N TYR B 111 1.62 -0.85 -35.83
CA TYR B 111 1.62 -0.32 -37.19
C TYR B 111 1.15 1.14 -37.28
N PRO B 112 0.39 1.69 -36.32
CA PRO B 112 0.17 3.15 -36.36
C PRO B 112 1.45 3.96 -36.37
N ALA B 113 2.55 3.42 -35.82
CA ALA B 113 3.83 4.13 -35.91
C ALA B 113 4.27 4.28 -37.36
N ARG B 114 3.95 3.31 -38.21
CA ARG B 114 4.28 3.42 -39.63
C ARG B 114 3.49 4.55 -40.29
N VAL B 115 2.22 4.72 -39.89
CA VAL B 115 1.43 5.83 -40.40
C VAL B 115 2.09 7.16 -40.05
N LEU B 116 2.55 7.28 -38.81
CA LEU B 116 3.26 8.49 -38.40
C LEU B 116 4.54 8.68 -39.20
N ALA B 117 5.27 7.59 -39.45
CA ALA B 117 6.51 7.69 -40.20
C ALA B 117 6.25 8.16 -41.63
N MET B 118 5.19 7.66 -42.25
CA MET B 118 4.84 8.11 -43.60
C MET B 118 4.47 9.59 -43.60
N ASN B 119 3.77 10.05 -42.56
CA ASN B 119 3.39 11.45 -42.47
C ASN B 119 4.62 12.34 -42.42
N TRP B 120 5.65 11.94 -41.67
CA TRP B 120 6.81 12.78 -41.41
C TRP B 120 8.00 12.45 -42.31
N GLY B 121 7.84 11.56 -43.29
CA GLY B 121 8.94 11.18 -44.16
C GLY B 121 10.11 10.56 -43.42
N ILE B 122 9.83 9.70 -42.44
CA ILE B 122 10.86 9.07 -41.62
C ILE B 122 10.87 7.59 -41.96
N PRO B 123 12.04 6.96 -42.07
CA PRO B 123 12.07 5.52 -42.33
C PRO B 123 11.51 4.73 -41.16
N SER B 124 10.86 3.61 -41.48
CA SER B 124 10.31 2.72 -40.47
C SER B 124 10.72 1.28 -40.79
N ILE B 125 10.89 0.50 -39.72
CA ILE B 125 11.25 -0.90 -39.83
C ILE B 125 10.30 -1.67 -38.92
N GLN B 126 9.59 -2.65 -39.48
CA GLN B 126 8.74 -3.51 -38.68
C GLN B 126 9.59 -4.55 -37.96
N ILE B 127 9.22 -4.83 -36.71
CA ILE B 127 9.84 -5.89 -35.91
C ILE B 127 8.79 -6.96 -35.67
N SER B 128 8.92 -8.10 -36.35
CA SER B 128 7.92 -9.14 -36.26
C SER B 128 8.38 -10.22 -35.29
N PRO B 129 7.62 -10.48 -34.22
CA PRO B 129 8.05 -11.51 -33.25
C PRO B 129 7.77 -12.94 -33.69
N THR B 130 7.04 -13.13 -34.79
CA THR B 130 6.73 -14.46 -35.29
C THR B 130 6.79 -14.40 -36.81
N TRP B 131 6.42 -15.50 -37.45
CA TRP B 131 6.52 -15.56 -38.90
C TRP B 131 5.51 -14.61 -39.55
N VAL B 132 5.86 -14.18 -40.76
CA VAL B 132 5.06 -13.19 -41.48
C VAL B 132 4.18 -13.91 -42.49
N MET B 133 3.27 -13.16 -43.09
CA MET B 133 2.29 -13.69 -44.01
C MET B 133 2.74 -13.35 -45.42
N PRO B 134 3.19 -14.31 -46.21
CA PRO B 134 3.70 -13.98 -47.55
C PRO B 134 2.61 -13.40 -48.42
N GLU B 135 3.03 -12.81 -49.54
CA GLU B 135 2.09 -12.15 -50.44
C GLU B 135 1.10 -13.15 -51.04
N LYS B 136 1.51 -14.41 -51.11
CA LYS B 136 0.64 -15.50 -51.55
C LYS B 136 -0.35 -15.93 -50.47
N TYR B 137 0.05 -15.82 -49.20
CA TYR B 137 -0.82 -16.19 -48.09
C TYR B 137 -2.08 -15.33 -48.03
N ARG B 138 -1.95 -14.01 -48.26
CA ARG B 138 -3.11 -13.13 -48.17
C ARG B 138 -4.12 -13.43 -49.26
N GLU B 139 -3.64 -13.81 -50.45
CA GLU B 139 -4.54 -14.16 -51.56
C GLU B 139 -5.39 -15.37 -51.21
N ARG B 140 -4.80 -16.35 -50.51
CA ARG B 140 -5.55 -17.54 -50.10
C ARG B 140 -6.62 -17.22 -49.06
N MET B 141 -6.39 -16.22 -48.21
CA MET B 141 -7.34 -15.85 -47.17
C MET B 141 -8.41 -14.87 -47.64
N ALA B 142 -8.34 -14.42 -48.90
CA ALA B 142 -9.35 -13.50 -49.41
C ALA B 142 -10.77 -14.06 -49.38
N PRO B 143 -11.02 -15.36 -49.63
CA PRO B 143 -12.39 -15.86 -49.46
C PRO B 143 -12.91 -15.74 -48.04
N VAL B 144 -12.07 -16.04 -47.03
CA VAL B 144 -12.48 -15.85 -45.65
C VAL B 144 -12.76 -14.38 -45.37
N VAL B 145 -11.94 -13.50 -45.95
CA VAL B 145 -12.13 -12.06 -45.77
C VAL B 145 -13.46 -11.61 -46.36
N GLU B 146 -13.77 -12.09 -47.57
CA GLU B 146 -15.03 -11.70 -48.20
C GLU B 146 -16.25 -12.18 -47.40
N GLN B 147 -16.16 -13.36 -46.80
CA GLN B 147 -17.26 -13.85 -45.97
C GLN B 147 -17.50 -12.95 -44.77
N LEU B 148 -16.44 -12.41 -44.18
CA LEU B 148 -16.62 -11.50 -43.05
C LEU B 148 -17.35 -10.23 -43.45
N LYS B 149 -17.08 -9.72 -44.66
CA LYS B 149 -17.72 -8.49 -45.11
C LYS B 149 -19.21 -8.64 -45.34
N GLN B 150 -19.72 -9.86 -45.47
CA GLN B 150 -21.16 -10.04 -45.61
C GLN B 150 -21.89 -9.74 -44.30
N ASP B 151 -21.27 -10.05 -43.18
CA ASP B 151 -21.82 -9.75 -41.86
C ASP B 151 -21.88 -8.24 -41.66
N PRO B 152 -22.99 -7.69 -41.17
CA PRO B 152 -23.03 -6.24 -40.89
C PRO B 152 -21.96 -5.81 -39.91
N ARG B 153 -21.66 -6.63 -38.89
CA ARG B 153 -20.57 -6.30 -37.98
C ARG B 153 -19.23 -6.34 -38.70
N GLY B 154 -19.00 -7.37 -39.51
CA GLY B 154 -17.77 -7.44 -40.28
C GLY B 154 -17.68 -6.33 -41.32
N ALA B 155 -18.78 -6.05 -42.02
CA ALA B 155 -18.77 -4.97 -43.00
C ALA B 155 -18.52 -3.63 -42.34
N ALA B 156 -19.07 -3.43 -41.13
CA ALA B 156 -18.84 -2.18 -40.41
C ALA B 156 -17.38 -2.05 -39.99
N HIS B 157 -16.74 -3.15 -39.58
CA HIS B 157 -15.35 -3.07 -39.13
C HIS B 157 -14.43 -2.63 -40.27
N TYR B 158 -14.52 -3.30 -41.43
CA TYR B 158 -13.67 -2.93 -42.55
C TYR B 158 -13.99 -1.52 -43.05
N ARG B 159 -15.23 -1.08 -42.87
CA ARG B 159 -15.59 0.29 -43.21
C ARG B 159 -14.91 1.31 -42.31
N ARG B 160 -14.87 1.06 -41.01
CA ARG B 160 -14.21 1.99 -40.10
C ARG B 160 -12.70 2.04 -40.34
N PHE B 161 -12.09 0.89 -40.62
CA PHE B 161 -10.65 0.84 -40.90
C PHE B 161 -10.30 1.69 -42.11
N ASP B 162 -11.06 1.55 -43.20
CA ASP B 162 -10.78 2.28 -44.42
C ASP B 162 -10.87 3.79 -44.20
N ALA B 163 -11.83 4.23 -43.39
CA ALA B 163 -11.97 5.65 -43.10
C ALA B 163 -10.76 6.17 -42.31
N TRP B 164 -10.23 5.36 -41.39
CA TRP B 164 -9.08 5.77 -40.59
C TRP B 164 -7.86 6.06 -41.47
N LEU B 165 -7.65 5.28 -42.53
CA LEU B 165 -6.51 5.53 -43.41
C LEU B 165 -6.61 6.90 -44.07
N GLU B 166 -7.79 7.26 -44.60
CA GLU B 166 -7.95 8.56 -45.24
C GLU B 166 -7.76 9.69 -44.24
N ASP B 167 -8.37 9.56 -43.06
CA ASP B 167 -8.29 10.61 -42.05
C ASP B 167 -6.86 10.80 -41.55
N SER B 168 -6.04 9.76 -41.61
CA SER B 168 -4.69 9.82 -41.05
C SER B 168 -3.64 10.24 -42.08
N GLY B 169 -4.03 10.57 -43.31
CA GLY B 169 -3.08 11.05 -44.29
C GLY B 169 -2.36 9.98 -45.10
N VAL B 170 -2.91 8.77 -45.16
CA VAL B 170 -2.32 7.71 -45.97
C VAL B 170 -3.39 7.05 -46.83
N PRO B 171 -4.09 7.81 -47.69
CA PRO B 171 -5.16 7.19 -48.49
C PRO B 171 -4.64 6.22 -49.53
N GLY B 172 -3.40 6.40 -49.99
CA GLY B 172 -2.84 5.58 -51.04
C GLY B 172 -2.50 4.16 -50.67
N ILE B 173 -2.59 3.78 -49.40
CA ILE B 173 -2.15 2.47 -48.95
C ILE B 173 -3.37 1.67 -48.49
N ASP B 174 -3.39 0.40 -48.88
CA ASP B 174 -4.47 -0.51 -48.53
C ASP B 174 -4.34 -0.97 -47.08
N ALA B 175 -5.49 -1.27 -46.46
CA ALA B 175 -5.50 -1.67 -45.05
C ALA B 175 -4.71 -2.95 -44.82
N GLY B 176 -4.61 -3.81 -45.82
CA GLY B 176 -3.80 -5.01 -45.70
C GLY B 176 -2.32 -4.73 -45.82
N ASP B 177 -1.94 -3.89 -46.80
CA ASP B 177 -0.53 -3.62 -47.05
C ASP B 177 0.12 -2.95 -45.85
N LEU B 178 -0.42 -1.83 -45.41
CA LEU B 178 -0.14 -1.36 -44.07
C LEU B 178 -0.57 -2.45 -43.11
N VAL B 179 0.33 -2.85 -42.20
CA VAL B 179 0.22 -3.97 -41.25
C VAL B 179 1.00 -5.18 -41.75
N ASN B 180 0.62 -5.72 -42.91
CA ASN B 180 1.17 -6.99 -43.36
C ASN B 180 2.13 -6.89 -44.54
N LEU B 181 2.31 -5.72 -45.13
CA LEU B 181 3.32 -5.49 -46.16
C LEU B 181 4.17 -4.29 -45.75
N PRO B 182 5.01 -4.43 -44.73
CA PRO B 182 5.82 -3.29 -44.29
C PRO B 182 6.84 -2.90 -45.34
N GLU B 183 7.32 -1.65 -45.24
CA GLU B 183 8.39 -1.18 -46.11
C GLU B 183 9.66 -1.99 -45.87
N ARG B 184 10.01 -2.20 -44.61
CA ARG B 184 11.14 -3.02 -44.21
C ARG B 184 10.72 -3.81 -42.99
N SER B 185 11.20 -5.05 -42.85
CA SER B 185 10.80 -5.85 -41.72
C SER B 185 11.95 -6.74 -41.25
N LEU B 186 12.16 -6.78 -39.94
CA LEU B 186 13.08 -7.71 -39.31
C LEU B 186 12.26 -8.83 -38.67
N VAL B 187 12.35 -10.02 -39.23
CA VAL B 187 11.59 -11.17 -38.75
C VAL B 187 12.44 -11.93 -37.75
N LEU B 188 12.00 -11.95 -36.51
CA LEU B 188 12.81 -12.46 -35.41
C LEU B 188 12.68 -13.97 -35.23
N VAL B 189 12.60 -14.69 -36.35
CA VAL B 189 12.59 -16.15 -36.34
C VAL B 189 13.52 -16.64 -37.43
N PRO B 190 14.06 -17.84 -37.28
CA PRO B 190 14.87 -18.42 -38.37
C PRO B 190 13.99 -18.78 -39.55
N ARG B 191 14.63 -18.90 -40.72
CA ARG B 191 13.88 -19.22 -41.93
C ARG B 191 13.21 -20.58 -41.83
N PHE B 192 13.80 -21.52 -41.09
CA PHE B 192 13.19 -22.85 -40.98
C PHE B 192 11.97 -22.87 -40.08
N LEU B 193 11.66 -21.77 -39.40
CA LEU B 193 10.41 -21.64 -38.64
C LEU B 193 9.40 -20.74 -39.35
N GLN B 194 9.66 -20.36 -40.60
CA GLN B 194 8.74 -19.56 -41.39
C GLN B 194 8.03 -20.45 -42.38
N PRO B 195 6.71 -20.64 -42.27
CA PRO B 195 6.01 -21.46 -43.27
C PRO B 195 6.07 -20.79 -44.63
N ASP B 196 6.30 -21.62 -45.66
CA ASP B 196 6.37 -21.16 -47.05
C ASP B 196 7.33 -19.97 -47.19
N ALA B 197 8.55 -20.16 -46.70
CA ALA B 197 9.57 -19.12 -46.81
C ALA B 197 9.88 -18.78 -48.26
N ASP B 198 9.51 -19.65 -49.21
CA ASP B 198 9.70 -19.35 -50.62
C ASP B 198 8.93 -18.10 -51.03
N ASP B 199 7.72 -17.94 -50.51
CA ASP B 199 6.82 -16.87 -50.93
C ASP B 199 7.11 -15.55 -50.22
N VAL B 200 8.08 -15.52 -49.32
CA VAL B 200 8.44 -14.30 -48.61
C VAL B 200 9.49 -13.56 -49.41
N ASP B 201 9.19 -12.31 -49.77
CA ASP B 201 10.12 -11.49 -50.53
C ASP B 201 11.19 -10.97 -49.56
N GLU B 202 12.39 -11.53 -49.66
CA GLU B 202 13.46 -11.18 -48.73
C GLU B 202 14.15 -9.87 -49.10
N LYS B 203 13.73 -9.22 -50.18
CA LYS B 203 14.08 -7.82 -50.38
C LYS B 203 13.41 -6.95 -49.33
N ARG B 204 12.25 -7.40 -48.85
CA ARG B 204 11.43 -6.69 -47.88
C ARG B 204 11.58 -7.22 -46.46
N PHE B 205 11.57 -8.55 -46.29
CA PHE B 205 11.64 -9.19 -44.98
C PHE B 205 13.01 -9.80 -44.78
N THR B 206 13.61 -9.59 -43.62
CA THR B 206 14.88 -10.21 -43.27
C THR B 206 14.69 -11.17 -42.11
N PHE B 207 15.07 -12.43 -42.31
CA PHE B 207 15.00 -13.44 -41.25
C PHE B 207 16.23 -13.30 -40.37
N ILE B 208 16.01 -12.82 -39.14
CA ILE B 208 17.08 -12.51 -38.19
C ILE B 208 17.28 -13.67 -37.24
N GLY B 209 16.22 -14.42 -36.96
CA GLY B 209 16.23 -15.33 -35.85
C GLY B 209 16.03 -14.56 -34.57
N PRO B 210 16.08 -15.26 -33.43
CA PRO B 210 15.90 -14.57 -32.15
C PRO B 210 17.05 -13.61 -31.86
N CYS B 211 16.72 -12.54 -31.15
CA CYS B 211 17.73 -11.58 -30.72
C CYS B 211 18.05 -11.90 -29.26
N LEU B 212 19.22 -12.50 -29.05
CA LEU B 212 19.64 -12.99 -27.74
C LEU B 212 20.65 -12.03 -27.13
N GLY B 213 20.74 -12.07 -25.80
CA GLY B 213 21.61 -11.19 -25.03
C GLY B 213 21.92 -11.60 -23.60
N ARG B 214 22.78 -12.62 -23.43
CA ARG B 214 23.27 -13.06 -22.12
C ARG B 214 22.28 -13.97 -21.40
N ARG B 215 22.78 -14.84 -20.52
CA ARG B 215 21.95 -15.84 -19.85
C ARG B 215 20.84 -15.16 -19.07
N ALA B 216 19.70 -15.86 -18.96
CA ALA B 216 18.52 -15.23 -18.35
C ALA B 216 18.65 -15.04 -16.84
N HIS B 217 19.67 -15.61 -16.21
CA HIS B 217 19.90 -15.48 -14.76
C HIS B 217 18.66 -16.09 -14.10
N GLN B 218 17.90 -15.35 -13.31
CA GLN B 218 16.58 -15.73 -12.81
C GLN B 218 16.61 -16.96 -11.89
N GLY B 219 17.78 -17.44 -11.53
CA GLY B 219 17.87 -18.60 -10.67
C GLY B 219 18.17 -19.87 -11.44
N ASP B 220 18.67 -20.85 -10.71
CA ASP B 220 19.01 -22.14 -11.26
C ASP B 220 18.08 -23.22 -10.74
N TRP B 221 17.90 -24.25 -11.56
CA TRP B 221 17.11 -25.42 -11.21
C TRP B 221 18.04 -26.62 -11.29
N LYS B 222 18.17 -27.33 -10.15
CA LYS B 222 19.04 -28.50 -10.10
C LYS B 222 18.18 -29.73 -10.29
N ARG B 223 18.60 -30.60 -11.18
CA ARG B 223 17.90 -31.86 -11.40
C ARG B 223 18.00 -32.73 -10.15
N PRO B 224 16.88 -33.23 -9.61
CA PRO B 224 16.95 -34.03 -8.39
C PRO B 224 17.79 -35.29 -8.59
N ALA B 225 18.67 -35.56 -7.64
CA ALA B 225 19.50 -36.75 -7.73
C ALA B 225 18.63 -38.00 -7.72
N GLY B 226 18.94 -38.93 -8.62
CA GLY B 226 18.09 -40.08 -8.85
C GLY B 226 17.14 -39.92 -10.01
N ALA B 227 17.18 -38.79 -10.71
CA ALA B 227 16.37 -38.55 -11.90
C ALA B 227 17.30 -38.55 -13.10
N GLU B 228 17.25 -39.62 -13.89
CA GLU B 228 18.11 -39.70 -15.06
C GLU B 228 17.65 -38.77 -16.17
N LYS B 229 16.33 -38.62 -16.34
CA LYS B 229 15.78 -37.77 -17.40
C LYS B 229 14.71 -36.86 -16.81
N VAL B 230 14.59 -35.65 -17.36
CA VAL B 230 13.65 -34.63 -16.90
C VAL B 230 12.75 -34.19 -18.03
N ALA B 231 11.47 -34.04 -17.74
CA ALA B 231 10.48 -33.51 -18.66
C ALA B 231 9.89 -32.22 -18.10
N LEU B 232 9.68 -31.24 -18.98
CA LEU B 232 9.03 -30.00 -18.63
C LEU B 232 7.74 -29.86 -19.43
N VAL B 233 6.63 -29.64 -18.73
CA VAL B 233 5.35 -29.38 -19.36
C VAL B 233 4.98 -27.94 -19.04
N SER B 234 4.93 -27.10 -20.06
CA SER B 234 4.66 -25.68 -19.85
C SER B 234 3.89 -25.15 -21.06
N LEU B 235 2.58 -24.98 -20.89
CA LEU B 235 1.69 -24.43 -21.90
C LEU B 235 1.51 -22.92 -21.70
N GLY B 236 2.60 -22.21 -21.44
CA GLY B 236 2.51 -20.83 -21.01
C GLY B 236 2.26 -19.74 -22.03
N SER B 237 1.23 -19.88 -22.87
CA SER B 237 0.85 -18.78 -23.76
C SER B 237 -0.11 -17.86 -23.01
N HIS B 238 -1.27 -18.41 -22.68
CA HIS B 238 -2.30 -17.84 -21.82
C HIS B 238 -3.27 -18.98 -21.50
N LEU B 239 -3.84 -19.59 -22.55
CA LEU B 239 -4.74 -20.71 -22.42
C LEU B 239 -4.19 -21.85 -21.56
N THR B 240 -3.80 -21.55 -20.31
CA THR B 240 -3.39 -22.56 -19.35
C THR B 240 -4.56 -23.08 -18.53
N ASN B 241 -5.75 -23.11 -19.12
CA ASN B 241 -6.98 -23.40 -18.40
C ASN B 241 -7.45 -24.83 -18.65
N GLN B 242 -6.57 -25.79 -18.39
CA GLN B 242 -6.88 -27.19 -18.61
C GLN B 242 -6.62 -27.94 -17.30
N LEU B 243 -7.21 -29.12 -17.18
CA LEU B 243 -6.97 -29.89 -15.96
C LEU B 243 -6.87 -31.40 -16.25
N PRO B 244 -7.69 -31.96 -17.15
CA PRO B 244 -7.52 -33.39 -17.47
C PRO B 244 -6.15 -33.75 -18.03
N PHE B 245 -5.57 -32.90 -18.87
CA PHE B 245 -4.24 -33.18 -19.43
C PHE B 245 -3.17 -33.21 -18.34
N TYR B 246 -3.25 -32.29 -17.37
CA TYR B 246 -2.23 -32.23 -16.32
C TYR B 246 -2.20 -33.52 -15.49
N GLU B 247 -3.37 -34.05 -15.11
CA GLU B 247 -3.36 -35.32 -14.40
C GLU B 247 -2.92 -36.46 -15.31
N THR B 248 -3.27 -36.40 -16.59
CA THR B 248 -2.77 -37.39 -17.55
C THR B 248 -1.25 -37.41 -17.54
N CYS B 249 -0.64 -36.22 -17.44
CA CYS B 249 0.81 -36.13 -17.30
C CYS B 249 1.26 -36.78 -16.00
N VAL B 250 0.51 -36.54 -14.92
CA VAL B 250 0.86 -37.15 -13.64
C VAL B 250 0.78 -38.66 -13.73
N GLU B 251 -0.27 -39.19 -14.37
CA GLU B 251 -0.36 -40.65 -14.53
C GLU B 251 0.80 -41.19 -15.35
N VAL B 252 1.25 -40.45 -16.36
CA VAL B 252 2.34 -40.93 -17.20
C VAL B 252 3.65 -40.90 -16.41
N PHE B 253 3.96 -39.76 -15.83
CA PHE B 253 5.22 -39.60 -15.11
C PHE B 253 5.18 -40.22 -13.72
N ALA B 254 4.00 -40.53 -13.19
CA ALA B 254 3.88 -41.61 -12.22
C ALA B 254 4.03 -42.93 -12.97
N ALA B 255 5.13 -43.62 -12.70
CA ALA B 255 5.78 -44.63 -13.54
C ALA B 255 6.95 -43.83 -14.10
N LEU B 256 7.77 -44.40 -14.97
CA LEU B 256 9.00 -43.77 -15.41
C LEU B 256 9.70 -43.20 -14.19
N PRO B 257 9.97 -44.02 -13.15
CA PRO B 257 10.57 -43.47 -11.94
C PRO B 257 11.94 -42.86 -12.20
N ASP B 258 12.55 -43.20 -13.33
CA ASP B 258 13.81 -42.64 -13.77
C ASP B 258 13.64 -41.21 -14.29
N TRP B 259 12.40 -40.78 -14.52
CA TRP B 259 12.05 -39.45 -15.00
C TRP B 259 11.53 -38.56 -13.88
N HIS B 260 11.84 -37.26 -13.94
CA HIS B 260 11.29 -36.26 -13.05
C HIS B 260 10.51 -35.24 -13.88
N LEU B 261 9.26 -35.00 -13.51
CA LEU B 261 8.38 -34.11 -14.26
C LEU B 261 8.27 -32.75 -13.56
N VAL B 262 8.48 -31.67 -14.32
CA VAL B 262 8.25 -30.31 -13.89
C VAL B 262 7.02 -29.79 -14.62
N LEU B 263 5.92 -29.64 -13.90
CA LEU B 263 4.61 -29.31 -14.46
C LEU B 263 4.26 -27.88 -14.09
N GLN B 264 4.21 -26.99 -15.09
CA GLN B 264 3.83 -25.60 -14.90
C GLN B 264 2.36 -25.44 -15.31
N ILE B 265 1.51 -25.08 -14.34
CA ILE B 265 0.07 -25.00 -14.60
C ILE B 265 -0.44 -23.59 -14.88
N GLY B 266 0.28 -22.55 -14.47
CA GLY B 266 -0.24 -21.23 -14.82
C GLY B 266 -1.03 -20.57 -13.71
N ARG B 267 -1.11 -19.23 -13.79
CA ARG B 267 -1.72 -18.38 -12.77
C ARG B 267 -3.14 -18.78 -12.38
N HIS B 268 -3.92 -19.28 -13.34
CA HIS B 268 -5.34 -19.51 -13.13
C HIS B 268 -5.64 -20.83 -12.45
N VAL B 269 -4.65 -21.69 -12.26
CA VAL B 269 -4.88 -23.06 -11.82
C VAL B 269 -3.95 -23.38 -10.67
N ASP B 270 -4.52 -23.94 -9.62
CA ASP B 270 -3.85 -24.33 -8.38
C ASP B 270 -4.85 -25.17 -7.62
N ALA B 271 -5.93 -25.53 -8.31
CA ALA B 271 -6.97 -26.37 -7.72
C ALA B 271 -6.61 -27.83 -7.90
N GLY B 272 -6.92 -28.62 -6.87
CA GLY B 272 -6.71 -30.05 -6.93
C GLY B 272 -5.31 -30.39 -7.38
N GLU B 273 -4.30 -30.00 -6.60
CA GLU B 273 -2.95 -30.36 -6.98
C GLU B 273 -2.77 -31.87 -6.91
N LEU B 274 -3.39 -32.51 -5.89
CA LEU B 274 -3.60 -33.95 -5.74
C LEU B 274 -3.47 -34.44 -4.29
N GLY B 275 -3.65 -35.75 -4.08
CA GLY B 275 -3.31 -36.39 -2.83
C GLY B 275 -1.95 -37.09 -2.93
N GLU B 276 -0.90 -36.45 -2.38
CA GLU B 276 0.47 -36.94 -2.35
C GLU B 276 1.01 -37.29 -3.73
N LEU B 277 1.62 -36.31 -4.43
CA LEU B 277 2.19 -36.61 -5.75
C LEU B 277 3.25 -37.68 -5.65
N PRO B 278 3.53 -38.36 -6.75
CA PRO B 278 4.71 -39.17 -6.81
C PRO B 278 5.91 -38.31 -6.49
N PRO B 279 6.95 -38.87 -5.89
CA PRO B 279 8.19 -38.10 -5.73
C PRO B 279 8.73 -37.59 -7.06
N ASN B 280 8.17 -38.12 -8.15
CA ASN B 280 8.59 -37.77 -9.50
C ASN B 280 8.16 -36.35 -9.88
N VAL B 281 6.95 -35.94 -9.49
CA VAL B 281 6.30 -34.76 -10.04
C VAL B 281 6.41 -33.59 -9.07
N GLU B 282 6.73 -32.42 -9.62
CA GLU B 282 6.69 -31.15 -8.90
C GLU B 282 5.90 -30.14 -9.74
N VAL B 283 4.96 -29.45 -9.10
CA VAL B 283 4.04 -28.56 -9.80
C VAL B 283 4.37 -27.11 -9.43
N HIS B 284 4.28 -26.22 -10.41
CA HIS B 284 4.51 -24.80 -10.21
C HIS B 284 3.48 -24.01 -11.00
N ASN B 285 3.23 -22.78 -10.54
CA ASN B 285 2.45 -21.83 -11.33
C ASN B 285 3.31 -21.14 -12.39
N TRP B 286 4.61 -20.98 -12.11
CA TRP B 286 5.53 -20.39 -13.06
C TRP B 286 6.89 -20.98 -12.77
N VAL B 287 7.67 -21.24 -13.81
CA VAL B 287 9.01 -21.81 -13.65
C VAL B 287 9.99 -20.98 -14.46
N PRO B 288 11.29 -21.04 -14.11
CA PRO B 288 12.31 -20.47 -14.98
C PRO B 288 12.51 -21.36 -16.20
N GLN B 289 11.80 -21.06 -17.28
CA GLN B 289 11.69 -21.99 -18.40
C GLN B 289 13.07 -22.32 -18.98
N LEU B 290 13.90 -21.30 -19.22
CA LEU B 290 15.24 -21.54 -19.75
C LEU B 290 16.10 -22.34 -18.77
N ALA B 291 15.91 -22.14 -17.47
CA ALA B 291 16.68 -22.89 -16.49
C ALA B 291 16.28 -24.36 -16.50
N VAL B 292 14.98 -24.65 -16.49
CA VAL B 292 14.52 -26.03 -16.53
C VAL B 292 14.90 -26.67 -17.86
N LEU B 293 14.76 -25.92 -18.96
CA LEU B 293 15.12 -26.43 -20.27
C LEU B 293 16.60 -26.79 -20.35
N GLU B 294 17.45 -26.18 -19.51
CA GLU B 294 18.86 -26.52 -19.48
C GLU B 294 19.06 -27.98 -19.09
N GLN B 295 18.17 -28.55 -18.29
CA GLN B 295 18.24 -29.93 -17.83
C GLN B 295 17.13 -30.81 -18.40
N ALA B 296 16.34 -30.29 -19.33
CA ALA B 296 15.20 -31.04 -19.84
C ALA B 296 15.63 -32.03 -20.92
N ASP B 297 14.94 -33.16 -20.97
CA ASP B 297 15.10 -34.12 -22.04
C ASP B 297 13.95 -34.10 -23.03
N VAL B 298 12.81 -33.52 -22.64
CA VAL B 298 11.68 -33.32 -23.53
C VAL B 298 10.90 -32.10 -23.03
N PHE B 299 10.21 -31.44 -23.95
CA PHE B 299 9.50 -30.20 -23.66
C PHE B 299 8.11 -30.30 -24.29
N VAL B 300 7.07 -30.23 -23.46
CA VAL B 300 5.69 -30.29 -23.92
C VAL B 300 5.12 -28.88 -23.90
N THR B 301 4.75 -28.36 -25.06
CA THR B 301 4.40 -26.95 -25.19
C THR B 301 3.21 -26.77 -26.12
N HIS B 302 2.64 -25.55 -26.08
CA HIS B 302 1.58 -25.20 -27.00
C HIS B 302 2.06 -25.17 -28.44
N GLY B 303 3.35 -24.90 -28.65
CA GLY B 303 3.84 -24.57 -29.97
C GLY B 303 3.84 -23.09 -30.26
N GLY B 304 3.72 -22.25 -29.25
CA GLY B 304 3.93 -20.82 -29.45
C GLY B 304 5.37 -20.54 -29.82
N MET B 305 5.58 -19.44 -30.55
CA MET B 305 6.90 -19.14 -31.07
C MET B 305 7.94 -18.96 -29.96
N GLY B 306 7.52 -18.38 -28.83
CA GLY B 306 8.47 -18.18 -27.74
C GLY B 306 8.98 -19.48 -27.16
N GLY B 307 8.07 -20.42 -26.89
CA GLY B 307 8.48 -21.70 -26.35
C GLY B 307 9.30 -22.51 -27.32
N ILE B 308 8.91 -22.53 -28.60
CA ILE B 308 9.61 -23.34 -29.58
C ILE B 308 11.05 -22.88 -29.76
N GLN B 309 11.26 -21.56 -29.82
CA GLN B 309 12.63 -21.06 -29.96
C GLN B 309 13.46 -21.35 -28.71
N GLU B 310 12.83 -21.38 -27.53
CA GLU B 310 13.56 -21.77 -26.33
C GLU B 310 13.92 -23.25 -26.35
N GLY B 311 13.03 -24.10 -26.88
CA GLY B 311 13.35 -25.50 -27.02
C GLY B 311 14.51 -25.72 -27.98
N LEU B 312 14.47 -25.04 -29.13
CA LEU B 312 15.56 -25.16 -30.11
C LEU B 312 16.88 -24.66 -29.53
N PHE B 313 16.85 -23.53 -28.83
CA PHE B 313 18.07 -22.99 -28.25
C PHE B 313 18.69 -23.96 -27.25
N SER B 314 17.85 -24.63 -26.47
CA SER B 314 18.33 -25.57 -25.46
C SER B 314 18.58 -26.97 -26.02
N GLY B 315 18.27 -27.20 -27.29
CA GLY B 315 18.43 -28.52 -27.86
C GLY B 315 17.57 -29.57 -27.19
N VAL B 316 16.31 -29.24 -26.96
CA VAL B 316 15.35 -30.11 -26.26
C VAL B 316 14.26 -30.49 -27.25
N PRO B 317 14.04 -31.78 -27.51
CA PRO B 317 12.94 -32.16 -28.41
C PRO B 317 11.61 -31.83 -27.79
N MET B 318 10.61 -31.63 -28.65
CA MET B 318 9.35 -31.09 -28.18
C MET B 318 8.16 -31.97 -28.53
N VAL B 319 7.23 -32.07 -27.59
CA VAL B 319 5.90 -32.61 -27.85
C VAL B 319 4.98 -31.40 -27.92
N VAL B 320 4.40 -31.18 -29.08
CA VAL B 320 3.68 -29.94 -29.36
C VAL B 320 2.19 -30.24 -29.36
N ALA B 321 1.43 -29.39 -28.67
CA ALA B 321 -0.02 -29.50 -28.57
C ALA B 321 -0.63 -28.18 -29.04
N PRO B 322 -0.73 -27.96 -30.34
CA PRO B 322 -1.18 -26.65 -30.83
C PRO B 322 -2.63 -26.38 -30.51
N GLN B 323 -2.93 -25.10 -30.24
CA GLN B 323 -4.28 -24.65 -29.93
C GLN B 323 -4.56 -23.28 -30.57
N ALA B 324 -3.82 -22.26 -30.13
CA ALA B 324 -4.06 -20.88 -30.56
C ALA B 324 -3.66 -20.70 -32.03
N ASN B 325 -3.88 -19.47 -32.52
CA ASN B 325 -3.78 -19.18 -33.95
C ASN B 325 -2.41 -19.50 -34.53
N ASP B 326 -1.35 -19.08 -33.84
CA ASP B 326 0.00 -19.23 -34.38
C ASP B 326 0.47 -20.69 -34.36
N GLN B 327 0.01 -21.46 -33.39
CA GLN B 327 0.57 -22.75 -33.01
C GLN B 327 0.46 -23.89 -34.03
N PRO B 328 -0.65 -24.03 -34.78
CA PRO B 328 -0.72 -25.19 -35.70
C PRO B 328 0.39 -25.19 -36.73
N ALA B 329 0.67 -24.04 -37.34
CA ALA B 329 1.78 -23.97 -38.30
C ALA B 329 3.12 -24.23 -37.62
N ASN B 330 3.29 -23.71 -36.41
CA ASN B 330 4.54 -23.96 -35.68
C ASN B 330 4.71 -25.43 -35.38
N ALA B 331 3.62 -26.12 -35.06
CA ALA B 331 3.69 -27.57 -34.84
C ALA B 331 4.13 -28.29 -36.10
N GLU B 332 3.62 -27.86 -37.26
CA GLU B 332 4.02 -28.48 -38.52
C GLU B 332 5.49 -28.28 -38.77
N SER B 333 6.02 -27.10 -38.46
CA SER B 333 7.43 -26.82 -38.70
C SER B 333 8.32 -27.76 -37.90
N VAL B 334 8.12 -27.83 -36.59
CA VAL B 334 8.99 -28.64 -35.75
C VAL B 334 8.82 -30.12 -36.06
N VAL B 335 7.61 -30.55 -36.45
CA VAL B 335 7.45 -31.93 -36.89
C VAL B 335 8.21 -32.16 -38.19
N GLY B 336 8.10 -31.24 -39.14
CA GLY B 336 8.82 -31.38 -40.40
C GLY B 336 10.33 -31.37 -40.25
N LEU B 337 10.84 -30.71 -39.20
CA LEU B 337 12.27 -30.70 -38.91
C LEU B 337 12.75 -31.97 -38.23
N GLY B 338 11.85 -32.87 -37.86
CA GLY B 338 12.24 -34.12 -37.22
C GLY B 338 12.71 -33.98 -35.79
N ILE B 339 12.15 -33.02 -35.05
CA ILE B 339 12.56 -32.81 -33.66
C ILE B 339 11.34 -32.78 -32.75
N ALA B 340 10.18 -33.21 -33.25
CA ALA B 340 8.97 -33.03 -32.48
C ALA B 340 7.92 -34.07 -32.83
N ARG B 341 6.93 -34.19 -31.94
CA ARG B 341 5.74 -35.00 -32.12
C ARG B 341 4.54 -34.10 -31.83
N ARG B 342 3.50 -34.20 -32.64
CA ARG B 342 2.29 -33.42 -32.44
C ARG B 342 1.22 -34.27 -31.76
N ILE B 343 0.51 -33.68 -30.80
CA ILE B 343 -0.57 -34.35 -30.09
C ILE B 343 -1.77 -33.42 -30.01
N ASP B 344 -2.94 -34.02 -29.79
CA ASP B 344 -4.20 -33.30 -29.56
C ASP B 344 -4.63 -33.52 -28.11
N ILE B 345 -4.85 -32.42 -27.39
CA ILE B 345 -5.14 -32.49 -25.96
C ILE B 345 -6.38 -33.33 -25.69
N ALA B 346 -7.38 -33.28 -26.58
CA ALA B 346 -8.61 -34.02 -26.35
C ALA B 346 -8.39 -35.54 -26.40
N THR B 347 -7.65 -36.02 -27.38
CA THR B 347 -7.57 -37.45 -27.68
C THR B 347 -6.28 -38.12 -27.22
N VAL B 348 -5.38 -37.38 -26.57
CA VAL B 348 -4.10 -37.95 -26.18
C VAL B 348 -4.30 -38.96 -25.05
N THR B 349 -3.69 -40.14 -25.19
CA THR B 349 -3.72 -41.18 -24.17
C THR B 349 -2.42 -41.23 -23.42
N PRO B 350 -2.44 -41.72 -22.18
CA PRO B 350 -1.19 -41.88 -21.44
C PRO B 350 -0.15 -42.75 -22.14
N ASP B 351 -0.56 -43.83 -22.80
CA ASP B 351 0.38 -44.71 -23.49
C ASP B 351 1.07 -43.98 -24.63
N ARG B 352 0.29 -43.24 -25.41
CA ARG B 352 0.83 -42.55 -26.57
C ARG B 352 1.78 -41.43 -26.18
N LEU B 353 1.36 -40.59 -25.22
CA LEU B 353 2.19 -39.52 -24.69
C LEU B 353 3.47 -40.06 -24.09
N ARG B 354 3.37 -41.19 -23.39
CA ARG B 354 4.55 -41.80 -22.77
C ARG B 354 5.54 -42.27 -23.84
N ALA B 355 5.04 -42.86 -24.92
CA ALA B 355 5.92 -43.31 -26.00
C ALA B 355 6.59 -42.13 -26.69
N ALA B 356 5.81 -41.08 -27.01
CA ALA B 356 6.38 -39.91 -27.66
C ALA B 356 7.46 -39.27 -26.79
N VAL B 357 7.22 -39.19 -25.48
CA VAL B 357 8.20 -38.58 -24.59
C VAL B 357 9.47 -39.43 -24.56
N VAL B 358 9.32 -40.74 -24.37
CA VAL B 358 10.49 -41.60 -24.20
C VAL B 358 11.24 -41.76 -25.52
N GLU B 359 10.52 -41.87 -26.64
CA GLU B 359 11.19 -42.03 -27.93
C GLU B 359 11.94 -40.76 -28.33
N LEU B 360 11.33 -39.59 -28.15
CA LEU B 360 12.00 -38.35 -28.49
C LEU B 360 13.27 -38.17 -27.67
N ALA B 361 13.20 -38.50 -26.38
CA ALA B 361 14.37 -38.31 -25.51
C ALA B 361 15.46 -39.34 -25.78
N SER B 362 15.08 -40.52 -26.28
CA SER B 362 16.03 -41.59 -26.49
C SER B 362 16.54 -41.70 -27.92
N ASP B 363 15.87 -41.05 -28.88
CA ASP B 363 16.24 -41.18 -30.29
C ASP B 363 17.52 -40.39 -30.55
N PRO B 364 18.62 -41.03 -30.93
CA PRO B 364 19.86 -40.28 -31.20
C PRO B 364 19.79 -39.42 -32.43
N ALA B 365 18.98 -39.80 -33.43
CA ALA B 365 18.83 -38.97 -34.62
C ALA B 365 18.15 -37.65 -34.28
N VAL B 366 17.20 -37.67 -33.35
CA VAL B 366 16.57 -36.43 -32.89
C VAL B 366 17.60 -35.52 -32.25
N ALA B 367 18.50 -36.08 -31.44
CA ALA B 367 19.52 -35.27 -30.81
C ALA B 367 20.43 -34.61 -31.85
N GLU B 368 20.79 -35.35 -32.90
CA GLU B 368 21.68 -34.80 -33.92
C GLU B 368 21.02 -33.65 -34.67
N ARG B 369 19.74 -33.81 -35.01
CA ARG B 369 19.03 -32.74 -35.72
C ARG B 369 18.94 -31.48 -34.87
N LEU B 370 18.73 -31.64 -33.56
CA LEU B 370 18.68 -30.49 -32.67
C LEU B 370 20.01 -29.75 -32.66
N SER B 371 21.12 -30.48 -32.61
CA SER B 371 22.43 -29.84 -32.65
C SER B 371 22.62 -29.09 -33.96
N GLY B 372 22.18 -29.70 -35.07
CA GLY B 372 22.27 -29.02 -36.35
C GLY B 372 21.42 -27.76 -36.40
N LEU B 373 20.21 -27.83 -35.86
CA LEU B 373 19.34 -26.66 -35.84
C LEU B 373 19.91 -25.57 -34.94
N ARG B 374 20.65 -25.95 -33.89
CA ARG B 374 21.30 -24.93 -33.06
C ARG B 374 22.30 -24.13 -33.88
N ARG B 375 23.07 -24.82 -34.73
CA ARG B 375 24.00 -24.11 -35.61
C ARG B 375 23.27 -23.25 -36.64
N GLU B 376 22.19 -23.78 -37.23
CA GLU B 376 21.43 -22.98 -38.19
C GLU B 376 20.82 -21.74 -37.53
N LEU B 377 20.41 -21.86 -36.27
CA LEU B 377 19.74 -20.75 -35.60
C LEU B 377 20.67 -19.55 -35.49
N ARG B 378 21.87 -19.76 -34.98
CA ARG B 378 22.78 -18.65 -34.75
C ARG B 378 23.23 -18.00 -36.07
N ALA B 379 23.20 -18.73 -37.18
CA ALA B 379 23.67 -18.26 -38.49
C ALA B 379 22.80 -17.17 -39.13
N HIS B 380 21.66 -16.81 -38.53
CA HIS B 380 20.79 -15.80 -39.13
C HIS B 380 21.23 -14.38 -38.82
N GLY B 381 22.17 -14.19 -37.89
CA GLY B 381 22.73 -12.89 -37.57
C GLY B 381 22.34 -12.36 -36.23
N GLY B 382 21.11 -12.64 -35.78
CA GLY B 382 20.66 -12.30 -34.45
C GLY B 382 20.71 -10.81 -34.14
N THR B 383 21.01 -10.52 -32.87
CA THR B 383 20.94 -9.15 -32.36
C THR B 383 21.85 -8.22 -33.14
N MET B 384 23.08 -8.66 -33.41
CA MET B 384 24.05 -7.78 -34.04
C MET B 384 23.68 -7.43 -35.47
N ARG B 385 23.18 -8.41 -36.24
CA ARG B 385 22.78 -8.11 -37.61
C ARG B 385 21.57 -7.16 -37.64
N ALA B 386 20.61 -7.38 -36.74
CA ALA B 386 19.45 -6.49 -36.68
C ALA B 386 19.88 -5.07 -36.32
N ALA B 387 20.80 -4.93 -35.36
CA ALA B 387 21.29 -3.60 -34.99
C ALA B 387 22.03 -2.95 -36.16
N ASP B 388 22.82 -3.74 -36.90
CA ASP B 388 23.53 -3.18 -38.05
C ASP B 388 22.55 -2.67 -39.10
N LEU B 389 21.48 -3.42 -39.34
CA LEU B 389 20.49 -2.99 -40.32
C LEU B 389 19.76 -1.72 -39.85
N ILE B 390 19.47 -1.63 -38.55
CA ILE B 390 18.81 -0.43 -38.04
C ILE B 390 19.73 0.79 -38.15
N GLU B 391 21.01 0.62 -37.78
CA GLU B 391 21.94 1.73 -37.87
C GLU B 391 22.16 2.20 -39.30
N ARG B 392 21.91 1.34 -40.28
CA ARG B 392 22.01 1.74 -41.68
C ARG B 392 21.04 2.86 -42.02
N GLN B 393 19.94 2.98 -41.27
CA GLN B 393 18.98 4.05 -41.53
C GLN B 393 19.38 5.37 -40.87
N LEU B 394 20.36 5.37 -39.96
CA LEU B 394 20.89 6.53 -39.26
C LEU B 394 22.00 7.22 -40.04
N PRO B 395 22.13 8.55 -39.90
CA PRO B 395 23.20 9.30 -40.56
C PRO B 395 24.57 9.01 -39.94
N PRO C 2 -9.55 13.81 48.06
CA PRO C 2 -9.51 12.69 49.01
C PRO C 2 -9.04 13.10 50.40
N ARG C 3 -9.91 12.94 51.39
CA ARG C 3 -9.62 13.12 52.81
C ARG C 3 -8.35 12.37 53.23
N PRO C 4 -7.72 12.73 54.38
CA PRO C 4 -6.41 12.15 54.76
C PRO C 4 -6.24 10.64 54.62
N GLY C 5 -6.53 9.88 55.67
CA GLY C 5 -6.33 8.46 55.60
C GLY C 5 -4.92 8.05 55.99
N HIS C 6 -4.78 6.79 56.38
CA HIS C 6 -3.54 6.24 56.91
C HIS C 6 -2.90 5.33 55.87
N ILE C 7 -1.72 5.71 55.41
CA ILE C 7 -0.93 4.94 54.45
C ILE C 7 0.30 4.38 55.16
N ALA C 8 0.51 3.07 55.06
CA ALA C 8 1.65 2.41 55.70
C ALA C 8 2.63 1.93 54.63
N MET C 9 3.86 2.44 54.68
CA MET C 9 4.94 2.00 53.82
C MET C 9 5.83 1.04 54.61
N VAL C 10 6.24 -0.06 53.97
CA VAL C 10 7.12 -1.05 54.58
C VAL C 10 8.28 -1.32 53.62
N SER C 11 9.50 -1.30 54.14
CA SER C 11 10.66 -1.60 53.30
C SER C 11 11.72 -2.31 54.14
N VAL C 12 12.91 -2.46 53.56
CA VAL C 12 14.02 -3.17 54.20
C VAL C 12 15.23 -2.23 54.19
N PRO C 13 16.22 -2.49 55.08
CA PRO C 13 17.37 -1.60 55.15
C PRO C 13 18.39 -1.76 54.02
N SER C 14 18.26 -2.78 53.18
CA SER C 14 19.18 -2.98 52.06
C SER C 14 19.20 -1.75 51.15
N ARG C 15 20.37 -1.46 50.58
CA ARG C 15 20.59 -0.16 49.96
C ARG C 15 19.72 0.08 48.74
N GLY C 16 19.40 -0.95 47.97
CA GLY C 16 18.60 -0.59 46.83
C GLY C 16 17.14 -0.30 47.12
N HIS C 17 16.70 -0.32 48.38
CA HIS C 17 15.28 -0.36 48.68
C HIS C 17 14.73 0.84 49.46
N LEU C 18 15.52 1.89 49.65
CA LEU C 18 15.04 3.08 50.35
C LEU C 18 14.89 4.28 49.43
N HIS C 19 15.96 4.64 48.72
CA HIS C 19 15.94 5.85 47.91
C HIS C 19 14.90 5.85 46.79
N PRO C 20 14.62 4.74 46.10
CA PRO C 20 13.68 4.83 44.96
C PRO C 20 12.31 5.38 45.32
N SER C 21 11.82 5.18 46.54
CA SER C 21 10.47 5.62 46.90
C SER C 21 10.44 6.83 47.84
N LEU C 22 11.60 7.40 48.20
CA LEU C 22 11.64 8.49 49.17
C LEU C 22 10.76 9.65 48.74
N GLU C 23 10.90 10.09 47.48
CA GLU C 23 10.11 11.22 46.99
C GLU C 23 8.64 10.87 46.89
N LEU C 24 8.31 9.60 46.63
CA LEU C 24 6.92 9.19 46.61
C LEU C 24 6.29 9.32 47.99
N ILE C 25 7.01 8.89 49.03
CA ILE C 25 6.49 9.01 50.39
C ILE C 25 6.38 10.48 50.78
N ARG C 26 7.38 11.29 50.43
CA ARG C 26 7.32 12.71 50.71
C ARG C 26 6.10 13.35 50.06
N GLU C 27 5.79 12.96 48.83
CA GLU C 27 4.61 13.51 48.16
C GLU C 27 3.33 13.12 48.88
N LEU C 28 3.23 11.86 49.32
CA LEU C 28 2.04 11.43 50.05
C LEU C 28 1.88 12.20 51.34
N VAL C 29 3.00 12.53 52.01
CA VAL C 29 2.93 13.36 53.20
C VAL C 29 2.43 14.76 52.86
N ALA C 30 2.94 15.34 51.77
CA ALA C 30 2.54 16.68 51.36
C ALA C 30 1.07 16.77 51.00
N ARG C 31 0.43 15.66 50.62
CA ARG C 31 -0.98 15.67 50.29
C ARG C 31 -1.88 15.57 51.51
N GLY C 32 -1.31 15.63 52.71
CA GLY C 32 -2.10 15.60 53.92
C GLY C 32 -2.39 14.24 54.47
N HIS C 33 -1.78 13.18 53.94
CA HIS C 33 -2.04 11.85 54.45
C HIS C 33 -1.17 11.58 55.68
N ARG C 34 -1.63 10.65 56.50
CA ARG C 34 -0.81 10.12 57.59
C ARG C 34 -0.04 8.93 57.05
N VAL C 35 1.28 9.06 56.97
CA VAL C 35 2.12 8.01 56.41
C VAL C 35 3.00 7.43 57.52
N THR C 36 2.87 6.12 57.74
CA THR C 36 3.77 5.40 58.62
C THR C 36 4.70 4.56 57.76
N TYR C 37 5.96 4.44 58.20
CA TYR C 37 6.99 3.78 57.43
C TYR C 37 7.71 2.78 58.32
N ALA C 38 7.50 1.50 58.08
CA ALA C 38 8.12 0.43 58.84
C ALA C 38 9.44 0.05 58.19
N ASN C 39 10.53 0.13 58.94
CA ASN C 39 11.84 -0.25 58.45
C ASN C 39 12.76 -0.45 59.66
N ASP C 40 13.94 -1.00 59.40
CA ASP C 40 14.92 -1.19 60.46
C ASP C 40 15.42 0.16 60.97
N PRO C 41 15.64 0.31 62.28
CA PRO C 41 16.11 1.59 62.80
C PRO C 41 17.45 2.03 62.25
N SER C 42 18.22 1.13 61.63
CA SER C 42 19.50 1.52 61.07
C SER C 42 19.37 2.57 59.98
N VAL C 43 18.19 2.70 59.38
CA VAL C 43 17.97 3.64 58.29
C VAL C 43 16.94 4.67 58.73
N ALA C 44 16.88 4.95 60.03
CA ALA C 44 15.90 5.91 60.53
C ALA C 44 16.09 7.29 59.92
N ALA C 45 17.33 7.67 59.61
CA ALA C 45 17.59 8.97 59.01
C ALA C 45 16.86 9.13 57.68
N ALA C 46 17.02 8.15 56.78
CA ALA C 46 16.35 8.24 55.49
C ALA C 46 14.83 8.19 55.64
N VAL C 47 14.33 7.35 56.55
CA VAL C 47 12.89 7.24 56.72
C VAL C 47 12.30 8.54 57.26
N THR C 48 12.90 9.09 58.33
CA THR C 48 12.34 10.30 58.92
C THR C 48 12.49 11.53 58.03
N GLU C 49 13.56 11.60 57.23
CA GLU C 49 13.73 12.73 56.32
C GLU C 49 12.58 12.80 55.33
N THR C 50 11.98 11.65 55.04
CA THR C 50 10.83 11.57 54.17
C THR C 50 9.62 12.30 54.75
N GLY C 51 9.59 12.50 56.08
CA GLY C 51 8.46 13.10 56.74
C GLY C 51 7.44 12.11 57.28
N ALA C 52 7.62 10.82 57.03
CA ALA C 52 6.71 9.81 57.53
C ALA C 52 7.04 9.41 58.97
N GLU C 53 6.07 8.75 59.58
CA GLU C 53 6.20 8.23 60.94
C GLU C 53 7.00 6.94 60.91
N LEU C 54 8.16 6.94 61.55
CA LEU C 54 8.99 5.74 61.56
C LEU C 54 8.38 4.67 62.46
N VAL C 55 8.21 3.47 61.92
CA VAL C 55 7.74 2.32 62.68
C VAL C 55 8.86 1.30 62.71
N PRO C 56 9.65 1.23 63.79
CA PRO C 56 10.83 0.38 63.78
C PRO C 56 10.50 -1.11 63.95
N TYR C 57 11.22 -1.93 63.19
CA TYR C 57 11.24 -3.38 63.36
C TYR C 57 12.67 -3.85 63.12
N THR C 58 13.01 -5.00 63.69
CA THR C 58 14.36 -5.53 63.60
C THR C 58 14.48 -6.41 62.38
N SER C 59 15.33 -6.02 61.44
CA SER C 59 15.52 -6.77 60.21
C SER C 59 16.52 -7.89 60.42
N ALA C 60 16.26 -9.02 59.77
CA ALA C 60 17.20 -10.14 59.75
C ALA C 60 18.13 -10.10 58.54
N LEU C 61 17.95 -9.15 57.64
CA LEU C 61 18.82 -9.05 56.47
C LEU C 61 20.18 -8.50 56.89
N PRO C 62 21.27 -9.01 56.31
CA PRO C 62 22.60 -8.63 56.78
C PRO C 62 22.95 -7.19 56.39
N SER C 63 23.56 -6.49 57.36
CA SER C 63 23.95 -5.09 57.18
C SER C 63 25.25 -4.96 56.40
N VAL C 71 25.90 -14.60 51.52
CA VAL C 71 26.44 -15.39 52.63
C VAL C 71 27.39 -16.47 52.09
N THR C 72 27.67 -16.39 50.79
CA THR C 72 28.58 -17.22 49.98
C THR C 72 27.87 -18.47 49.45
N ASP C 73 26.63 -18.75 49.85
CA ASP C 73 25.89 -19.89 49.35
C ASP C 73 24.50 -19.44 48.95
N GLN C 74 23.96 -20.03 47.88
CA GLN C 74 22.68 -19.59 47.34
C GLN C 74 21.51 -19.99 48.25
N ILE C 75 21.47 -21.26 48.64
CA ILE C 75 20.35 -21.74 49.47
C ILE C 75 20.36 -21.05 50.82
N ALA C 76 21.54 -20.82 51.39
CA ALA C 76 21.64 -20.10 52.66
C ALA C 76 21.16 -18.68 52.51
N GLN C 77 21.46 -18.03 51.39
CA GLN C 77 20.94 -16.68 51.16
C GLN C 77 19.42 -16.71 51.06
N MET C 78 18.86 -17.74 50.42
CA MET C 78 17.41 -17.88 50.39
C MET C 78 16.86 -18.08 51.81
N ASP C 79 17.61 -18.79 52.65
CA ASP C 79 17.18 -19.01 54.03
C ASP C 79 17.21 -17.72 54.83
N VAL C 80 18.19 -16.84 54.59
CA VAL C 80 18.23 -15.57 55.28
C VAL C 80 17.00 -14.73 54.94
N PHE C 81 16.61 -14.72 53.66
CA PHE C 81 15.41 -13.99 53.26
C PHE C 81 14.17 -14.57 53.93
N LEU C 82 14.04 -15.90 53.97
CA LEU C 82 12.89 -16.50 54.64
C LEU C 82 12.93 -16.21 56.14
N ASP C 83 14.11 -16.19 56.74
CA ASP C 83 14.22 -15.82 58.15
C ASP C 83 13.71 -14.40 58.38
N ASP C 84 14.07 -13.47 57.49
CA ASP C 84 13.61 -12.10 57.63
C ASP C 84 12.10 -12.01 57.48
N ALA C 85 11.53 -12.74 56.53
CA ALA C 85 10.08 -12.73 56.37
C ALA C 85 9.38 -13.29 57.60
N VAL C 86 9.91 -14.39 58.15
CA VAL C 86 9.31 -14.99 59.33
C VAL C 86 9.41 -14.04 60.51
N GLY C 87 10.54 -13.32 60.62
CA GLY C 87 10.71 -12.36 61.71
C GLY C 87 9.91 -11.09 61.51
N MET C 88 9.78 -10.64 60.25
CA MET C 88 9.14 -9.34 59.98
C MET C 88 7.65 -9.36 60.30
N LEU C 89 6.95 -10.43 59.92
CA LEU C 89 5.49 -10.44 60.00
C LEU C 89 4.96 -10.20 61.41
N PRO C 90 5.43 -10.87 62.47
CA PRO C 90 4.89 -10.58 63.80
C PRO C 90 5.17 -9.16 64.26
N GLN C 91 6.33 -8.62 63.90
CA GLN C 91 6.64 -7.24 64.29
C GLN C 91 5.69 -6.26 63.63
N LEU C 92 5.40 -6.46 62.34
CA LEU C 92 4.43 -5.62 61.65
C LEU C 92 3.03 -5.78 62.25
N ARG C 93 2.64 -7.01 62.57
CA ARG C 93 1.32 -7.24 63.15
C ARG C 93 1.17 -6.54 64.49
N ALA C 94 2.19 -6.61 65.34
CA ALA C 94 2.12 -5.97 66.64
C ALA C 94 1.99 -4.46 66.52
N ALA C 95 2.74 -3.87 65.59
CA ALA C 95 2.74 -2.41 65.43
C ALA C 95 1.39 -1.91 64.91
N TYR C 96 0.77 -2.65 64.00
CA TYR C 96 -0.42 -2.17 63.32
C TYR C 96 -1.72 -2.83 63.79
N GLU C 97 -1.66 -3.71 64.80
CA GLU C 97 -2.85 -4.46 65.19
C GLU C 97 -4.00 -3.53 65.57
N GLU C 98 -3.72 -2.49 66.34
CA GLU C 98 -4.77 -1.57 66.76
C GLU C 98 -4.74 -0.26 65.98
N ASP C 99 -3.91 -0.14 64.96
CA ASP C 99 -3.77 1.09 64.20
C ASP C 99 -3.67 0.75 62.72
N ARG C 100 -4.64 -0.02 62.23
CA ARG C 100 -4.54 -0.61 60.91
C ARG C 100 -4.66 0.46 59.82
N PRO C 101 -3.84 0.39 58.78
CA PRO C 101 -3.85 1.42 57.74
C PRO C 101 -4.92 1.15 56.69
N ASP C 102 -5.19 2.19 55.90
CA ASP C 102 -6.12 2.06 54.78
C ASP C 102 -5.51 1.28 53.63
N VAL C 103 -4.19 1.32 53.48
CA VAL C 103 -3.50 0.61 52.42
C VAL C 103 -2.09 0.31 52.89
N PHE C 104 -1.56 -0.83 52.45
CA PHE C 104 -0.18 -1.22 52.71
C PHE C 104 0.63 -1.02 51.44
N LEU C 105 1.66 -0.18 51.51
CA LEU C 105 2.67 -0.07 50.46
C LEU C 105 3.89 -0.85 50.92
N TYR C 106 4.45 -1.67 50.03
CA TYR C 106 5.59 -2.48 50.45
C TYR C 106 6.61 -2.63 49.34
N ASP C 107 7.88 -2.53 49.72
CA ASP C 107 8.97 -2.84 48.82
C ASP C 107 8.92 -4.33 48.47
N VAL C 108 9.58 -4.69 47.38
CA VAL C 108 9.52 -6.07 46.88
C VAL C 108 9.93 -7.06 47.98
N LEU C 109 10.93 -6.69 48.79
CA LEU C 109 11.42 -7.55 49.86
C LEU C 109 10.60 -7.41 51.15
N ALA C 110 9.56 -6.59 51.16
CA ALA C 110 8.70 -6.41 52.32
C ALA C 110 7.34 -7.07 52.12
N TYR C 111 7.30 -8.16 51.35
CA TYR C 111 6.08 -8.90 51.04
C TYR C 111 5.35 -9.46 52.27
N PRO C 112 5.99 -9.63 53.44
CA PRO C 112 5.17 -9.95 54.63
C PRO C 112 4.09 -8.92 54.91
N ALA C 113 4.26 -7.67 54.47
CA ALA C 113 3.18 -6.70 54.63
C ALA C 113 1.95 -7.10 53.82
N ARG C 114 2.14 -7.75 52.68
CA ARG C 114 1.00 -8.23 51.90
C ARG C 114 0.26 -9.33 52.65
N VAL C 115 0.99 -10.21 53.34
CA VAL C 115 0.36 -11.23 54.17
C VAL C 115 -0.53 -10.58 55.22
N LEU C 116 -0.01 -9.52 55.87
CA LEU C 116 -0.81 -8.79 56.84
C LEU C 116 -2.03 -8.16 56.19
N ALA C 117 -1.87 -7.62 54.97
CA ALA C 117 -2.98 -7.01 54.27
C ALA C 117 -4.04 -8.05 53.92
N MET C 118 -3.61 -9.24 53.51
CA MET C 118 -4.57 -10.31 53.22
C MET C 118 -5.28 -10.77 54.48
N ASN C 119 -4.58 -10.84 55.61
CA ASN C 119 -5.22 -11.24 56.86
C ASN C 119 -6.32 -10.27 57.26
N TRP C 120 -6.07 -8.97 57.06
CA TRP C 120 -6.99 -7.93 57.53
C TRP C 120 -7.88 -7.39 56.42
N GLY C 121 -7.83 -7.97 55.23
CA GLY C 121 -8.66 -7.48 54.13
C GLY C 121 -8.37 -6.05 53.76
N ILE C 122 -7.10 -5.66 53.74
CA ILE C 122 -6.67 -4.30 53.41
C ILE C 122 -5.97 -4.34 52.06
N PRO C 123 -6.19 -3.37 51.18
CA PRO C 123 -5.46 -3.35 49.91
C PRO C 123 -3.97 -3.15 50.12
N SER C 124 -3.18 -3.78 49.26
CA SER C 124 -1.74 -3.66 49.28
C SER C 124 -1.24 -3.35 47.88
N ILE C 125 -0.17 -2.56 47.81
CA ILE C 125 0.46 -2.20 46.55
C ILE C 125 1.96 -2.43 46.69
N GLN C 126 2.53 -3.25 45.81
CA GLN C 126 3.97 -3.46 45.80
C GLN C 126 4.67 -2.27 45.16
N ILE C 127 5.80 -1.88 45.73
CA ILE C 127 6.67 -0.84 45.18
C ILE C 127 7.96 -1.50 44.74
N SER C 128 8.14 -1.67 43.45
CA SER C 128 9.32 -2.39 42.95
C SER C 128 10.37 -1.40 42.50
N PRO C 129 11.56 -1.40 43.11
CA PRO C 129 12.62 -0.49 42.66
C PRO C 129 13.35 -0.94 41.42
N THR C 130 13.08 -2.14 40.92
CA THR C 130 13.70 -2.65 39.71
C THR C 130 12.64 -3.39 38.90
N TRP C 131 13.06 -4.00 37.79
CA TRP C 131 12.09 -4.66 36.93
C TRP C 131 11.49 -5.88 37.63
N VAL C 132 10.28 -6.23 37.20
CA VAL C 132 9.53 -7.30 37.81
C VAL C 132 9.66 -8.55 36.94
N MET C 133 9.25 -9.69 37.48
CA MET C 133 9.37 -10.97 36.78
C MET C 133 8.03 -11.51 36.33
N PRO C 134 7.70 -11.42 35.04
CA PRO C 134 6.42 -11.92 34.56
C PRO C 134 6.32 -13.43 34.66
N GLU C 135 5.10 -13.94 34.44
CA GLU C 135 4.86 -15.36 34.60
C GLU C 135 5.65 -16.20 33.62
N LYS C 136 5.95 -15.68 32.43
CA LYS C 136 6.81 -16.42 31.52
C LYS C 136 8.26 -16.41 31.99
N TYR C 137 8.69 -15.36 32.70
CA TYR C 137 10.02 -15.38 33.30
C TYR C 137 10.15 -16.50 34.32
N ARG C 138 9.11 -16.71 35.13
CA ARG C 138 9.16 -17.76 36.14
C ARG C 138 9.18 -19.14 35.49
N GLU C 139 8.45 -19.31 34.39
CA GLU C 139 8.43 -20.60 33.69
C GLU C 139 9.81 -20.96 33.15
N ARG C 140 10.56 -19.97 32.66
CA ARG C 140 11.91 -20.25 32.19
C ARG C 140 12.82 -20.67 33.33
N MET C 141 12.59 -20.15 34.53
CA MET C 141 13.40 -20.46 35.70
C MET C 141 12.89 -21.68 36.46
N ALA C 142 11.77 -22.25 36.03
CA ALA C 142 11.23 -23.43 36.72
C ALA C 142 12.20 -24.62 36.74
N PRO C 143 12.99 -24.89 35.70
CA PRO C 143 14.01 -25.96 35.83
C PRO C 143 15.03 -25.69 36.92
N VAL C 144 15.47 -24.44 37.07
CA VAL C 144 16.40 -24.09 38.13
C VAL C 144 15.78 -24.36 39.50
N VAL C 145 14.49 -24.08 39.64
CA VAL C 145 13.82 -24.27 40.93
C VAL C 145 13.76 -25.75 41.29
N GLU C 146 13.38 -26.60 40.34
CA GLU C 146 13.33 -28.04 40.61
C GLU C 146 14.69 -28.60 40.98
N GLN C 147 15.75 -28.11 40.32
CA GLN C 147 17.10 -28.57 40.64
C GLN C 147 17.46 -28.23 42.09
N LEU C 148 17.03 -27.07 42.57
CA LEU C 148 17.24 -26.72 43.98
C LEU C 148 16.52 -27.68 44.90
N LYS C 149 15.33 -28.14 44.51
CA LYS C 149 14.54 -29.03 45.34
C LYS C 149 15.18 -30.40 45.51
N GLN C 150 16.08 -30.81 44.62
CA GLN C 150 16.82 -32.05 44.81
C GLN C 150 17.82 -31.94 45.96
N ASP C 151 18.38 -30.75 46.17
CA ASP C 151 19.30 -30.55 47.29
C ASP C 151 18.51 -30.67 48.59
N PRO C 152 19.00 -31.44 49.57
CA PRO C 152 18.27 -31.53 50.85
C PRO C 152 18.08 -30.18 51.53
N ARG C 153 19.07 -29.30 51.43
CA ARG C 153 18.92 -27.95 51.96
C ARG C 153 17.88 -27.16 51.16
N GLY C 154 17.90 -27.30 49.84
CA GLY C 154 16.91 -26.60 49.03
C GLY C 154 15.50 -27.08 49.29
N ALA C 155 15.32 -28.41 49.38
CA ALA C 155 13.98 -28.95 49.65
C ALA C 155 13.49 -28.50 51.03
N ALA C 156 14.39 -28.43 52.01
CA ALA C 156 14.00 -27.95 53.33
C ALA C 156 13.55 -26.49 53.28
N HIS C 157 14.23 -25.68 52.47
CA HIS C 157 13.87 -24.27 52.37
C HIS C 157 12.46 -24.11 51.84
N TYR C 158 12.16 -24.77 50.71
CA TYR C 158 10.82 -24.63 50.13
C TYR C 158 9.73 -25.24 50.99
N ARG C 159 10.03 -26.28 51.78
CA ARG C 159 9.03 -26.80 52.71
C ARG C 159 8.76 -25.78 53.81
N ARG C 160 9.83 -25.15 54.32
CA ARG C 160 9.66 -24.15 55.37
C ARG C 160 8.89 -22.94 54.87
N PHE C 161 9.13 -22.54 53.61
CA PHE C 161 8.39 -21.41 53.05
C PHE C 161 6.89 -21.73 52.97
N ASP C 162 6.55 -22.92 52.45
CA ASP C 162 5.14 -23.30 52.38
C ASP C 162 4.54 -23.45 53.78
N ALA C 163 5.31 -23.97 54.73
CA ALA C 163 4.80 -24.08 56.09
C ALA C 163 4.54 -22.71 56.70
N TRP C 164 5.43 -21.75 56.42
CA TRP C 164 5.21 -20.39 56.90
C TRP C 164 3.96 -19.77 56.28
N LEU C 165 3.72 -20.04 55.00
CA LEU C 165 2.52 -19.53 54.34
C LEU C 165 1.25 -20.07 55.00
N GLU C 166 1.19 -21.38 55.23
CA GLU C 166 0.03 -21.96 55.90
C GLU C 166 -0.08 -21.46 57.33
N ASP C 167 1.06 -21.37 58.02
CA ASP C 167 1.04 -20.95 59.42
C ASP C 167 0.56 -19.50 59.55
N SER C 168 0.73 -18.69 58.51
CA SER C 168 0.39 -17.28 58.54
C SER C 168 -1.02 -16.99 58.02
N GLY C 169 -1.79 -18.01 57.67
CA GLY C 169 -3.15 -17.79 57.25
C GLY C 169 -3.34 -17.49 55.78
N VAL C 170 -2.38 -17.81 54.92
CA VAL C 170 -2.54 -17.62 53.48
C VAL C 170 -2.15 -18.88 52.72
N PRO C 171 -2.75 -20.05 53.00
CA PRO C 171 -2.34 -21.26 52.28
C PRO C 171 -2.75 -21.28 50.81
N GLY C 172 -3.79 -20.55 50.43
CA GLY C 172 -4.28 -20.57 49.06
C GLY C 172 -3.36 -19.91 48.05
N ILE C 173 -2.29 -19.25 48.49
CA ILE C 173 -1.36 -18.57 47.60
C ILE C 173 -0.03 -19.29 47.65
N ASP C 174 0.56 -19.54 46.48
CA ASP C 174 1.84 -20.20 46.39
C ASP C 174 2.97 -19.21 46.67
N ALA C 175 4.09 -19.74 47.17
CA ALA C 175 5.21 -18.90 47.59
C ALA C 175 5.76 -18.05 46.46
N GLY C 176 5.62 -18.49 45.21
CA GLY C 176 6.06 -17.65 44.10
C GLY C 176 5.12 -16.50 43.83
N ASP C 177 3.80 -16.75 43.86
CA ASP C 177 2.83 -15.71 43.54
C ASP C 177 2.90 -14.57 44.56
N LEU C 178 2.73 -14.88 45.84
CA LEU C 178 3.18 -13.96 46.87
C LEU C 178 4.66 -13.69 46.66
N VAL C 179 5.03 -12.41 46.65
CA VAL C 179 6.37 -11.88 46.36
C VAL C 179 6.41 -11.36 44.93
N ASN C 180 6.22 -12.23 43.95
CA ASN C 180 6.44 -11.88 42.55
C ASN C 180 5.18 -11.74 41.71
N LEU C 181 4.00 -12.02 42.25
CA LEU C 181 2.74 -11.72 41.58
C LEU C 181 1.86 -10.91 42.53
N PRO C 182 2.22 -9.65 42.77
CA PRO C 182 1.44 -8.83 43.69
C PRO C 182 0.06 -8.53 43.13
N GLU C 183 -0.85 -8.18 44.04
CA GLU C 183 -2.20 -7.77 43.63
C GLU C 183 -2.14 -6.50 42.78
N ARG C 184 -1.37 -5.52 43.22
CA ARG C 184 -1.09 -4.30 42.48
C ARG C 184 0.37 -3.92 42.71
N SER C 185 1.01 -3.37 41.69
CA SER C 185 2.43 -3.04 41.77
C SER C 185 2.73 -1.77 41.00
N LEU C 186 3.52 -0.89 41.62
CA LEU C 186 4.06 0.29 40.97
C LEU C 186 5.54 0.01 40.68
N VAL C 187 5.88 -0.13 39.41
CA VAL C 187 7.24 -0.44 38.99
C VAL C 187 7.97 0.85 38.69
N LEU C 188 8.97 1.18 39.51
CA LEU C 188 9.65 2.47 39.42
C LEU C 188 10.78 2.47 38.40
N VAL C 189 10.56 1.83 37.25
CA VAL C 189 11.50 1.87 36.14
C VAL C 189 10.67 2.17 34.89
N PRO C 190 11.24 2.75 33.84
CA PRO C 190 10.50 2.89 32.59
C PRO C 190 10.33 1.55 31.91
N ARG C 191 9.37 1.48 31.00
CA ARG C 191 9.12 0.23 30.31
C ARG C 191 10.34 -0.22 29.52
N PHE C 192 11.16 0.72 29.02
CA PHE C 192 12.33 0.31 28.24
C PHE C 192 13.45 -0.25 29.11
N LEU C 193 13.34 -0.21 30.43
CA LEU C 193 14.29 -0.89 31.31
C LEU C 193 13.70 -2.18 31.89
N GLN C 194 12.54 -2.61 31.40
CA GLN C 194 11.92 -3.84 31.86
C GLN C 194 12.15 -4.93 30.84
N PRO C 195 12.92 -5.97 31.15
CA PRO C 195 13.09 -7.08 30.20
C PRO C 195 11.77 -7.81 29.99
N ASP C 196 11.53 -8.18 28.73
CA ASP C 196 10.33 -8.92 28.34
C ASP C 196 9.08 -8.21 28.84
N ALA C 197 9.01 -6.90 28.58
CA ALA C 197 7.84 -6.12 28.99
C ALA C 197 6.56 -6.62 28.32
N ASP C 198 6.68 -7.41 27.26
CA ASP C 198 5.51 -7.99 26.59
C ASP C 198 4.73 -8.89 27.54
N ASP C 199 5.42 -9.69 28.35
CA ASP C 199 4.76 -10.65 29.21
C ASP C 199 4.24 -10.05 30.50
N VAL C 200 4.45 -8.76 30.73
CA VAL C 200 4.01 -8.11 31.96
C VAL C 200 2.59 -7.59 31.76
N ASP C 201 1.67 -8.06 32.60
CA ASP C 201 0.27 -7.64 32.54
C ASP C 201 0.15 -6.26 33.20
N GLU C 202 -0.07 -5.22 32.40
CA GLU C 202 -0.11 -3.88 32.93
C GLU C 202 -1.44 -3.51 33.58
N LYS C 203 -2.41 -4.43 33.62
CA LYS C 203 -3.54 -4.27 34.55
C LYS C 203 -3.07 -4.41 35.99
N ARG C 204 -2.00 -5.16 36.20
CA ARG C 204 -1.43 -5.44 37.51
C ARG C 204 -0.21 -4.59 37.84
N PHE C 205 0.71 -4.43 36.88
CA PHE C 205 1.94 -3.66 37.06
C PHE C 205 1.83 -2.36 36.29
N THR C 206 2.19 -1.25 36.92
CA THR C 206 2.23 0.05 36.25
C THR C 206 3.67 0.53 36.22
N PHE C 207 4.16 0.83 35.02
CA PHE C 207 5.52 1.37 34.85
C PHE C 207 5.48 2.87 35.14
N ILE C 208 6.08 3.26 36.25
CA ILE C 208 6.01 4.64 36.73
C ILE C 208 7.26 5.41 36.32
N GLY C 209 8.38 4.71 36.18
CA GLY C 209 9.65 5.37 36.08
C GLY C 209 10.11 5.84 37.46
N PRO C 210 11.25 6.51 37.52
CA PRO C 210 11.75 6.97 38.82
C PRO C 210 10.84 8.03 39.41
N CYS C 211 10.80 8.07 40.73
CA CYS C 211 10.03 9.09 41.44
C CYS C 211 11.00 10.16 41.91
N LEU C 212 10.98 11.29 41.22
CA LEU C 212 11.90 12.39 41.46
C LEU C 212 11.20 13.51 42.22
N GLY C 213 11.99 14.35 42.87
CA GLY C 213 11.45 15.44 43.66
C GLY C 213 12.45 16.55 43.97
N ARG C 214 12.83 17.33 42.95
CA ARG C 214 13.66 18.53 43.10
C ARG C 214 15.13 18.18 43.28
N ARG C 215 16.00 19.15 43.00
CA ARG C 215 17.44 18.92 42.95
C ARG C 215 17.94 18.33 44.26
N ALA C 216 18.85 17.36 44.14
CA ALA C 216 19.32 16.61 45.29
C ALA C 216 20.36 17.35 46.13
N HIS C 217 20.92 18.45 45.62
CA HIS C 217 21.94 19.26 46.33
C HIS C 217 23.18 18.43 46.62
N GLN C 218 23.60 18.26 47.86
CA GLN C 218 24.77 17.51 48.30
C GLN C 218 26.07 18.15 47.84
N GLY C 219 26.01 19.38 47.34
CA GLY C 219 27.20 20.07 46.86
C GLY C 219 27.31 20.07 45.35
N ASP C 220 28.15 20.97 44.86
CA ASP C 220 28.40 21.12 43.43
C ASP C 220 29.81 20.62 43.11
N TRP C 221 29.97 20.08 41.90
CA TRP C 221 31.26 19.61 41.44
C TRP C 221 31.64 20.39 40.20
N LYS C 222 32.81 21.03 40.23
CA LYS C 222 33.28 21.90 39.16
C LYS C 222 34.35 21.17 38.35
N ARG C 223 34.23 21.23 37.04
CA ARG C 223 35.20 20.64 36.13
C ARG C 223 36.57 21.31 36.28
N PRO C 224 37.63 20.57 36.58
CA PRO C 224 38.96 21.19 36.66
C PRO C 224 39.43 21.67 35.30
N ALA C 225 40.01 22.87 35.28
CA ALA C 225 40.48 23.46 34.02
C ALA C 225 41.53 22.57 33.36
N GLY C 226 41.41 22.43 32.04
CA GLY C 226 42.24 21.51 31.28
C GLY C 226 41.61 20.16 31.01
N ALA C 227 40.37 19.94 31.42
CA ALA C 227 39.67 18.69 31.19
C ALA C 227 38.55 18.91 30.17
N GLU C 228 38.77 18.43 28.94
CA GLU C 228 37.74 18.57 27.91
C GLU C 228 36.59 17.63 28.19
N LYS C 229 36.89 16.43 28.67
CA LYS C 229 35.88 15.43 28.96
C LYS C 229 36.12 14.86 30.36
N VAL C 230 35.03 14.47 31.01
CA VAL C 230 35.05 13.98 32.39
C VAL C 230 34.47 12.57 32.40
N ALA C 231 35.15 11.67 33.11
CA ALA C 231 34.69 10.30 33.30
C ALA C 231 34.45 10.05 34.78
N LEU C 232 33.35 9.36 35.08
CA LEU C 232 33.05 8.93 36.43
C LEU C 232 33.02 7.41 36.46
N VAL C 233 33.82 6.83 37.35
CA VAL C 233 33.83 5.40 37.59
C VAL C 233 33.30 5.18 39.00
N SER C 234 32.13 4.54 39.09
CA SER C 234 31.47 4.28 40.36
C SER C 234 30.66 3.00 40.17
N LEU C 235 31.12 1.90 40.79
CA LEU C 235 30.49 0.61 40.60
C LEU C 235 29.35 0.36 41.60
N GLY C 236 28.28 -0.26 41.13
CA GLY C 236 27.05 -0.41 41.89
C GLY C 236 27.01 -1.53 42.92
N SER C 237 28.15 -1.88 43.49
CA SER C 237 28.24 -2.83 44.58
C SER C 237 28.73 -2.12 45.84
N HIS C 238 28.58 -2.78 46.99
CA HIS C 238 29.13 -2.23 48.23
C HIS C 238 30.56 -2.69 48.46
N LEU C 239 30.74 -4.00 48.65
CA LEU C 239 32.07 -4.61 48.78
C LEU C 239 32.55 -4.99 47.38
N THR C 240 32.84 -3.96 46.59
CA THR C 240 33.18 -4.16 45.18
C THR C 240 34.57 -4.74 44.96
N ASN C 241 35.37 -4.93 46.01
CA ASN C 241 36.76 -5.42 45.98
C ASN C 241 37.42 -5.62 44.62
N GLN C 242 37.47 -4.59 43.77
CA GLN C 242 38.18 -4.67 42.49
C GLN C 242 39.21 -3.56 42.42
N LEU C 243 40.37 -3.83 43.00
CA LEU C 243 41.54 -2.98 42.94
C LEU C 243 42.24 -3.09 41.58
N PRO C 244 42.38 -4.30 41.00
CA PRO C 244 43.00 -4.37 39.67
C PRO C 244 42.27 -3.58 38.61
N PHE C 245 40.93 -3.59 38.63
CA PHE C 245 40.19 -2.78 37.66
C PHE C 245 40.45 -1.30 37.86
N TYR C 246 40.51 -0.84 39.12
CA TYR C 246 40.79 0.57 39.40
C TYR C 246 42.14 0.97 38.85
N GLU C 247 43.13 0.07 38.95
CA GLU C 247 44.44 0.33 38.38
C GLU C 247 44.39 0.41 36.86
N THR C 248 43.61 -0.47 36.22
CA THR C 248 43.40 -0.38 34.78
C THR C 248 42.76 0.94 34.39
N CYS C 249 41.80 1.43 35.20
CA CYS C 249 41.18 2.71 34.92
C CYS C 249 42.21 3.84 34.99
N VAL C 250 43.07 3.83 36.00
CA VAL C 250 44.12 4.85 36.12
C VAL C 250 45.10 4.74 34.96
N GLU C 251 45.47 3.51 34.59
CA GLU C 251 46.37 3.32 33.45
C GLU C 251 45.77 3.85 32.16
N VAL C 252 44.45 3.69 31.98
CA VAL C 252 43.81 4.15 30.75
C VAL C 252 43.79 5.68 30.69
N PHE C 253 43.29 6.32 31.74
CA PHE C 253 43.14 7.76 31.69
C PHE C 253 44.45 8.50 31.87
N ALA C 254 45.45 7.89 32.51
CA ALA C 254 46.83 8.32 32.30
C ALA C 254 47.33 7.82 30.95
N ALA C 255 47.12 8.64 29.90
CA ALA C 255 47.19 8.26 28.49
C ALA C 255 46.07 9.02 27.79
N LEU C 256 45.19 9.62 28.59
CA LEU C 256 44.07 10.43 28.12
C LEU C 256 44.18 11.81 28.78
N PRO C 257 45.27 12.54 28.54
CA PRO C 257 45.50 13.79 29.29
C PRO C 257 44.39 14.83 29.15
N ASP C 258 43.59 14.78 28.08
CA ASP C 258 42.48 15.70 27.92
C ASP C 258 41.24 15.25 28.67
N TRP C 259 41.26 14.05 29.23
CA TRP C 259 40.18 13.49 30.02
C TRP C 259 40.49 13.66 31.51
N HIS C 260 39.44 13.86 32.31
CA HIS C 260 39.56 13.88 33.75
C HIS C 260 38.75 12.74 34.33
N LEU C 261 39.40 11.90 35.13
CA LEU C 261 38.78 10.73 35.71
C LEU C 261 38.41 11.00 37.16
N VAL C 262 37.15 10.76 37.51
CA VAL C 262 36.67 10.81 38.89
C VAL C 262 36.43 9.37 39.31
N LEU C 263 37.29 8.85 40.16
CA LEU C 263 37.28 7.44 40.53
C LEU C 263 36.77 7.31 41.97
N GLN C 264 35.58 6.72 42.12
CA GLN C 264 35.00 6.44 43.42
C GLN C 264 35.26 4.97 43.77
N ILE C 265 36.03 4.73 44.82
CA ILE C 265 36.43 3.35 45.12
C ILE C 265 35.50 2.75 46.19
N GLY C 266 34.90 3.59 47.02
CA GLY C 266 33.92 3.06 47.96
C GLY C 266 34.49 2.63 49.30
N ARG C 267 33.98 3.24 50.38
CA ARG C 267 34.34 3.02 51.79
C ARG C 267 35.27 1.85 52.13
N HIS C 268 35.24 0.76 51.37
CA HIS C 268 36.01 -0.43 51.72
C HIS C 268 37.45 -0.42 51.20
N VAL C 269 37.83 0.53 50.35
CA VAL C 269 39.12 0.48 49.67
C VAL C 269 39.79 1.85 49.66
N ASP C 270 41.09 1.82 49.35
CA ASP C 270 42.04 2.92 49.22
C ASP C 270 43.45 2.38 49.39
N ALA C 271 43.61 1.06 49.33
CA ALA C 271 44.94 0.46 49.45
C ALA C 271 45.64 0.41 48.10
N GLY C 272 46.95 0.64 48.13
CA GLY C 272 47.80 0.50 46.96
C GLY C 272 47.29 1.18 45.70
N GLU C 273 47.11 2.50 45.75
CA GLU C 273 46.67 3.27 44.60
C GLU C 273 47.79 3.39 43.57
N LEU C 274 48.06 4.63 43.15
CA LEU C 274 49.28 4.99 42.44
C LEU C 274 50.14 5.94 43.26
N GLY C 275 49.63 6.36 44.42
CA GLY C 275 50.36 7.22 45.33
C GLY C 275 49.96 8.64 45.06
N GLU C 276 50.83 9.37 44.35
CA GLU C 276 50.52 10.74 43.98
C GLU C 276 49.41 10.80 42.94
N LEU C 277 49.26 9.73 42.15
CA LEU C 277 48.29 9.56 41.07
C LEU C 277 48.65 10.48 39.91
N PRO C 278 48.24 10.16 38.68
CA PRO C 278 48.39 11.11 37.59
C PRO C 278 47.63 12.38 37.88
N PRO C 279 48.08 13.51 37.33
CA PRO C 279 47.29 14.76 37.48
C PRO C 279 45.89 14.63 36.90
N ASN C 280 45.65 13.64 36.05
CA ASN C 280 44.34 13.43 35.45
C ASN C 280 43.32 12.92 36.45
N VAL C 281 43.74 12.05 37.36
CA VAL C 281 42.83 11.25 38.16
C VAL C 281 42.66 11.87 39.55
N GLU C 282 41.41 11.90 40.02
CA GLU C 282 41.09 12.28 41.39
C GLU C 282 40.25 11.15 41.99
N VAL C 283 40.60 10.74 43.20
CA VAL C 283 39.99 9.59 43.84
C VAL C 283 39.19 10.05 45.05
N HIS C 284 38.05 9.40 45.26
CA HIS C 284 37.21 9.65 46.42
C HIS C 284 36.71 8.32 46.96
N ASN C 285 36.39 8.29 48.25
CA ASN C 285 35.66 7.16 48.81
C ASN C 285 34.18 7.26 48.49
N TRP C 286 33.67 8.48 48.34
CA TRP C 286 32.30 8.74 47.96
C TRP C 286 32.24 10.08 47.22
N VAL C 287 31.41 10.15 46.20
CA VAL C 287 31.24 11.40 45.45
C VAL C 287 29.75 11.69 45.33
N PRO C 288 29.38 12.95 45.12
CA PRO C 288 27.98 13.24 44.77
C PRO C 288 27.68 12.85 43.33
N GLN C 289 27.12 11.65 43.16
CA GLN C 289 27.05 11.03 41.83
C GLN C 289 26.30 11.93 40.84
N LEU C 290 25.13 12.43 41.22
CA LEU C 290 24.36 13.29 40.33
C LEU C 290 25.11 14.58 40.01
N ALA C 291 25.89 15.09 40.96
CA ALA C 291 26.65 16.31 40.71
C ALA C 291 27.71 16.09 39.65
N VAL C 292 28.50 15.02 39.78
CA VAL C 292 29.53 14.71 38.79
C VAL C 292 28.89 14.37 37.46
N LEU C 293 27.78 13.61 37.48
CA LEU C 293 27.10 13.24 36.26
C LEU C 293 26.63 14.45 35.46
N GLU C 294 26.42 15.59 36.13
CA GLU C 294 26.07 16.81 35.43
C GLU C 294 27.15 17.24 34.44
N GLN C 295 28.41 16.92 34.74
CA GLN C 295 29.54 17.31 33.92
C GLN C 295 30.25 16.11 33.29
N ALA C 296 29.70 14.91 33.42
CA ALA C 296 30.36 13.72 32.92
C ALA C 296 30.07 13.49 31.44
N ASP C 297 31.05 12.93 30.75
CA ASP C 297 30.88 12.51 29.37
C ASP C 297 30.73 11.01 29.21
N VAL C 298 31.14 10.25 30.23
CA VAL C 298 30.94 8.80 30.25
C VAL C 298 30.83 8.38 31.71
N PHE C 299 30.12 7.28 31.94
CA PHE C 299 29.82 6.77 33.27
C PHE C 299 30.09 5.28 33.29
N VAL C 300 31.03 4.84 34.13
CA VAL C 300 31.36 3.43 34.26
C VAL C 300 30.69 2.90 35.52
N THR C 301 29.77 1.94 35.36
CA THR C 301 28.96 1.48 36.47
C THR C 301 28.78 -0.03 36.40
N HIS C 302 28.38 -0.63 37.53
CA HIS C 302 28.03 -2.05 37.53
C HIS C 302 26.75 -2.33 36.76
N GLY C 303 25.88 -1.34 36.59
CA GLY C 303 24.60 -1.61 36.00
C GLY C 303 23.47 -1.87 36.97
N GLY C 304 23.61 -1.47 38.23
CA GLY C 304 22.47 -1.48 39.13
C GLY C 304 21.44 -0.47 38.65
N MET C 305 20.17 -0.73 39.00
CA MET C 305 19.08 0.09 38.46
C MET C 305 19.21 1.55 38.88
N GLY C 306 19.71 1.80 40.10
CA GLY C 306 19.87 3.17 40.54
C GLY C 306 20.88 3.94 39.71
N GLY C 307 22.05 3.34 39.47
CA GLY C 307 23.06 4.01 38.67
C GLY C 307 22.60 4.22 37.23
N ILE C 308 21.94 3.21 36.66
CA ILE C 308 21.52 3.30 35.27
C ILE C 308 20.51 4.43 35.08
N GLN C 309 19.54 4.53 36.00
CA GLN C 309 18.57 5.61 35.88
C GLN C 309 19.21 6.98 36.10
N GLU C 310 20.23 7.06 36.95
CA GLU C 310 20.96 8.32 37.11
C GLU C 310 21.73 8.66 35.84
N GLY C 311 22.29 7.66 35.17
CA GLY C 311 22.94 7.91 33.89
C GLY C 311 21.98 8.42 32.84
N LEU C 312 20.82 7.76 32.71
CA LEU C 312 19.83 8.19 31.73
C LEU C 312 19.32 9.59 32.02
N PHE C 313 19.02 9.88 33.28
CA PHE C 313 18.51 11.21 33.64
C PHE C 313 19.51 12.30 33.28
N SER C 314 20.80 12.03 33.43
CA SER C 314 21.86 12.97 33.13
C SER C 314 22.29 12.97 31.66
N GLY C 315 21.71 12.08 30.85
CA GLY C 315 22.13 11.98 29.46
C GLY C 315 23.59 11.64 29.29
N VAL C 316 24.10 10.69 30.06
CA VAL C 316 25.49 10.28 30.05
C VAL C 316 25.57 8.84 29.56
N PRO C 317 26.31 8.54 28.50
CA PRO C 317 26.45 7.15 28.07
C PRO C 317 27.21 6.35 29.12
N MET C 318 26.99 5.04 29.13
CA MET C 318 27.49 4.21 30.21
C MET C 318 28.33 3.05 29.70
N VAL C 319 29.39 2.76 30.42
CA VAL C 319 30.14 1.52 30.27
C VAL C 319 29.73 0.64 31.45
N VAL C 320 29.11 -0.49 31.17
CA VAL C 320 28.47 -1.31 32.20
C VAL C 320 29.29 -2.58 32.41
N ALA C 321 29.53 -2.92 33.67
CA ALA C 321 30.26 -4.13 34.06
C ALA C 321 29.38 -4.91 35.03
N PRO C 322 28.40 -5.66 34.51
CA PRO C 322 27.43 -6.32 35.39
C PRO C 322 28.03 -7.46 36.20
N GLN C 323 27.48 -7.66 37.40
CA GLN C 323 27.89 -8.76 38.26
C GLN C 323 26.69 -9.37 38.99
N ALA C 324 26.05 -8.60 39.87
CA ALA C 324 24.99 -9.14 40.72
C ALA C 324 23.75 -9.46 39.89
N ASN C 325 22.74 -10.03 40.57
CA ASN C 325 21.60 -10.63 39.89
C ASN C 325 20.89 -9.65 38.95
N ASP C 326 20.66 -8.42 39.41
CA ASP C 326 19.91 -7.46 38.62
C ASP C 326 20.68 -6.99 37.39
N GLN C 327 22.00 -6.90 37.48
CA GLN C 327 22.87 -6.18 36.56
C GLN C 327 22.99 -6.75 35.15
N PRO C 328 23.06 -8.08 34.93
CA PRO C 328 23.24 -8.56 33.55
C PRO C 328 22.11 -8.15 32.62
N ALA C 329 20.87 -8.29 33.06
CA ALA C 329 19.75 -7.86 32.24
C ALA C 329 19.76 -6.34 32.03
N ASN C 330 20.15 -5.60 33.08
CA ASN C 330 20.22 -4.15 32.95
C ASN C 330 21.25 -3.73 31.91
N ALA C 331 22.39 -4.42 31.87
CA ALA C 331 23.40 -4.12 30.87
C ALA C 331 22.87 -4.39 29.47
N GLU C 332 22.17 -5.49 29.27
CA GLU C 332 21.62 -5.80 27.95
C GLU C 332 20.63 -4.74 27.51
N SER C 333 19.79 -4.25 28.45
CA SER C 333 18.80 -3.24 28.09
C SER C 333 19.46 -1.97 27.57
N VAL C 334 20.40 -1.42 28.33
CA VAL C 334 21.04 -0.17 27.92
C VAL C 334 21.88 -0.36 26.66
N VAL C 335 22.49 -1.53 26.49
CA VAL C 335 23.17 -1.81 25.22
C VAL C 335 22.16 -1.88 24.08
N GLY C 336 21.02 -2.54 24.32
CA GLY C 336 19.97 -2.58 23.32
C GLY C 336 19.41 -1.22 22.99
N LEU C 337 19.47 -0.29 23.94
CA LEU C 337 19.03 1.08 23.69
C LEU C 337 20.07 1.87 22.90
N GLY C 338 21.25 1.31 22.68
CA GLY C 338 22.27 1.99 21.92
C GLY C 338 22.94 3.14 22.65
N ILE C 339 23.04 3.06 23.97
CA ILE C 339 23.64 4.15 24.75
C ILE C 339 24.71 3.62 25.69
N ALA C 340 25.12 2.37 25.50
CA ALA C 340 26.02 1.75 26.46
C ALA C 340 26.84 0.65 25.79
N ARG C 341 27.94 0.28 26.46
CA ARG C 341 28.76 -0.85 26.08
C ARG C 341 29.02 -1.70 27.32
N ARG C 342 28.99 -3.02 27.13
CA ARG C 342 29.19 -3.96 28.22
C ARG C 342 30.64 -4.45 28.23
N ILE C 343 31.21 -4.57 29.42
CA ILE C 343 32.57 -5.06 29.59
C ILE C 343 32.55 -6.10 30.71
N ASP C 344 33.62 -6.88 30.75
CA ASP C 344 33.86 -7.82 31.84
C ASP C 344 35.03 -7.29 32.65
N ILE C 345 34.78 -6.99 33.92
CA ILE C 345 35.82 -6.38 34.75
C ILE C 345 37.04 -7.28 34.86
N ALA C 346 36.81 -8.60 34.89
CA ALA C 346 37.92 -9.54 35.01
C ALA C 346 38.81 -9.51 33.77
N THR C 347 38.21 -9.48 32.58
CA THR C 347 38.94 -9.66 31.34
C THR C 347 39.15 -8.38 30.54
N VAL C 348 38.66 -7.23 30.99
CA VAL C 348 38.78 -6.02 30.18
C VAL C 348 40.23 -5.56 30.13
N THR C 349 40.67 -5.17 28.96
CA THR C 349 42.02 -4.69 28.73
C THR C 349 42.04 -3.18 28.70
N PRO C 350 43.20 -2.55 28.98
CA PRO C 350 43.26 -1.08 28.91
C PRO C 350 42.83 -0.50 27.57
N ASP C 351 43.22 -1.13 26.46
CA ASP C 351 42.82 -0.61 25.15
C ASP C 351 41.31 -0.74 24.93
N ARG C 352 40.72 -1.86 25.36
CA ARG C 352 39.28 -2.06 25.21
C ARG C 352 38.50 -1.04 26.05
N LEU C 353 38.91 -0.85 27.31
CA LEU C 353 38.25 0.14 28.16
C LEU C 353 38.38 1.53 27.55
N ARG C 354 39.54 1.84 26.97
CA ARG C 354 39.72 3.13 26.31
C ARG C 354 38.77 3.27 25.11
N ALA C 355 38.62 2.21 24.33
CA ALA C 355 37.76 2.28 23.15
C ALA C 355 36.32 2.58 23.52
N ALA C 356 35.81 1.87 24.54
CA ALA C 356 34.43 2.11 24.98
C ALA C 356 34.24 3.55 25.45
N VAL C 357 35.19 4.06 26.22
CA VAL C 357 35.07 5.42 26.76
C VAL C 357 35.12 6.45 25.64
N VAL C 358 36.13 6.36 24.78
CA VAL C 358 36.35 7.40 23.78
C VAL C 358 35.25 7.37 22.72
N GLU C 359 34.85 6.16 22.29
CA GLU C 359 33.83 6.03 21.26
C GLU C 359 32.45 6.47 21.77
N LEU C 360 32.07 6.02 22.96
CA LEU C 360 30.76 6.37 23.51
C LEU C 360 30.62 7.88 23.68
N ALA C 361 31.67 8.53 24.17
CA ALA C 361 31.59 9.95 24.49
C ALA C 361 31.55 10.82 23.23
N SER C 362 32.10 10.32 22.12
CA SER C 362 32.19 11.12 20.89
C SER C 362 31.07 10.83 19.90
N ASP C 363 30.31 9.76 20.08
CA ASP C 363 29.31 9.36 19.09
C ASP C 363 28.10 10.28 19.14
N PRO C 364 27.81 11.07 18.10
CA PRO C 364 26.63 11.95 18.15
C PRO C 364 25.32 11.18 18.13
N ALA C 365 25.27 10.02 17.49
CA ALA C 365 24.06 9.21 17.52
C ALA C 365 23.76 8.71 18.93
N VAL C 366 24.81 8.39 19.69
CA VAL C 366 24.61 8.01 21.09
C VAL C 366 24.02 9.18 21.87
N ALA C 367 24.55 10.39 21.65
CA ALA C 367 24.03 11.56 22.34
C ALA C 367 22.57 11.82 21.98
N GLU C 368 22.21 11.65 20.71
CA GLU C 368 20.84 11.88 20.29
C GLU C 368 19.88 10.89 20.94
N ARG C 369 20.26 9.61 21.00
CA ARG C 369 19.41 8.62 21.66
C ARG C 369 19.23 8.95 23.13
N LEU C 370 20.28 9.47 23.78
CA LEU C 370 20.17 9.87 25.17
C LEU C 370 19.11 10.96 25.35
N SER C 371 19.06 11.93 24.43
CA SER C 371 18.05 12.97 24.52
C SER C 371 16.65 12.39 24.40
N GLY C 372 16.46 11.44 23.49
CA GLY C 372 15.15 10.80 23.38
C GLY C 372 14.76 10.01 24.61
N LEU C 373 15.71 9.25 25.17
CA LEU C 373 15.42 8.47 26.37
C LEU C 373 15.13 9.36 27.56
N ARG C 374 15.75 10.55 27.62
CA ARG C 374 15.44 11.50 28.68
C ARG C 374 13.97 11.90 28.62
N ARG C 375 13.45 12.14 27.41
CA ARG C 375 12.03 12.46 27.25
C ARG C 375 11.15 11.27 27.55
N GLU C 376 11.54 10.08 27.07
CA GLU C 376 10.73 8.89 27.33
C GLU C 376 10.66 8.59 28.82
N LEU C 377 11.74 8.87 29.55
CA LEU C 377 11.78 8.55 30.97
C LEU C 377 10.69 9.28 31.73
N ARG C 378 10.59 10.59 31.54
CA ARG C 378 9.65 11.40 32.30
C ARG C 378 8.20 11.07 31.95
N ALA C 379 7.95 10.57 30.74
CA ALA C 379 6.58 10.38 30.27
C ALA C 379 5.83 9.26 30.98
N HIS C 380 6.48 8.52 31.89
CA HIS C 380 5.81 7.44 32.59
C HIS C 380 4.99 7.89 33.78
N GLY C 381 5.12 9.15 34.21
CA GLY C 381 4.27 9.69 35.26
C GLY C 381 4.99 10.05 36.55
N GLY C 382 5.98 9.26 36.91
CA GLY C 382 6.80 9.60 38.05
C GLY C 382 6.00 9.74 39.33
N THR C 383 6.48 10.65 40.18
CA THR C 383 5.97 10.77 41.54
C THR C 383 4.47 11.07 41.56
N MET C 384 4.03 12.03 40.75
CA MET C 384 2.65 12.48 40.82
C MET C 384 1.68 11.39 40.38
N ARG C 385 2.02 10.62 39.34
CA ARG C 385 1.13 9.54 38.93
C ARG C 385 1.07 8.44 39.98
N ALA C 386 2.22 8.09 40.58
CA ALA C 386 2.22 7.05 41.60
C ALA C 386 1.38 7.46 42.80
N ALA C 387 1.50 8.71 43.25
CA ALA C 387 0.68 9.16 44.36
C ALA C 387 -0.80 9.13 44.00
N ASP C 388 -1.15 9.51 42.77
CA ASP C 388 -2.55 9.46 42.36
C ASP C 388 -3.10 8.04 42.38
N LEU C 389 -2.31 7.07 41.91
CA LEU C 389 -2.76 5.68 41.89
C LEU C 389 -2.95 5.15 43.30
N ILE C 390 -2.08 5.53 44.23
CA ILE C 390 -2.21 5.09 45.61
C ILE C 390 -3.45 5.69 46.26
N GLU C 391 -3.74 6.97 45.97
CA GLU C 391 -4.91 7.60 46.55
C GLU C 391 -6.21 6.95 46.10
N ARG C 392 -6.23 6.31 44.93
CA ARG C 392 -7.45 5.62 44.52
C ARG C 392 -7.82 4.44 45.41
N GLN C 393 -6.85 3.85 46.12
CA GLN C 393 -7.13 2.73 47.00
C GLN C 393 -7.68 3.18 48.35
N LEU C 394 -7.66 4.49 48.64
CA LEU C 394 -8.20 5.05 49.85
C LEU C 394 -9.71 5.21 49.75
N PRO C 395 -10.44 5.10 50.87
CA PRO C 395 -11.90 5.21 50.86
C PRO C 395 -12.41 6.61 50.54
N PRO D 2 -4.48 38.02 -30.56
CA PRO D 2 -4.70 38.21 -29.12
C PRO D 2 -3.67 37.50 -28.24
N ARG D 3 -2.39 37.58 -28.62
CA ARG D 3 -1.26 37.12 -27.81
C ARG D 3 -1.27 35.60 -27.63
N PRO D 4 -0.13 35.00 -27.22
CA PRO D 4 -0.09 33.53 -27.08
C PRO D 4 -1.15 33.02 -26.12
N GLY D 5 -0.80 32.99 -24.85
CA GLY D 5 -1.64 32.60 -23.73
C GLY D 5 -1.67 31.11 -23.48
N HIS D 6 -1.86 30.76 -22.20
CA HIS D 6 -1.92 29.38 -21.74
C HIS D 6 -3.33 29.10 -21.25
N ILE D 7 -4.02 28.19 -21.92
CA ILE D 7 -5.37 27.77 -21.54
C ILE D 7 -5.30 26.36 -21.00
N ALA D 8 -5.84 26.16 -19.80
CA ALA D 8 -5.84 24.86 -19.14
C ALA D 8 -7.27 24.34 -19.09
N MET D 9 -7.51 23.21 -19.76
CA MET D 9 -8.80 22.53 -19.72
C MET D 9 -8.70 21.36 -18.74
N VAL D 10 -9.75 21.19 -17.93
CA VAL D 10 -9.81 20.09 -16.97
C VAL D 10 -11.16 19.40 -17.15
N SER D 11 -11.13 18.07 -17.21
CA SER D 11 -12.37 17.30 -17.30
C SER D 11 -12.15 15.97 -16.59
N VAL D 12 -13.11 15.07 -16.75
CA VAL D 12 -13.09 13.76 -16.10
C VAL D 12 -13.22 12.69 -17.19
N PRO D 13 -12.83 11.44 -16.89
CA PRO D 13 -12.88 10.40 -17.91
C PRO D 13 -14.27 9.85 -18.21
N SER D 14 -15.30 10.21 -17.45
CA SER D 14 -16.65 9.71 -17.73
C SER D 14 -17.06 10.09 -19.15
N ARG D 15 -17.82 9.19 -19.79
CA ARG D 15 -17.98 9.25 -21.23
C ARG D 15 -18.78 10.47 -21.67
N GLY D 16 -19.72 10.95 -20.85
CA GLY D 16 -20.43 12.11 -21.33
C GLY D 16 -19.69 13.43 -21.22
N HIS D 17 -18.42 13.44 -20.78
CA HIS D 17 -17.75 14.69 -20.42
C HIS D 17 -16.52 14.97 -21.25
N LEU D 18 -16.28 14.21 -22.31
CA LEU D 18 -15.13 14.37 -23.19
C LEU D 18 -15.49 14.93 -24.55
N HIS D 19 -16.44 14.28 -25.23
CA HIS D 19 -16.84 14.67 -26.58
C HIS D 19 -17.42 16.08 -26.69
N PRO D 20 -18.24 16.58 -25.74
CA PRO D 20 -18.86 17.90 -25.96
C PRO D 20 -17.88 19.02 -26.24
N SER D 21 -16.68 18.99 -25.67
CA SER D 21 -15.73 20.09 -25.81
C SER D 21 -14.57 19.76 -26.73
N LEU D 22 -14.57 18.59 -27.37
CA LEU D 22 -13.43 18.17 -28.18
C LEU D 22 -13.12 19.18 -29.28
N GLU D 23 -14.14 19.59 -30.04
CA GLU D 23 -13.94 20.54 -31.13
C GLU D 23 -13.57 21.93 -30.62
N LEU D 24 -14.06 22.30 -29.43
CA LEU D 24 -13.67 23.59 -28.86
C LEU D 24 -12.19 23.63 -28.54
N ILE D 25 -11.65 22.56 -27.95
CA ILE D 25 -10.22 22.50 -27.64
C ILE D 25 -9.41 22.53 -28.93
N ARG D 26 -9.85 21.80 -29.95
CA ARG D 26 -9.15 21.82 -31.23
C ARG D 26 -9.10 23.23 -31.82
N GLU D 27 -10.21 23.97 -31.72
CA GLU D 27 -10.25 25.32 -32.25
C GLU D 27 -9.32 26.25 -31.49
N LEU D 28 -9.27 26.12 -30.16
CA LEU D 28 -8.35 26.94 -29.38
C LEU D 28 -6.90 26.63 -29.75
N VAL D 29 -6.60 25.35 -30.01
CA VAL D 29 -5.27 24.98 -30.46
C VAL D 29 -4.98 25.60 -31.83
N ALA D 30 -5.95 25.52 -32.75
CA ALA D 30 -5.77 26.07 -34.08
C ALA D 30 -5.56 27.58 -34.07
N ARG D 31 -6.01 28.27 -33.03
CA ARG D 31 -5.81 29.71 -32.94
C ARG D 31 -4.45 30.10 -32.37
N GLY D 32 -3.56 29.13 -32.17
CA GLY D 32 -2.20 29.41 -31.72
C GLY D 32 -1.98 29.45 -30.23
N HIS D 33 -2.98 29.09 -29.43
CA HIS D 33 -2.80 29.10 -27.99
C HIS D 33 -2.12 27.82 -27.52
N ARG D 34 -1.48 27.90 -26.36
CA ARG D 34 -0.96 26.73 -25.68
C ARG D 34 -2.07 26.18 -24.81
N VAL D 35 -2.56 24.99 -25.16
CA VAL D 35 -3.68 24.39 -24.45
C VAL D 35 -3.20 23.14 -23.74
N THR D 36 -3.36 23.11 -22.42
CA THR D 36 -3.12 21.91 -21.63
C THR D 36 -4.47 21.32 -21.22
N TYR D 37 -4.54 19.99 -21.18
CA TYR D 37 -5.78 19.29 -20.90
C TYR D 37 -5.52 18.27 -19.80
N ALA D 38 -6.03 18.54 -18.60
CA ALA D 38 -5.87 17.64 -17.48
C ALA D 38 -7.04 16.65 -17.47
N ASN D 39 -6.71 15.37 -17.53
CA ASN D 39 -7.72 14.33 -17.48
C ASN D 39 -7.02 13.03 -17.14
N ASP D 40 -7.81 12.01 -16.85
CA ASP D 40 -7.27 10.71 -16.52
C ASP D 40 -6.58 10.12 -17.74
N PRO D 41 -5.44 9.45 -17.58
CA PRO D 41 -4.76 8.86 -18.74
C PRO D 41 -5.59 7.81 -19.47
N SER D 42 -6.66 7.31 -18.87
CA SER D 42 -7.51 6.34 -19.56
C SER D 42 -8.15 6.91 -20.82
N VAL D 43 -8.23 8.23 -20.94
CA VAL D 43 -8.85 8.85 -22.12
C VAL D 43 -7.79 9.69 -22.84
N ALA D 44 -6.52 9.29 -22.73
CA ALA D 44 -5.43 10.01 -23.37
C ALA D 44 -5.60 10.05 -24.89
N ALA D 45 -6.21 9.02 -25.48
CA ALA D 45 -6.40 9.02 -26.93
C ALA D 45 -7.23 10.21 -27.37
N ALA D 46 -8.39 10.42 -26.72
CA ALA D 46 -9.24 11.56 -27.09
C ALA D 46 -8.57 12.88 -26.76
N VAL D 47 -7.86 12.96 -25.62
CA VAL D 47 -7.24 14.22 -25.23
C VAL D 47 -6.17 14.64 -26.23
N THR D 48 -5.26 13.72 -26.57
CA THR D 48 -4.15 14.09 -27.45
C THR D 48 -4.64 14.38 -28.87
N GLU D 49 -5.73 13.73 -29.29
CA GLU D 49 -6.26 13.97 -30.63
C GLU D 49 -6.69 15.42 -30.83
N THR D 50 -7.10 16.10 -29.75
CA THR D 50 -7.44 17.52 -29.83
C THR D 50 -6.25 18.39 -30.19
N GLY D 51 -5.03 17.90 -29.97
CA GLY D 51 -3.84 18.70 -30.13
C GLY D 51 -3.38 19.37 -28.86
N ALA D 52 -4.13 19.25 -27.77
CA ALA D 52 -3.72 19.83 -26.51
C ALA D 52 -2.73 18.92 -25.79
N GLU D 53 -2.01 19.52 -24.84
CA GLU D 53 -1.05 18.78 -24.01
C GLU D 53 -1.77 18.04 -22.88
N LEU D 54 -1.69 16.72 -22.89
CA LEU D 54 -2.30 15.94 -21.83
C LEU D 54 -1.54 16.14 -20.53
N VAL D 55 -2.27 16.52 -19.49
CA VAL D 55 -1.72 16.65 -18.14
C VAL D 55 -2.41 15.58 -17.31
N PRO D 56 -1.78 14.42 -17.09
CA PRO D 56 -2.51 13.31 -16.47
C PRO D 56 -2.69 13.53 -14.97
N TYR D 57 -3.86 13.13 -14.49
CA TYR D 57 -4.15 13.01 -13.08
C TYR D 57 -4.97 11.75 -12.92
N THR D 58 -4.93 11.17 -11.73
CA THR D 58 -5.62 9.92 -11.47
C THR D 58 -7.04 10.20 -10.99
N SER D 59 -8.02 9.73 -11.76
CA SER D 59 -9.41 9.92 -11.41
C SER D 59 -9.88 8.89 -10.40
N ALA D 60 -10.72 9.32 -9.47
CA ALA D 60 -11.35 8.39 -8.54
C ALA D 60 -12.69 7.89 -9.04
N LEU D 61 -13.16 8.38 -10.19
CA LEU D 61 -14.44 7.92 -10.73
C LEU D 61 -14.26 6.53 -11.35
N PRO D 62 -15.15 5.59 -11.07
CA PRO D 62 -14.99 4.24 -11.62
C PRO D 62 -15.39 4.17 -13.08
N SER D 63 -14.69 3.33 -13.83
CA SER D 63 -14.99 3.14 -15.25
C SER D 63 -16.40 2.58 -15.44
N VAL D 71 -21.09 3.85 -6.14
CA VAL D 71 -21.99 4.48 -7.09
C VAL D 71 -23.24 3.62 -7.29
N THR D 72 -23.51 2.76 -6.30
CA THR D 72 -24.71 1.95 -6.30
C THR D 72 -25.81 2.52 -5.41
N ASP D 73 -25.51 3.59 -4.68
CA ASP D 73 -26.43 4.25 -3.77
C ASP D 73 -26.30 5.74 -4.04
N GLN D 74 -27.38 6.50 -3.80
CA GLN D 74 -27.35 7.92 -4.12
C GLN D 74 -26.32 8.65 -3.25
N ILE D 75 -26.35 8.43 -1.94
CA ILE D 75 -25.37 9.06 -1.06
C ILE D 75 -23.97 8.51 -1.36
N ALA D 76 -23.87 7.21 -1.64
CA ALA D 76 -22.58 6.66 -2.02
C ALA D 76 -22.07 7.28 -3.32
N GLN D 77 -22.99 7.52 -4.26
CA GLN D 77 -22.61 8.22 -5.48
C GLN D 77 -22.10 9.63 -5.17
N MET D 78 -22.75 10.31 -4.22
CA MET D 78 -22.28 11.62 -3.78
C MET D 78 -20.91 11.51 -3.12
N ASP D 79 -20.68 10.43 -2.37
CA ASP D 79 -19.39 10.24 -1.71
C ASP D 79 -18.28 9.97 -2.71
N VAL D 80 -18.60 9.24 -3.79
CA VAL D 80 -17.60 8.98 -4.84
C VAL D 80 -17.15 10.27 -5.49
N PHE D 81 -18.09 11.16 -5.81
CA PHE D 81 -17.74 12.44 -6.44
C PHE D 81 -16.88 13.28 -5.51
N LEU D 82 -17.22 13.33 -4.23
CA LEU D 82 -16.41 14.08 -3.29
C LEU D 82 -15.02 13.48 -3.14
N ASP D 83 -14.90 12.14 -3.21
CA ASP D 83 -13.58 11.52 -3.17
C ASP D 83 -12.73 11.98 -4.35
N ASP D 84 -13.34 12.03 -5.54
CA ASP D 84 -12.62 12.48 -6.72
C ASP D 84 -12.22 13.95 -6.58
N ALA D 85 -13.11 14.78 -6.03
CA ALA D 85 -12.77 16.18 -5.82
C ALA D 85 -11.60 16.33 -4.86
N VAL D 86 -11.62 15.54 -3.77
CA VAL D 86 -10.53 15.60 -2.80
C VAL D 86 -9.23 15.15 -3.44
N GLY D 87 -9.27 14.10 -4.27
CA GLY D 87 -8.07 13.62 -4.93
C GLY D 87 -7.60 14.50 -6.07
N MET D 88 -8.54 15.10 -6.80
CA MET D 88 -8.19 15.85 -8.02
C MET D 88 -7.40 17.11 -7.70
N LEU D 89 -7.82 17.86 -6.67
CA LEU D 89 -7.23 19.17 -6.41
C LEU D 89 -5.73 19.13 -6.17
N PRO D 90 -5.17 18.28 -5.31
CA PRO D 90 -3.71 18.27 -5.15
C PRO D 90 -2.98 17.88 -6.42
N GLN D 91 -3.56 16.99 -7.23
CA GLN D 91 -2.91 16.63 -8.49
C GLN D 91 -2.84 17.82 -9.44
N LEU D 92 -3.93 18.59 -9.57
CA LEU D 92 -3.87 19.81 -10.38
C LEU D 92 -2.91 20.83 -9.80
N ARG D 93 -2.92 21.00 -8.47
CA ARG D 93 -2.01 21.98 -7.86
C ARG D 93 -0.56 21.63 -8.15
N ALA D 94 -0.20 20.35 -8.02
CA ALA D 94 1.17 19.95 -8.30
C ALA D 94 1.53 20.19 -9.77
N ALA D 95 0.61 19.86 -10.68
CA ALA D 95 0.90 19.97 -12.10
C ALA D 95 1.07 21.42 -12.54
N TYR D 96 0.26 22.32 -12.01
CA TYR D 96 0.22 23.70 -12.49
C TYR D 96 0.89 24.70 -11.55
N GLU D 97 1.51 24.24 -10.46
CA GLU D 97 2.02 25.16 -9.44
C GLU D 97 3.01 26.16 -10.03
N GLU D 98 3.95 25.68 -10.83
CA GLU D 98 4.95 26.58 -11.41
C GLU D 98 4.69 26.90 -12.88
N ASP D 99 3.55 26.46 -13.41
CA ASP D 99 3.22 26.67 -14.82
C ASP D 99 1.76 27.08 -14.91
N ARG D 100 1.42 28.13 -14.17
CA ARG D 100 0.03 28.51 -13.98
C ARG D 100 -0.57 29.04 -15.28
N PRO D 101 -1.80 28.65 -15.62
CA PRO D 101 -2.40 29.09 -16.87
C PRO D 101 -3.04 30.46 -16.75
N ASP D 102 -3.33 31.04 -17.91
CA ASP D 102 -4.03 32.33 -17.96
C ASP D 102 -5.50 32.17 -17.61
N VAL D 103 -6.09 31.00 -17.87
CA VAL D 103 -7.49 30.74 -17.56
C VAL D 103 -7.66 29.24 -17.36
N PHE D 104 -8.57 28.87 -16.46
CA PHE D 104 -8.94 27.48 -16.25
C PHE D 104 -10.30 27.23 -16.88
N LEU D 105 -10.35 26.29 -17.83
CA LEU D 105 -11.62 25.77 -18.34
C LEU D 105 -11.88 24.43 -17.67
N TYR D 106 -13.11 24.23 -17.19
CA TYR D 106 -13.39 22.99 -16.48
C TYR D 106 -14.79 22.49 -16.79
N ASP D 107 -14.88 21.17 -17.00
CA ASP D 107 -16.16 20.50 -17.08
C ASP D 107 -16.90 20.63 -15.75
N VAL D 108 -18.21 20.43 -15.79
CA VAL D 108 -19.03 20.60 -14.58
C VAL D 108 -18.51 19.73 -13.45
N LEU D 109 -18.02 18.53 -13.76
CA LEU D 109 -17.50 17.62 -12.74
C LEU D 109 -16.04 17.87 -12.41
N ALA D 110 -15.40 18.85 -13.04
CA ALA D 110 -14.01 19.19 -12.77
C ALA D 110 -13.92 20.51 -12.00
N TYR D 111 -14.92 20.81 -11.18
CA TYR D 111 -15.00 22.03 -10.37
C TYR D 111 -13.83 22.21 -9.40
N PRO D 112 -13.07 21.18 -9.02
CA PRO D 112 -11.83 21.47 -8.28
C PRO D 112 -10.89 22.40 -9.01
N ALA D 113 -10.97 22.46 -10.34
CA ALA D 113 -10.16 23.44 -11.09
C ALA D 113 -10.56 24.86 -10.73
N ARG D 114 -11.84 25.10 -10.44
CA ARG D 114 -12.24 26.44 -10.01
C ARG D 114 -11.63 26.79 -8.65
N VAL D 115 -11.54 25.83 -7.75
CA VAL D 115 -10.89 26.08 -6.46
C VAL D 115 -9.45 26.51 -6.68
N LEU D 116 -8.75 25.83 -7.59
CA LEU D 116 -7.37 26.22 -7.90
C LEU D 116 -7.31 27.62 -8.49
N ALA D 117 -8.25 27.95 -9.39
CA ALA D 117 -8.29 29.29 -9.97
C ALA D 117 -8.56 30.35 -8.91
N MET D 118 -9.45 30.06 -7.97
CA MET D 118 -9.70 31.02 -6.89
C MET D 118 -8.47 31.20 -6.01
N ASN D 119 -7.75 30.12 -5.73
CA ASN D 119 -6.54 30.22 -4.90
C ASN D 119 -5.50 31.12 -5.55
N TRP D 120 -5.36 31.02 -6.88
CA TRP D 120 -4.29 31.69 -7.60
C TRP D 120 -4.74 32.98 -8.26
N GLY D 121 -5.97 33.42 -8.00
CA GLY D 121 -6.49 34.64 -8.63
C GLY D 121 -6.54 34.57 -10.14
N ILE D 122 -6.93 33.41 -10.68
CA ILE D 122 -7.01 33.19 -12.12
C ILE D 122 -8.48 33.05 -12.52
N PRO D 123 -8.92 33.62 -13.64
CA PRO D 123 -10.31 33.44 -14.06
C PRO D 123 -10.59 32.00 -14.46
N SER D 124 -11.82 31.56 -14.20
CA SER D 124 -12.25 30.21 -14.54
C SER D 124 -13.56 30.27 -15.31
N ILE D 125 -13.74 29.32 -16.22
CA ILE D 125 -14.94 29.20 -17.02
C ILE D 125 -15.42 27.75 -16.98
N GLN D 126 -16.66 27.54 -16.55
CA GLN D 126 -17.25 26.21 -16.58
C GLN D 126 -17.70 25.87 -18.00
N ILE D 127 -17.48 24.63 -18.39
CA ILE D 127 -17.97 24.08 -19.66
C ILE D 127 -19.01 23.03 -19.30
N SER D 128 -20.28 23.35 -19.45
CA SER D 128 -21.35 22.44 -19.04
C SER D 128 -21.86 21.66 -20.25
N PRO D 129 -21.77 20.34 -20.24
CA PRO D 129 -22.25 19.55 -21.38
C PRO D 129 -23.76 19.33 -21.37
N THR D 130 -24.45 19.76 -20.32
CA THR D 130 -25.89 19.62 -20.24
C THR D 130 -26.46 20.88 -19.58
N TRP D 131 -27.76 20.88 -19.32
CA TRP D 131 -28.40 22.07 -18.77
C TRP D 131 -27.93 22.35 -17.35
N VAL D 132 -27.99 23.61 -16.97
CA VAL D 132 -27.47 24.05 -15.69
C VAL D 132 -28.61 24.21 -14.69
N MET D 133 -28.26 24.35 -13.42
CA MET D 133 -29.23 24.48 -12.34
C MET D 133 -29.15 25.88 -11.75
N PRO D 134 -30.02 26.81 -12.15
CA PRO D 134 -29.96 28.18 -11.64
C PRO D 134 -30.41 28.26 -10.17
N GLU D 135 -30.14 29.42 -9.57
CA GLU D 135 -30.52 29.67 -8.19
C GLU D 135 -32.03 29.80 -8.06
N LYS D 136 -32.77 28.88 -8.68
CA LYS D 136 -34.21 28.82 -8.50
C LYS D 136 -34.58 27.34 -8.60
N TYR D 137 -33.83 26.60 -9.43
CA TYR D 137 -33.93 25.14 -9.45
C TYR D 137 -33.49 24.56 -8.12
N ARG D 138 -32.41 25.13 -7.54
CA ARG D 138 -31.89 24.65 -6.26
C ARG D 138 -32.90 24.89 -5.15
N GLU D 139 -33.64 26.00 -5.20
CA GLU D 139 -34.67 26.24 -4.22
C GLU D 139 -35.75 25.17 -4.29
N ARG D 140 -36.11 24.76 -5.51
CA ARG D 140 -37.15 23.75 -5.69
C ARG D 140 -36.69 22.39 -5.19
N MET D 141 -35.39 22.11 -5.27
CA MET D 141 -34.81 20.86 -4.81
C MET D 141 -34.41 20.91 -3.34
N ALA D 142 -34.62 22.06 -2.68
CA ALA D 142 -34.27 22.18 -1.26
C ALA D 142 -34.96 21.14 -0.37
N PRO D 143 -36.22 20.72 -0.62
CA PRO D 143 -36.75 19.62 0.19
C PRO D 143 -35.96 18.34 0.05
N VAL D 144 -35.52 18.00 -1.17
CA VAL D 144 -34.71 16.79 -1.37
C VAL D 144 -33.39 16.92 -0.62
N VAL D 145 -32.80 18.12 -0.63
CA VAL D 145 -31.52 18.33 0.05
C VAL D 145 -31.69 18.19 1.56
N GLU D 146 -32.77 18.76 2.11
CA GLU D 146 -33.01 18.65 3.55
C GLU D 146 -33.21 17.20 3.97
N GLN D 147 -33.91 16.40 3.16
CA GLN D 147 -34.09 15.00 3.51
C GLN D 147 -32.76 14.25 3.56
N LEU D 148 -31.83 14.58 2.66
CA LEU D 148 -30.51 13.96 2.71
C LEU D 148 -29.80 14.30 4.01
N LYS D 149 -29.94 15.54 4.47
CA LYS D 149 -29.28 15.94 5.70
C LYS D 149 -29.88 15.27 6.95
N GLN D 150 -31.11 14.76 6.84
CA GLN D 150 -31.66 13.94 7.91
C GLN D 150 -30.98 12.57 7.97
N ASP D 151 -30.60 12.03 6.82
CA ASP D 151 -29.87 10.78 6.80
C ASP D 151 -28.50 10.98 7.44
N PRO D 152 -28.08 10.11 8.37
CA PRO D 152 -26.73 10.28 8.95
C PRO D 152 -25.63 10.24 7.91
N ARG D 153 -25.77 9.39 6.89
CA ARG D 153 -24.79 9.37 5.80
C ARG D 153 -24.80 10.67 5.01
N GLY D 154 -25.99 11.20 4.71
CA GLY D 154 -26.06 12.47 4.00
C GLY D 154 -25.48 13.62 4.80
N ALA D 155 -25.82 13.69 6.09
CA ALA D 155 -25.27 14.74 6.94
C ALA D 155 -23.75 14.60 7.06
N ALA D 156 -23.25 13.37 7.13
CA ALA D 156 -21.80 13.16 7.14
C ALA D 156 -21.18 13.62 5.83
N HIS D 157 -21.87 13.37 4.71
CA HIS D 157 -21.35 13.75 3.41
C HIS D 157 -21.23 15.26 3.31
N TYR D 158 -22.31 15.98 3.62
CA TYR D 158 -22.28 17.43 3.52
C TYR D 158 -21.29 18.05 4.50
N ARG D 159 -21.07 17.41 5.64
CA ARG D 159 -20.07 17.91 6.56
C ARG D 159 -18.66 17.73 5.97
N ARG D 160 -18.42 16.59 5.34
CA ARG D 160 -17.11 16.35 4.71
C ARG D 160 -16.87 17.33 3.56
N PHE D 161 -17.92 17.61 2.78
CA PHE D 161 -17.78 18.57 1.69
C PHE D 161 -17.39 19.94 2.22
N ASP D 162 -18.07 20.40 3.28
CA ASP D 162 -17.75 21.70 3.87
C ASP D 162 -16.34 21.73 4.44
N ALA D 163 -15.90 20.64 5.06
CA ALA D 163 -14.53 20.59 5.60
C ALA D 163 -13.50 20.67 4.48
N TRP D 164 -13.78 20.03 3.34
CA TRP D 164 -12.85 20.12 2.20
C TRP D 164 -12.78 21.55 1.68
N LEU D 165 -13.92 22.26 1.64
CA LEU D 165 -13.91 23.65 1.19
C LEU D 165 -13.05 24.52 2.09
N GLU D 166 -13.21 24.36 3.40
CA GLU D 166 -12.40 25.11 4.36
C GLU D 166 -10.93 24.74 4.23
N ASP D 167 -10.63 23.45 4.12
CA ASP D 167 -9.25 22.99 4.01
C ASP D 167 -8.58 23.51 2.73
N SER D 168 -9.36 23.77 1.68
CA SER D 168 -8.81 24.14 0.39
C SER D 168 -8.68 25.65 0.20
N GLY D 169 -8.99 26.44 1.22
CA GLY D 169 -8.81 27.87 1.13
C GLY D 169 -9.97 28.63 0.53
N VAL D 170 -11.17 28.05 0.49
CA VAL D 170 -12.34 28.76 0.00
C VAL D 170 -13.50 28.59 0.97
N PRO D 171 -13.35 28.97 2.24
CA PRO D 171 -14.47 28.79 3.19
C PRO D 171 -15.63 29.72 2.89
N GLY D 172 -15.38 30.85 2.24
CA GLY D 172 -16.41 31.85 1.95
C GLY D 172 -17.42 31.44 0.91
N ILE D 173 -17.25 30.29 0.27
CA ILE D 173 -18.13 29.85 -0.80
C ILE D 173 -18.90 28.61 -0.35
N ASP D 174 -20.18 28.58 -0.70
CA ASP D 174 -21.06 27.48 -0.38
C ASP D 174 -20.79 26.29 -1.30
N ALA D 175 -21.02 25.08 -0.78
CA ALA D 175 -20.76 23.88 -1.57
C ALA D 175 -21.65 23.82 -2.81
N GLY D 176 -22.85 24.39 -2.74
CA GLY D 176 -23.72 24.41 -3.91
C GLY D 176 -23.29 25.42 -4.95
N ASP D 177 -22.92 26.62 -4.52
CA ASP D 177 -22.52 27.67 -5.46
C ASP D 177 -21.27 27.27 -6.23
N LEU D 178 -20.21 26.94 -5.51
CA LEU D 178 -19.13 26.17 -6.11
C LEU D 178 -19.76 24.90 -6.66
N VAL D 179 -19.48 24.60 -7.93
CA VAL D 179 -20.05 23.50 -8.72
C VAL D 179 -21.20 24.01 -9.61
N ASN D 180 -22.27 24.51 -9.00
CA ASN D 180 -23.49 24.83 -9.73
C ASN D 180 -23.76 26.32 -9.91
N LEU D 181 -22.95 27.20 -9.33
CA LEU D 181 -23.03 28.63 -9.63
C LEU D 181 -21.65 29.13 -10.04
N PRO D 182 -21.18 28.75 -11.23
CA PRO D 182 -19.84 29.14 -11.65
C PRO D 182 -19.73 30.64 -11.86
N GLU D 183 -18.49 31.13 -11.81
CA GLU D 183 -18.24 32.54 -12.10
C GLU D 183 -18.64 32.87 -13.54
N ARG D 184 -18.24 32.01 -14.48
CA ARG D 184 -18.62 32.11 -15.88
C ARG D 184 -18.85 30.70 -16.41
N SER D 185 -19.81 30.54 -17.32
CA SER D 185 -20.12 29.21 -17.80
C SER D 185 -20.50 29.24 -19.28
N LEU D 186 -19.93 28.29 -20.04
CA LEU D 186 -20.33 28.03 -21.42
C LEU D 186 -21.19 26.78 -21.41
N VAL D 187 -22.49 26.95 -21.67
CA VAL D 187 -23.45 25.85 -21.64
C VAL D 187 -23.60 25.32 -23.07
N LEU D 188 -23.15 24.08 -23.29
CA LEU D 188 -23.08 23.50 -24.63
C LEU D 188 -24.39 22.86 -25.07
N VAL D 189 -25.51 23.48 -24.76
CA VAL D 189 -26.82 23.04 -25.23
C VAL D 189 -27.55 24.27 -25.76
N PRO D 190 -28.50 24.13 -26.68
CA PRO D 190 -29.32 25.28 -27.07
C PRO D 190 -30.29 25.66 -25.97
N ARG D 191 -30.76 26.90 -26.03
CA ARG D 191 -31.67 27.35 -24.99
C ARG D 191 -32.96 26.54 -24.97
N PHE D 192 -33.37 25.99 -26.11
CA PHE D 192 -34.61 25.20 -26.11
C PHE D 192 -34.44 23.83 -25.46
N LEU D 193 -33.23 23.44 -25.10
CA LEU D 193 -32.99 22.23 -24.32
C LEU D 193 -32.65 22.53 -22.87
N GLN D 194 -32.82 23.79 -22.44
CA GLN D 194 -32.58 24.16 -21.06
C GLN D 194 -33.92 24.30 -20.35
N PRO D 195 -34.23 23.44 -19.39
CA PRO D 195 -35.49 23.60 -18.65
C PRO D 195 -35.50 24.89 -17.84
N ASP D 196 -36.65 25.57 -17.85
CA ASP D 196 -36.83 26.82 -17.11
C ASP D 196 -35.70 27.81 -17.42
N ALA D 197 -35.46 28.03 -18.71
CA ALA D 197 -34.40 28.94 -19.13
C ALA D 197 -34.65 30.36 -18.63
N ASP D 198 -35.87 30.69 -18.24
CA ASP D 198 -36.15 32.01 -17.69
C ASP D 198 -35.32 32.27 -16.45
N ASP D 199 -35.12 31.27 -15.61
CA ASP D 199 -34.41 31.49 -14.36
C ASP D 199 -32.90 31.51 -14.53
N VAL D 200 -32.39 31.31 -15.74
CA VAL D 200 -30.96 31.29 -15.98
C VAL D 200 -30.50 32.71 -16.30
N ASP D 201 -29.58 33.24 -15.49
CA ASP D 201 -29.02 34.56 -15.70
C ASP D 201 -27.96 34.47 -16.79
N GLU D 202 -28.25 35.02 -17.96
CA GLU D 202 -27.32 34.88 -19.08
C GLU D 202 -26.15 35.86 -19.02
N LYS D 203 -26.07 36.72 -18.01
CA LYS D 203 -24.80 37.39 -17.74
C LYS D 203 -23.75 36.39 -17.27
N ARG D 204 -24.19 35.30 -16.63
CA ARG D 204 -23.32 34.27 -16.08
C ARG D 204 -23.22 33.05 -16.98
N PHE D 205 -24.34 32.58 -17.52
CA PHE D 205 -24.38 31.40 -18.38
C PHE D 205 -24.61 31.84 -19.81
N THR D 206 -23.82 31.30 -20.74
CA THR D 206 -24.00 31.56 -22.17
C THR D 206 -24.40 30.26 -22.84
N PHE D 207 -25.53 30.27 -23.54
CA PHE D 207 -25.97 29.10 -24.28
C PHE D 207 -25.23 29.07 -25.62
N ILE D 208 -24.35 28.09 -25.76
CA ILE D 208 -23.47 28.00 -26.92
C ILE D 208 -24.05 27.03 -27.93
N GLY D 209 -24.77 26.03 -27.45
CA GLY D 209 -25.11 24.88 -28.26
C GLY D 209 -23.90 23.99 -28.38
N PRO D 210 -24.01 22.90 -29.15
CA PRO D 210 -22.87 22.01 -29.31
C PRO D 210 -21.74 22.68 -30.08
N CYS D 211 -20.53 22.24 -29.77
CA CYS D 211 -19.33 22.71 -30.45
C CYS D 211 -18.94 21.67 -31.48
N LEU D 212 -19.20 21.96 -32.75
CA LEU D 212 -18.96 21.05 -33.85
C LEU D 212 -17.72 21.49 -34.62
N GLY D 213 -17.09 20.52 -35.30
CA GLY D 213 -15.90 20.77 -36.07
C GLY D 213 -15.63 19.69 -37.10
N ARG D 214 -16.52 19.61 -38.08
CA ARG D 214 -16.41 18.76 -39.27
C ARG D 214 -16.78 17.32 -38.93
N ARG D 215 -17.34 16.61 -39.91
CA ARG D 215 -17.87 15.27 -39.69
C ARG D 215 -16.76 14.29 -39.30
N ALA D 216 -17.09 13.40 -38.36
CA ALA D 216 -16.12 12.49 -37.77
C ALA D 216 -15.75 11.32 -38.65
N HIS D 217 -16.41 11.16 -39.81
CA HIS D 217 -16.16 10.05 -40.72
C HIS D 217 -16.56 8.72 -40.08
N GLN D 218 -15.60 7.84 -39.82
CA GLN D 218 -15.77 6.53 -39.19
C GLN D 218 -16.46 5.53 -40.10
N GLY D 219 -16.67 5.85 -41.37
CA GLY D 219 -17.35 4.93 -42.25
C GLY D 219 -18.81 5.32 -42.44
N ASP D 220 -19.40 4.76 -43.48
CA ASP D 220 -20.80 5.00 -43.80
C ASP D 220 -21.65 3.76 -43.54
N TRP D 221 -22.91 4.00 -43.23
CA TRP D 221 -23.89 2.93 -43.01
C TRP D 221 -24.95 3.09 -44.09
N LYS D 222 -25.15 2.06 -44.88
CA LYS D 222 -26.06 2.11 -46.01
C LYS D 222 -27.37 1.44 -45.63
N ARG D 223 -28.47 2.12 -45.92
CA ARG D 223 -29.78 1.55 -45.67
C ARG D 223 -29.94 0.30 -46.52
N PRO D 224 -30.23 -0.86 -45.93
CA PRO D 224 -30.37 -2.07 -46.74
C PRO D 224 -31.56 -1.94 -47.69
N ALA D 225 -31.35 -2.33 -48.94
CA ALA D 225 -32.45 -2.28 -49.91
C ALA D 225 -33.55 -3.21 -49.44
N GLY D 226 -34.79 -2.73 -49.52
CA GLY D 226 -35.92 -3.41 -48.92
C GLY D 226 -36.32 -2.88 -47.58
N ALA D 227 -35.61 -1.86 -47.08
CA ALA D 227 -35.95 -1.19 -45.83
C ALA D 227 -36.41 0.20 -46.21
N GLU D 228 -37.73 0.41 -46.15
CA GLU D 228 -38.29 1.72 -46.48
C GLU D 228 -38.02 2.72 -45.36
N LYS D 229 -38.08 2.26 -44.11
CA LYS D 229 -37.84 3.09 -42.94
C LYS D 229 -36.83 2.42 -42.04
N VAL D 230 -36.02 3.22 -41.36
CA VAL D 230 -34.94 2.71 -40.51
C VAL D 230 -35.13 3.23 -39.09
N ALA D 231 -34.98 2.32 -38.12
CA ALA D 231 -35.02 2.65 -36.71
C ALA D 231 -33.68 2.34 -36.07
N LEU D 232 -33.21 3.25 -35.21
CA LEU D 232 -32.01 3.02 -34.43
C LEU D 232 -32.39 3.02 -32.96
N VAL D 233 -32.06 1.94 -32.26
CA VAL D 233 -32.28 1.82 -30.83
C VAL D 233 -30.90 1.81 -30.18
N SER D 234 -30.60 2.83 -29.40
CA SER D 234 -29.31 2.95 -28.74
C SER D 234 -29.56 3.66 -27.41
N LEU D 235 -29.66 2.88 -26.34
CA LEU D 235 -29.88 3.42 -25.00
C LEU D 235 -28.52 3.58 -24.33
N GLY D 236 -27.88 4.71 -24.62
CA GLY D 236 -26.51 4.91 -24.19
C GLY D 236 -26.41 5.32 -22.75
N SER D 237 -26.24 4.36 -21.85
CA SER D 237 -26.01 4.69 -20.44
C SER D 237 -25.11 3.67 -19.79
N HIS D 238 -24.00 3.31 -20.43
CA HIS D 238 -23.02 2.41 -19.80
C HIS D 238 -23.68 1.15 -19.22
N LEU D 239 -24.59 1.32 -18.27
CA LEU D 239 -25.37 0.21 -17.71
C LEU D 239 -26.58 -0.04 -18.62
N THR D 240 -26.27 -0.39 -19.87
CA THR D 240 -27.27 -0.69 -20.89
C THR D 240 -27.77 -2.12 -20.72
N ASN D 241 -28.28 -2.40 -19.53
CA ASN D 241 -28.65 -3.73 -19.09
C ASN D 241 -30.15 -4.03 -19.08
N GLN D 242 -30.86 -3.78 -20.18
CA GLN D 242 -32.29 -4.12 -20.24
C GLN D 242 -32.48 -5.01 -21.47
N LEU D 243 -32.48 -6.31 -21.23
CA LEU D 243 -32.72 -7.35 -22.22
C LEU D 243 -34.21 -7.47 -22.54
N PRO D 244 -35.11 -7.38 -21.55
CA PRO D 244 -36.55 -7.44 -21.90
C PRO D 244 -36.99 -6.35 -22.85
N PHE D 245 -36.49 -5.12 -22.69
CA PHE D 245 -36.85 -4.07 -23.64
C PHE D 245 -36.32 -4.38 -25.03
N TYR D 246 -35.10 -4.90 -25.11
CA TYR D 246 -34.54 -5.27 -26.41
C TYR D 246 -35.39 -6.32 -27.09
N GLU D 247 -35.89 -7.29 -26.33
CA GLU D 247 -36.76 -8.31 -26.91
C GLU D 247 -38.06 -7.71 -27.43
N THR D 248 -38.61 -6.73 -26.71
CA THR D 248 -39.79 -6.03 -27.20
C THR D 248 -39.50 -5.34 -28.53
N CYS D 249 -38.31 -4.76 -28.68
CA CYS D 249 -37.97 -4.08 -29.92
C CYS D 249 -37.95 -5.04 -31.10
N VAL D 250 -37.30 -6.19 -30.96
CA VAL D 250 -37.32 -7.17 -32.05
C VAL D 250 -38.74 -7.68 -32.25
N GLU D 251 -39.46 -7.92 -31.15
CA GLU D 251 -40.85 -8.38 -31.26
C GLU D 251 -41.71 -7.35 -31.99
N VAL D 252 -41.43 -6.06 -31.78
CA VAL D 252 -42.21 -5.03 -32.47
C VAL D 252 -41.82 -4.94 -33.94
N PHE D 253 -40.52 -4.84 -34.22
CA PHE D 253 -40.10 -4.60 -35.60
C PHE D 253 -40.17 -5.86 -36.46
N ALA D 254 -40.08 -7.03 -35.86
CA ALA D 254 -40.66 -8.22 -36.48
C ALA D 254 -42.17 -8.18 -36.28
N ALA D 255 -42.91 -8.03 -37.39
CA ALA D 255 -44.33 -7.65 -37.48
C ALA D 255 -44.44 -6.20 -37.91
N LEU D 256 -43.29 -5.57 -38.10
CA LEU D 256 -43.21 -4.22 -38.66
C LEU D 256 -42.45 -4.30 -39.98
N PRO D 257 -42.91 -5.09 -40.96
CA PRO D 257 -42.16 -5.20 -42.21
C PRO D 257 -42.04 -3.83 -42.88
N ASP D 258 -41.06 -3.72 -43.76
CA ASP D 258 -40.63 -2.54 -44.49
C ASP D 258 -39.76 -1.67 -43.60
N TRP D 259 -39.69 -1.95 -42.29
CA TRP D 259 -38.82 -1.25 -41.35
C TRP D 259 -37.57 -2.10 -41.15
N HIS D 260 -36.43 -1.45 -40.95
CA HIS D 260 -35.19 -2.12 -40.58
C HIS D 260 -34.75 -1.62 -39.22
N LEU D 261 -34.56 -2.53 -38.28
CA LEU D 261 -34.19 -2.16 -36.92
C LEU D 261 -32.69 -2.38 -36.73
N VAL D 262 -32.00 -1.34 -36.28
CA VAL D 262 -30.60 -1.44 -35.88
C VAL D 262 -30.56 -1.33 -34.37
N LEU D 263 -30.28 -2.45 -33.71
CA LEU D 263 -30.35 -2.56 -32.27
C LEU D 263 -28.93 -2.58 -31.73
N GLN D 264 -28.53 -1.51 -31.04
CA GLN D 264 -27.21 -1.43 -30.43
C GLN D 264 -27.37 -1.77 -28.95
N ILE D 265 -26.78 -2.89 -28.54
CA ILE D 265 -26.98 -3.40 -27.20
C ILE D 265 -25.85 -3.08 -26.23
N GLY D 266 -24.66 -2.74 -26.73
CA GLY D 266 -23.55 -2.43 -25.87
C GLY D 266 -22.69 -3.65 -25.61
N ARG D 267 -21.57 -3.40 -24.93
CA ARG D 267 -20.63 -4.41 -24.46
C ARG D 267 -21.24 -5.37 -23.43
N HIS D 268 -22.30 -4.99 -22.72
CA HIS D 268 -22.74 -5.78 -21.58
C HIS D 268 -23.47 -7.06 -21.98
N VAL D 269 -23.94 -7.16 -23.23
CA VAL D 269 -24.77 -8.30 -23.63
C VAL D 269 -24.36 -8.76 -25.03
N ASP D 270 -25.21 -9.61 -25.62
CA ASP D 270 -25.16 -10.26 -26.92
C ASP D 270 -25.78 -11.63 -26.69
N ALA D 271 -26.37 -11.77 -25.50
CA ALA D 271 -27.04 -12.98 -25.04
C ALA D 271 -28.52 -13.01 -25.43
N GLY D 272 -29.03 -14.22 -25.61
CA GLY D 272 -30.42 -14.49 -25.90
C GLY D 272 -31.05 -13.78 -27.08
N GLU D 273 -30.51 -14.04 -28.26
CA GLU D 273 -31.15 -13.53 -29.48
C GLU D 273 -32.40 -14.36 -29.78
N LEU D 274 -32.95 -14.19 -30.98
CA LEU D 274 -33.96 -15.12 -31.48
C LEU D 274 -33.35 -15.87 -32.65
N GLY D 275 -34.00 -16.98 -33.03
CA GLY D 275 -33.61 -17.77 -34.18
C GLY D 275 -32.84 -17.08 -35.27
N GLU D 276 -31.60 -16.67 -34.95
CA GLU D 276 -30.66 -15.98 -35.83
C GLU D 276 -30.99 -14.49 -35.97
N LEU D 277 -32.27 -14.13 -35.72
CA LEU D 277 -32.91 -12.81 -35.74
C LEU D 277 -33.80 -12.71 -36.98
N PRO D 278 -34.82 -11.85 -36.96
CA PRO D 278 -35.58 -11.59 -38.19
C PRO D 278 -34.66 -11.02 -39.25
N PRO D 279 -34.98 -11.23 -40.53
CA PRO D 279 -34.23 -10.52 -41.58
C PRO D 279 -34.32 -9.01 -41.41
N ASN D 280 -35.30 -8.55 -40.62
CA ASN D 280 -35.50 -7.13 -40.35
C ASN D 280 -34.42 -6.55 -39.45
N VAL D 281 -33.99 -7.32 -38.45
CA VAL D 281 -33.20 -6.80 -37.32
C VAL D 281 -31.73 -7.15 -37.51
N GLU D 282 -30.86 -6.17 -37.23
CA GLU D 282 -29.42 -6.38 -37.18
C GLU D 282 -28.89 -5.85 -35.86
N VAL D 283 -28.05 -6.63 -35.19
CA VAL D 283 -27.57 -6.32 -33.85
C VAL D 283 -26.09 -6.00 -33.88
N HIS D 284 -25.69 -5.02 -33.08
CA HIS D 284 -24.29 -4.65 -32.90
C HIS D 284 -24.06 -4.41 -31.41
N ASN D 285 -22.81 -4.57 -30.98
CA ASN D 285 -22.46 -4.10 -29.65
C ASN D 285 -22.26 -2.59 -29.65
N TRP D 286 -21.83 -2.04 -30.78
CA TRP D 286 -21.66 -0.62 -30.96
C TRP D 286 -21.83 -0.28 -32.44
N VAL D 287 -22.42 0.88 -32.71
CA VAL D 287 -22.64 1.32 -34.09
C VAL D 287 -22.12 2.74 -34.23
N PRO D 288 -21.80 3.17 -35.45
CA PRO D 288 -21.50 4.58 -35.69
C PRO D 288 -22.77 5.41 -35.72
N GLN D 289 -23.13 6.01 -34.58
CA GLN D 289 -24.46 6.58 -34.41
C GLN D 289 -24.78 7.63 -35.46
N LEU D 290 -23.85 8.56 -35.69
CA LEU D 290 -24.11 9.62 -36.68
C LEU D 290 -24.30 9.04 -38.08
N ALA D 291 -23.61 7.95 -38.41
CA ALA D 291 -23.78 7.35 -39.74
C ALA D 291 -25.15 6.72 -39.89
N VAL D 292 -25.58 5.94 -38.89
CA VAL D 292 -26.91 5.33 -38.94
C VAL D 292 -28.00 6.40 -38.83
N LEU D 293 -27.78 7.40 -37.98
CA LEU D 293 -28.77 8.48 -37.82
C LEU D 293 -29.00 9.23 -39.11
N GLU D 294 -28.00 9.24 -40.01
CA GLU D 294 -28.17 9.89 -41.31
C GLU D 294 -29.29 9.23 -42.11
N GLN D 295 -29.53 7.94 -41.89
CA GLN D 295 -30.55 7.20 -42.61
C GLN D 295 -31.71 6.79 -41.73
N ALA D 296 -31.75 7.26 -40.49
CA ALA D 296 -32.76 6.84 -39.55
C ALA D 296 -34.04 7.63 -39.72
N ASP D 297 -35.16 6.96 -39.46
CA ASP D 297 -36.46 7.61 -39.41
C ASP D 297 -36.97 7.76 -37.99
N VAL D 298 -36.41 7.02 -37.03
CA VAL D 298 -36.74 7.18 -35.63
C VAL D 298 -35.52 6.75 -34.81
N PHE D 299 -35.40 7.31 -33.62
CA PHE D 299 -34.24 7.09 -32.76
C PHE D 299 -34.76 6.85 -31.35
N VAL D 300 -34.47 5.67 -30.79
CA VAL D 300 -34.89 5.33 -29.45
C VAL D 300 -33.70 5.48 -28.52
N THR D 301 -33.80 6.40 -27.56
CA THR D 301 -32.67 6.77 -26.72
C THR D 301 -33.16 6.94 -25.28
N HIS D 302 -32.19 6.88 -24.35
CA HIS D 302 -32.48 7.18 -22.95
C HIS D 302 -32.80 8.65 -22.73
N GLY D 303 -32.39 9.53 -23.64
CA GLY D 303 -32.55 10.95 -23.43
C GLY D 303 -31.35 11.66 -22.86
N GLY D 304 -30.16 11.06 -22.93
CA GLY D 304 -28.97 11.80 -22.58
C GLY D 304 -28.75 12.95 -23.56
N MET D 305 -28.06 13.99 -23.08
CA MET D 305 -27.91 15.20 -23.88
C MET D 305 -27.19 14.91 -25.19
N GLY D 306 -26.23 13.98 -25.18
CA GLY D 306 -25.50 13.65 -26.39
C GLY D 306 -26.39 13.05 -27.46
N GLY D 307 -27.22 12.08 -27.06
CA GLY D 307 -28.13 11.46 -28.02
C GLY D 307 -29.17 12.42 -28.55
N ILE D 308 -29.74 13.24 -27.67
CA ILE D 308 -30.80 14.15 -28.09
C ILE D 308 -30.26 15.16 -29.10
N GLN D 309 -29.07 15.71 -28.84
CA GLN D 309 -28.46 16.63 -29.78
C GLN D 309 -28.07 15.93 -31.08
N GLU D 310 -27.71 14.65 -31.01
CA GLU D 310 -27.43 13.90 -32.23
C GLU D 310 -28.71 13.68 -33.04
N GLY D 311 -29.83 13.43 -32.36
CA GLY D 311 -31.10 13.32 -33.05
C GLY D 311 -31.52 14.63 -33.69
N LEU D 312 -31.41 15.73 -32.92
CA LEU D 312 -31.76 17.05 -33.45
C LEU D 312 -30.88 17.43 -34.63
N PHE D 313 -29.57 17.18 -34.53
CA PHE D 313 -28.65 17.52 -35.61
C PHE D 313 -28.97 16.72 -36.86
N SER D 314 -29.37 15.46 -36.69
CA SER D 314 -29.69 14.59 -37.82
C SER D 314 -31.14 14.75 -38.29
N GLY D 315 -31.95 15.53 -37.58
CA GLY D 315 -33.35 15.67 -37.94
C GLY D 315 -34.12 14.38 -37.87
N VAL D 316 -33.92 13.63 -36.79
CA VAL D 316 -34.55 12.33 -36.59
C VAL D 316 -35.46 12.43 -35.37
N PRO D 317 -36.76 12.14 -35.49
CA PRO D 317 -37.62 12.15 -34.31
C PRO D 317 -37.23 11.03 -33.36
N MET D 318 -37.52 11.25 -32.08
CA MET D 318 -36.98 10.39 -31.04
C MET D 318 -38.06 9.83 -30.14
N VAL D 319 -37.90 8.58 -29.75
CA VAL D 319 -38.64 7.97 -28.66
C VAL D 319 -37.69 7.91 -27.46
N VAL D 320 -38.06 8.60 -26.38
CA VAL D 320 -37.15 8.82 -25.26
C VAL D 320 -37.59 7.96 -24.09
N ALA D 321 -36.63 7.25 -23.47
CA ALA D 321 -36.89 6.37 -22.33
C ALA D 321 -36.01 6.82 -21.17
N PRO D 322 -36.41 7.86 -20.44
CA PRO D 322 -35.56 8.42 -19.40
C PRO D 322 -35.41 7.50 -18.19
N GLN D 323 -34.23 7.58 -17.56
CA GLN D 323 -33.96 6.85 -16.33
C GLN D 323 -33.14 7.72 -15.37
N ALA D 324 -31.91 8.03 -15.78
CA ALA D 324 -30.95 8.73 -14.93
C ALA D 324 -31.33 10.20 -14.80
N ASN D 325 -30.54 10.92 -14.01
CA ASN D 325 -30.87 12.26 -13.56
C ASN D 325 -31.14 13.24 -14.70
N ASP D 326 -30.30 13.23 -15.73
CA ASP D 326 -30.42 14.22 -16.80
C ASP D 326 -31.67 14.01 -17.64
N GLN D 327 -32.06 12.76 -17.83
CA GLN D 327 -32.99 12.30 -18.86
C GLN D 327 -34.47 12.71 -18.74
N PRO D 328 -35.08 12.72 -17.55
CA PRO D 328 -36.52 13.04 -17.51
C PRO D 328 -36.83 14.44 -18.03
N ALA D 329 -36.07 15.44 -17.61
CA ALA D 329 -36.28 16.80 -18.14
C ALA D 329 -35.96 16.86 -19.63
N ASN D 330 -34.90 16.16 -20.07
CA ASN D 330 -34.57 16.14 -21.49
C ASN D 330 -35.70 15.51 -22.30
N ALA D 331 -36.33 14.46 -21.76
CA ALA D 331 -37.44 13.84 -22.46
C ALA D 331 -38.61 14.81 -22.61
N GLU D 332 -38.94 15.54 -21.54
CA GLU D 332 -40.04 16.50 -21.61
C GLU D 332 -39.71 17.62 -22.60
N SER D 333 -38.45 18.05 -22.66
CA SER D 333 -38.09 19.12 -23.58
C SER D 333 -38.39 18.74 -25.02
N VAL D 334 -37.89 17.59 -25.48
CA VAL D 334 -38.12 17.19 -26.85
C VAL D 334 -39.58 16.87 -27.09
N VAL D 335 -40.29 16.34 -26.08
CA VAL D 335 -41.73 16.16 -26.23
C VAL D 335 -42.42 17.52 -26.36
N GLY D 336 -42.03 18.49 -25.52
CA GLY D 336 -42.59 19.82 -25.62
C GLY D 336 -42.30 20.49 -26.95
N LEU D 337 -41.19 20.12 -27.59
CA LEU D 337 -40.85 20.63 -28.91
C LEU D 337 -41.65 19.95 -30.01
N GLY D 338 -42.42 18.92 -29.69
CA GLY D 338 -43.21 18.23 -30.69
C GLY D 338 -42.44 17.35 -31.63
N ILE D 339 -41.33 16.77 -31.16
CA ILE D 339 -40.49 15.93 -32.02
C ILE D 339 -40.23 14.60 -31.35
N ALA D 340 -40.95 14.29 -30.28
CA ALA D 340 -40.61 13.11 -29.50
C ALA D 340 -41.82 12.57 -28.77
N ARG D 341 -41.70 11.31 -28.35
CA ARG D 341 -42.66 10.60 -27.53
C ARG D 341 -41.90 10.02 -26.35
N ARG D 342 -42.48 10.11 -25.15
CA ARG D 342 -41.85 9.56 -23.95
C ARG D 342 -42.46 8.21 -23.62
N ILE D 343 -41.61 7.25 -23.26
CA ILE D 343 -42.04 5.92 -22.89
C ILE D 343 -41.36 5.54 -21.58
N ASP D 344 -41.93 4.56 -20.91
CA ASP D 344 -41.36 3.97 -19.70
C ASP D 344 -40.89 2.57 -20.05
N ILE D 345 -39.59 2.32 -19.89
CA ILE D 345 -39.03 1.02 -20.27
C ILE D 345 -39.67 -0.10 -19.48
N ALA D 346 -40.01 0.17 -18.21
CA ALA D 346 -40.62 -0.86 -17.37
C ALA D 346 -42.00 -1.24 -17.87
N THR D 347 -42.82 -0.25 -18.21
CA THR D 347 -44.22 -0.47 -18.50
C THR D 347 -44.57 -0.41 -19.98
N VAL D 348 -43.61 -0.18 -20.87
CA VAL D 348 -43.94 -0.03 -22.28
C VAL D 348 -44.38 -1.37 -22.85
N THR D 349 -45.45 -1.34 -23.61
CA THR D 349 -45.99 -2.52 -24.28
C THR D 349 -45.58 -2.52 -25.74
N PRO D 350 -45.54 -3.69 -26.38
CA PRO D 350 -45.22 -3.73 -27.82
C PRO D 350 -46.15 -2.84 -28.64
N ASP D 351 -47.43 -2.80 -28.29
CA ASP D 351 -48.37 -1.97 -29.04
C ASP D 351 -48.05 -0.48 -28.89
N ARG D 352 -47.77 -0.03 -27.66
CA ARG D 352 -47.44 1.39 -27.49
C ARG D 352 -46.13 1.75 -28.17
N LEU D 353 -45.10 0.91 -28.01
CA LEU D 353 -43.84 1.16 -28.71
C LEU D 353 -44.05 1.21 -30.21
N ARG D 354 -44.92 0.35 -30.75
CA ARG D 354 -45.19 0.36 -32.18
C ARG D 354 -45.88 1.65 -32.58
N ALA D 355 -46.83 2.12 -31.77
CA ALA D 355 -47.56 3.35 -32.09
C ALA D 355 -46.64 4.56 -32.08
N ALA D 356 -45.81 4.69 -31.04
CA ALA D 356 -44.88 5.82 -30.97
C ALA D 356 -43.92 5.83 -32.15
N VAL D 357 -43.41 4.67 -32.55
CA VAL D 357 -42.49 4.60 -33.68
C VAL D 357 -43.19 4.99 -34.97
N VAL D 358 -44.35 4.40 -35.24
CA VAL D 358 -45.03 4.60 -36.51
C VAL D 358 -45.61 6.02 -36.61
N GLU D 359 -46.18 6.52 -35.52
CA GLU D 359 -46.77 7.86 -35.55
C GLU D 359 -45.71 8.92 -35.78
N LEU D 360 -44.59 8.81 -35.05
CA LEU D 360 -43.52 9.79 -35.15
C LEU D 360 -42.93 9.84 -36.56
N ALA D 361 -42.72 8.67 -37.17
CA ALA D 361 -42.04 8.63 -38.46
C ALA D 361 -42.92 9.12 -39.61
N SER D 362 -44.24 9.03 -39.47
CA SER D 362 -45.12 9.38 -40.57
C SER D 362 -45.66 10.81 -40.49
N ASP D 363 -45.50 11.48 -39.36
CA ASP D 363 -46.08 12.80 -39.15
C ASP D 363 -45.30 13.86 -39.93
N PRO D 364 -45.91 14.50 -40.94
CA PRO D 364 -45.15 15.52 -41.70
C PRO D 364 -44.87 16.78 -40.90
N ALA D 365 -45.73 17.12 -39.92
CA ALA D 365 -45.46 18.27 -39.08
C ALA D 365 -44.23 18.04 -38.20
N VAL D 366 -44.00 16.80 -37.77
CA VAL D 366 -42.82 16.50 -36.98
C VAL D 366 -41.57 16.78 -37.79
N ALA D 367 -41.55 16.39 -39.06
CA ALA D 367 -40.40 16.64 -39.91
C ALA D 367 -40.14 18.13 -40.07
N GLU D 368 -41.20 18.94 -40.20
CA GLU D 368 -41.00 20.37 -40.34
C GLU D 368 -40.41 20.96 -39.07
N ARG D 369 -40.89 20.51 -37.90
CA ARG D 369 -40.35 21.02 -36.65
C ARG D 369 -38.87 20.68 -36.48
N LEU D 370 -38.44 19.49 -36.92
CA LEU D 370 -37.01 19.17 -36.88
C LEU D 370 -36.20 20.12 -37.75
N SER D 371 -36.70 20.43 -38.95
CA SER D 371 -35.97 21.36 -39.82
C SER D 371 -35.81 22.72 -39.16
N GLY D 372 -36.87 23.19 -38.50
CA GLY D 372 -36.76 24.45 -37.79
C GLY D 372 -35.76 24.38 -36.66
N LEU D 373 -35.76 23.29 -35.90
CA LEU D 373 -34.83 23.14 -34.79
C LEU D 373 -33.38 23.03 -35.25
N ARG D 374 -33.13 22.48 -36.43
CA ARG D 374 -31.77 22.43 -36.96
C ARG D 374 -31.20 23.84 -37.17
N ARG D 375 -32.01 24.74 -37.71
CA ARG D 375 -31.56 26.12 -37.92
C ARG D 375 -31.35 26.83 -36.59
N GLU D 376 -32.30 26.65 -35.65
CA GLU D 376 -32.20 27.27 -34.34
C GLU D 376 -30.98 26.76 -33.58
N LEU D 377 -30.66 25.48 -33.75
CA LEU D 377 -29.56 24.87 -33.02
C LEU D 377 -28.23 25.54 -33.36
N ARG D 378 -27.93 25.68 -34.65
CA ARG D 378 -26.64 26.24 -35.06
C ARG D 378 -26.51 27.72 -34.69
N ALA D 379 -27.63 28.43 -34.55
CA ALA D 379 -27.61 29.88 -34.36
C ALA D 379 -27.10 30.31 -33.00
N HIS D 380 -26.77 29.39 -32.10
CA HIS D 380 -26.29 29.77 -30.78
C HIS D 380 -24.81 30.14 -30.77
N GLY D 381 -24.09 29.93 -31.87
CA GLY D 381 -22.73 30.39 -31.98
C GLY D 381 -21.70 29.28 -32.03
N GLY D 382 -21.94 28.21 -31.29
CA GLY D 382 -21.11 27.03 -31.38
C GLY D 382 -19.64 27.28 -31.05
N THR D 383 -18.79 26.53 -31.75
CA THR D 383 -17.36 26.49 -31.44
C THR D 383 -16.73 27.88 -31.54
N MET D 384 -17.03 28.61 -32.62
CA MET D 384 -16.37 29.89 -32.84
C MET D 384 -16.78 30.91 -31.78
N ARG D 385 -18.05 30.93 -31.40
CA ARG D 385 -18.47 31.87 -30.35
C ARG D 385 -17.86 31.49 -29.01
N ALA D 386 -17.79 30.19 -28.69
CA ALA D 386 -17.18 29.76 -27.45
C ALA D 386 -15.70 30.13 -27.39
N ALA D 387 -14.97 29.92 -28.49
CA ALA D 387 -13.56 30.26 -28.50
C ALA D 387 -13.35 31.76 -28.33
N ASP D 388 -14.19 32.59 -28.98
CA ASP D 388 -14.07 34.03 -28.83
C ASP D 388 -14.31 34.48 -27.39
N LEU D 389 -15.30 33.88 -26.72
CA LEU D 389 -15.59 34.25 -25.34
C LEU D 389 -14.45 33.84 -24.41
N ILE D 390 -13.83 32.69 -24.66
CA ILE D 390 -12.70 32.27 -23.85
C ILE D 390 -11.53 33.21 -24.06
N GLU D 391 -11.29 33.62 -25.30
CA GLU D 391 -10.19 34.54 -25.60
C GLU D 391 -10.40 35.89 -24.92
N ARG D 392 -11.65 36.26 -24.62
CA ARG D 392 -11.92 37.47 -23.84
C ARG D 392 -11.37 37.35 -22.43
N GLN D 393 -11.25 36.14 -21.90
CA GLN D 393 -10.69 35.94 -20.58
C GLN D 393 -9.17 35.91 -20.58
N LEU D 394 -8.55 35.88 -21.75
CA LEU D 394 -7.11 35.99 -21.70
C LEU D 394 -6.77 37.46 -21.48
N PRO D 395 -5.69 37.75 -20.75
CA PRO D 395 -5.41 39.16 -20.43
C PRO D 395 -5.00 40.04 -21.62
N VAL E 3 1.42 -14.55 7.98
CA VAL E 3 1.82 -14.33 9.36
C VAL E 3 3.13 -13.59 9.02
N VAL E 5 6.50 -13.74 8.02
CA VAL E 5 7.54 -14.78 7.94
C VAL E 5 8.91 -14.27 8.41
N GLY E 6 9.24 -12.82 8.43
CA GLY E 6 10.57 -12.38 8.88
C GLY E 6 11.74 -12.79 7.94
N GLY E 7 11.87 -14.20 7.53
CA GLY E 7 12.95 -14.60 6.61
C GLY E 7 12.49 -14.54 5.13
N VAL F 3 -7.37 -16.75 -36.59
CA VAL F 3 -6.36 -17.66 -37.14
C VAL F 3 -5.51 -16.57 -37.82
N VAL F 5 -5.65 -14.06 -40.15
CA VAL F 5 -6.49 -13.68 -41.29
C VAL F 5 -5.61 -13.15 -42.43
N GLY F 6 -4.27 -12.55 -42.12
CA GLY F 6 -3.41 -12.05 -43.21
C GLY F 6 -4.00 -10.80 -43.93
N GLY F 7 -5.38 -10.84 -44.45
CA GLY F 7 -5.97 -9.67 -45.10
C GLY F 7 -6.74 -8.75 -44.11
N VAL G 3 20.70 -15.03 41.10
CA VAL G 3 20.29 -14.62 39.75
C VAL G 3 18.81 -14.34 40.07
N VAL G 5 15.81 -15.68 40.69
CA VAL G 5 15.23 -17.01 40.56
C VAL G 5 13.77 -16.94 40.11
N GLY G 6 12.95 -15.71 40.34
CA GLY G 6 11.54 -15.70 39.90
C GLY G 6 10.65 -16.68 40.69
N GLY G 7 11.08 -18.09 40.81
CA GLY G 7 10.27 -19.04 41.59
C GLY G 7 10.74 -19.11 43.07
N VAL H 3 -30.75 12.12 -9.32
CA VAL H 3 -31.70 13.07 -9.89
C VAL H 3 -30.78 14.32 -9.87
N VAL H 5 -29.54 16.86 -7.94
CA VAL H 5 -29.83 17.42 -6.62
C VAL H 5 -29.66 18.95 -6.70
N GLY H 6 -28.78 19.55 -7.73
CA GLY H 6 -28.61 21.02 -7.80
C GLY H 6 -27.90 21.59 -6.52
N GLY H 7 -28.42 21.23 -5.19
CA GLY H 7 -27.74 21.74 -3.98
C GLY H 7 -26.67 20.72 -3.49
#